data_8Y53
#
_entry.id   8Y53
#
_cell.length_a   1.00
_cell.length_b   1.00
_cell.length_c   1.00
_cell.angle_alpha   90.00
_cell.angle_beta   90.00
_cell.angle_gamma   90.00
#
_symmetry.space_group_name_H-M   'P 1'
#
loop_
_entity.id
_entity.type
_entity.pdbx_description
1 polymer 'Guanine nucleotide-binding protein G(q) subunit alpha'
2 polymer 'Guanine nucleotide-binding protein G(I)/G(S)/G(T) subunit beta-1'
3 polymer scFv16
4 polymer 'Guanine nucleotide-binding protein G(I)/G(S)/G(O) subunit gamma-2'
5 polymer 'nanobody Nb35'
6 polymer 'Bombesin receptor subtype-3'
7 non-polymer (2~{S})-1,1,1-tris(fluoranyl)-2-(4-pyrazol-1-ylphenyl)-3-[5-[[1-(trifluoromethyl)cyclopropyl]methyl]-1~{H}-imidazol-2-yl]propan-2-ol
#
loop_
_entity_poly.entity_id
_entity_poly.type
_entity_poly.pdbx_seq_one_letter_code
_entity_poly.pdbx_strand_id
1 'polypeptide(L)'
;MGCTLSAEDKAAVERSKMIEKQLQKDKQVYRRTLRLLLLGADNSGKSTIVKQMRIYHVNGYSEEECKQYKAVVYSNTIQS
IIAIIRAMGRLKIDFGDSARADDARQLFVLAGAAEEGFMTAELAGVIKRLWKDSGVQACFNRSREYQLNDSAAYYLNDLD
RIAQPNYIPTQQDVLRTRVKTSGIFETKFQVDKVNFHMFDVGAQRDERRKWIQCFNDVTAIIFVVDSSDYNRLQEALNDF
KSIWNNRWLRTISVILFLNKQDLLAEKVLAGKSKIEDYFPEFARYTTPEDATPEPGEDPRVTRAKYFIRKEFVDISTASG
DGRHICYPHFTCSVDTENARRIFNDCKDIILQMNLREYNLV
;
A
2 'polypeptide(L)'
;MGSLLQSELDQLRQEAEQLKNQIRDARKACADATLSQITNNIDPVGRIQMRTRRTLRGHLAKIYAMHWGTDSRLLVSASQ
DGKLIIWDSYTTNKVHAIPLRSSWVMTCAYAPSGNYVACGGLDNICSIYNLKTREGNVRVSRELAGHTGYLSCCRFLDDN
QIVTSSGDTTCALWDIETGQQTTTFTGHTGDVMSLSLAPDTRLFVSGACDASAKLWDVREGMCRQTFTGHESDINAICFF
PNGNAFATGSDDATCRLFDLRADQELMTYSHDNIICGITSVSFSKSGRLLLAGYDDFNCNVWDALKADRAGVLAGHDNRV
SCLGVTDDGMAVATGSWDSFLKIWN
;
B
3 'polypeptide(L)'
;VQLVESGGGLVQPGGSRKLSCSASGFAFSSFGMHWVRQAPEKGLEWVAYISSGSGTIYYADTVKGRFTISRDDPKNTLFL
QMTSLRSEDTAMYYCVRSIYYYGSSPFDFWGQGTTLTVSAGGGGSGGGGSGGGGSADIVMTQATSSVPVTPGESVSISCR
SSKSLLHSNGNTYLYWFLQRPGQSPQLLIYRMSNLASGVPDRFSGSGSGTAFTLTISRLEAEDVGVYYCMQHLEYPLTFG
AGTKLEL
;
E
4 'polypeptide(L)' MASNNTASIAQARKLVEQLKMEANIDRIKVSKAAADLMAYCEAHAKEDPLLTPVPASENPFREKKFFCAIL G
5 'polypeptide(L)'
;MKYLLPTAAAGLLLLAAQPAMAQVQLQESGGGLVQPGGSLRLSCAASGFTFSNYKMNWVRQAPGKGLEWVSDISQSGASI
SYTGSVKGRFTISRDNAKNTLYLQMNSLKPEDTAVYYCARCPAPFTRDCFDVTSTTYAYRGQGTQVTVSS
;
N
6 'polypeptide(L)'
;MAQRQPHSPNQTLISITNDTESSSSVVSNDNTNKGWSGDNSPGIEALCAIYITYAVIISVGILGNAILIKVFFKTKSMQT
VPNIFITSLAFGDLLLLLTCVPVDATHYLAEGWLFGRIGCKVLSFIRLTSVGVSVFTLTILSADRYKAVVKPLERQPSNA
ILKTCVKAGCVWIVSMIFALPEAIFSNVYTFRDPNKNMTFESCTSYPVSKKLLQEIHSLLCFLVFYIIPLSIISVYYSLI
ARTLYKSTLNIPTEEQSHARKQIESRKRIARTVLVLVALFALCWLPNHLLYLYHSFTSQTYVDPSAMHFIFTIFSRVLAF
SNSCVNPFALYWLSKSFQKHFKAQLFCCKAERPEPPVADTS
;
R
#
loop_
_chem_comp.id
_chem_comp.type
_chem_comp.name
_chem_comp.formula
A1D54 non-polymer (2~{S})-1,1,1-tris(fluoranyl)-2-(4-pyrazol-1-ylphenyl)-3-[5-[[1-(trifluoromethyl)cyclopropyl]methyl]-1~{H}-imidazol-2-yl]propan-2-ol 'C20 H18 F6 N4 O'
#
# COMPACT_ATOMS: atom_id res chain seq x y z
N LEU A 5 -14.80 17.84 -24.63
CA LEU A 5 -14.69 16.38 -24.33
C LEU A 5 -15.97 15.66 -24.74
N SER A 6 -15.82 14.41 -25.19
CA SER A 6 -16.97 13.63 -25.63
C SER A 6 -17.87 13.30 -24.45
N ALA A 7 -19.13 12.97 -24.75
CA ALA A 7 -20.08 12.65 -23.70
C ALA A 7 -19.71 11.35 -22.99
N GLU A 8 -19.29 10.34 -23.75
CA GLU A 8 -18.90 9.07 -23.15
C GLU A 8 -17.71 9.26 -22.21
N ASP A 9 -16.71 10.02 -22.62
CA ASP A 9 -15.56 10.27 -21.77
C ASP A 9 -15.96 11.07 -20.53
N LYS A 10 -16.87 12.04 -20.66
CA LYS A 10 -17.32 12.80 -19.51
C LYS A 10 -18.03 11.91 -18.51
N ALA A 11 -18.90 11.01 -19.00
CA ALA A 11 -19.59 10.09 -18.11
C ALA A 11 -18.63 9.10 -17.47
N ALA A 12 -17.61 8.66 -18.20
CA ALA A 12 -16.60 7.80 -17.61
C ALA A 12 -15.85 8.52 -16.50
N VAL A 13 -15.50 9.79 -16.71
CA VAL A 13 -14.83 10.57 -15.67
C VAL A 13 -15.75 10.75 -14.47
N GLU A 14 -17.04 10.92 -14.73
CA GLU A 14 -18.00 11.06 -13.63
C GLU A 14 -18.06 9.77 -12.80
N ARG A 15 -18.11 8.62 -13.47
CA ARG A 15 -18.12 7.35 -12.76
C ARG A 15 -16.82 7.15 -12.00
N SER A 16 -15.69 7.59 -12.57
CA SER A 16 -14.42 7.50 -11.87
C SER A 16 -14.43 8.36 -10.61
N LYS A 17 -15.02 9.55 -10.70
CA LYS A 17 -15.13 10.41 -9.52
C LYS A 17 -16.02 9.76 -8.46
N MET A 18 -17.11 9.12 -8.89
CA MET A 18 -17.97 8.41 -7.96
C MET A 18 -17.22 7.28 -7.26
N ILE A 19 -16.42 6.53 -8.01
CA ILE A 19 -15.63 5.46 -7.43
C ILE A 19 -14.60 6.02 -6.45
N GLU A 20 -14.01 7.17 -6.80
CA GLU A 20 -13.06 7.82 -5.89
C GLU A 20 -13.75 8.23 -4.60
N LYS A 21 -14.98 8.76 -4.70
CA LYS A 21 -15.72 9.12 -3.50
C LYS A 21 -16.01 7.89 -2.65
N GLN A 22 -16.38 6.78 -3.29
CA GLN A 22 -16.63 5.54 -2.55
C GLN A 22 -15.35 5.06 -1.85
N LEU A 23 -14.22 5.14 -2.54
CA LEU A 23 -12.96 4.72 -1.93
C LEU A 23 -12.59 5.62 -0.76
N GLN A 24 -12.77 6.93 -0.91
CA GLN A 24 -12.50 7.85 0.19
C GLN A 24 -13.43 7.58 1.38
N LYS A 25 -14.69 7.21 1.11
CA LYS A 25 -15.60 6.89 2.20
C LYS A 25 -15.17 5.63 2.92
N ASP A 26 -14.79 4.59 2.16
CA ASP A 26 -14.33 3.35 2.79
C ASP A 26 -13.01 3.56 3.52
N LYS A 27 -12.23 4.56 3.11
CA LYS A 27 -10.95 4.83 3.76
C LYS A 27 -11.14 5.19 5.23
N GLN A 28 -12.23 5.91 5.54
CA GLN A 28 -12.51 6.27 6.93
C GLN A 28 -12.74 5.03 7.77
N VAL A 29 -13.60 4.12 7.30
CA VAL A 29 -13.86 2.89 8.04
C VAL A 29 -12.60 2.04 8.14
N TYR A 30 -11.75 2.08 7.11
CA TYR A 30 -10.52 1.29 7.13
C TYR A 30 -9.56 1.82 8.20
N ARG A 31 -9.27 3.13 8.17
CA ARG A 31 -8.34 3.71 9.12
C ARG A 31 -8.91 3.78 10.53
N ARG A 32 -10.24 3.69 10.68
CA ARG A 32 -10.84 3.75 12.01
C ARG A 32 -10.72 2.42 12.75
N THR A 33 -10.75 1.31 12.04
CA THR A 33 -10.64 -0.01 12.65
C THR A 33 -9.18 -0.42 12.75
N LEU A 34 -8.82 -0.98 13.91
CA LEU A 34 -7.46 -1.44 14.17
C LEU A 34 -7.36 -2.93 13.86
N ARG A 35 -6.31 -3.32 13.14
CA ARG A 35 -6.08 -4.70 12.75
C ARG A 35 -5.03 -5.31 13.68
N LEU A 36 -5.30 -6.54 14.12
CA LEU A 36 -4.42 -7.25 15.05
C LEU A 36 -4.11 -8.64 14.51
N LEU A 37 -2.88 -9.08 14.70
CA LEU A 37 -2.44 -10.40 14.28
C LEU A 37 -2.27 -11.28 15.51
N LEU A 38 -2.87 -12.47 15.48
CA LEU A 38 -2.78 -13.44 16.56
C LEU A 38 -1.86 -14.57 16.15
N LEU A 39 -0.77 -14.75 16.89
CA LEU A 39 0.21 -15.79 16.64
C LEU A 39 0.37 -16.67 17.88
N GLY A 40 0.77 -17.91 17.65
CA GLY A 40 0.96 -18.86 18.73
C GLY A 40 1.01 -20.29 18.25
N ALA A 41 1.77 -21.13 18.94
CA ALA A 41 1.88 -22.53 18.57
C ALA A 41 0.57 -23.27 18.85
N ASP A 42 0.49 -24.49 18.32
CA ASP A 42 -0.71 -25.31 18.54
C ASP A 42 -0.95 -25.55 20.03
N ASN A 43 0.12 -25.69 20.81
CA ASN A 43 -0.01 -25.95 22.24
C ASN A 43 -0.54 -24.74 23.00
N SER A 44 -0.37 -23.53 22.47
CA SER A 44 -0.83 -22.34 23.16
C SER A 44 -2.35 -22.31 23.19
N GLY A 45 -2.90 -21.67 24.23
CA GLY A 45 -4.33 -21.58 24.40
C GLY A 45 -4.95 -20.38 23.70
N LYS A 46 -4.40 -20.01 22.54
CA LYS A 46 -4.93 -18.87 21.80
C LYS A 46 -6.40 -19.08 21.46
N SER A 47 -6.79 -20.32 21.17
CA SER A 47 -8.17 -20.61 20.83
C SER A 47 -9.10 -20.24 21.98
N THR A 48 -8.72 -20.58 23.21
CA THR A 48 -9.54 -20.24 24.37
C THR A 48 -9.62 -18.73 24.56
N ILE A 49 -8.51 -18.03 24.34
CA ILE A 49 -8.51 -16.58 24.47
C ILE A 49 -9.46 -15.96 23.45
N VAL A 50 -9.45 -16.46 22.22
CA VAL A 50 -10.34 -15.95 21.18
C VAL A 50 -11.79 -16.23 21.57
N LYS A 51 -12.08 -17.46 22.00
CA LYS A 51 -13.44 -17.82 22.36
C LYS A 51 -13.94 -16.97 23.53
N GLN A 52 -13.06 -16.60 24.45
CA GLN A 52 -13.48 -15.86 25.63
C GLN A 52 -13.88 -14.42 25.28
N MET A 53 -13.24 -13.83 24.27
CA MET A 53 -13.54 -12.45 23.90
C MET A 53 -14.84 -12.37 23.12
N ARG A 54 -15.97 -12.39 23.83
CA ARG A 54 -17.30 -12.27 23.23
C ARG A 54 -17.92 -10.92 23.52
N ILE A 55 -17.11 -9.87 23.59
CA ILE A 55 -17.60 -8.53 23.89
C ILE A 55 -18.54 -8.07 22.77
N THR A 181 -11.03 -25.47 5.68
CA THR A 181 -9.61 -25.18 5.49
C THR A 181 -9.37 -23.69 5.35
N SER A 182 -10.11 -22.89 6.13
CA SER A 182 -9.97 -21.45 6.08
C SER A 182 -8.60 -21.02 6.60
N GLY A 183 -7.74 -20.57 5.69
CA GLY A 183 -6.40 -20.14 6.08
C GLY A 183 -6.37 -18.87 6.91
N ILE A 184 -7.47 -18.13 6.99
CA ILE A 184 -7.54 -16.89 7.75
C ILE A 184 -8.84 -16.90 8.55
N PHE A 185 -8.78 -16.35 9.77
CA PHE A 185 -9.92 -16.29 10.67
C PHE A 185 -10.03 -14.87 11.21
N GLU A 186 -11.08 -14.16 10.81
CA GLU A 186 -11.30 -12.77 11.20
C GLU A 186 -12.27 -12.71 12.36
N THR A 187 -11.99 -11.85 13.33
CA THR A 187 -12.82 -11.69 14.52
C THR A 187 -12.93 -10.20 14.82
N LYS A 188 -14.14 -9.65 14.67
CA LYS A 188 -14.42 -8.24 14.93
C LYS A 188 -15.12 -8.10 16.27
N PHE A 189 -14.51 -7.34 17.18
CA PHE A 189 -15.09 -7.09 18.49
C PHE A 189 -14.87 -5.64 18.86
N GLN A 190 -15.90 -5.00 19.40
CA GLN A 190 -15.88 -3.59 19.76
C GLN A 190 -15.63 -3.47 21.26
N VAL A 191 -14.68 -2.60 21.62
CA VAL A 191 -14.31 -2.37 23.02
C VAL A 191 -14.06 -0.87 23.19
N ASP A 192 -14.88 -0.21 24.01
CA ASP A 192 -14.74 1.21 24.29
C ASP A 192 -15.01 2.04 23.03
N LYS A 193 -16.08 1.68 22.33
CA LYS A 193 -16.58 2.40 21.15
C LYS A 193 -15.60 2.37 19.98
N VAL A 194 -14.62 1.45 20.00
CA VAL A 194 -13.67 1.30 18.90
C VAL A 194 -13.60 -0.18 18.53
N ASN A 195 -13.59 -0.46 17.24
CA ASN A 195 -13.62 -1.83 16.74
C ASN A 195 -12.20 -2.34 16.54
N PHE A 196 -11.98 -3.60 16.91
CA PHE A 196 -10.70 -4.27 16.74
C PHE A 196 -10.88 -5.48 15.82
N HIS A 197 -10.01 -5.59 14.83
CA HIS A 197 -10.05 -6.70 13.87
C HIS A 197 -8.87 -7.62 14.17
N MET A 198 -9.16 -8.78 14.74
CA MET A 198 -8.14 -9.76 15.10
C MET A 198 -8.12 -10.86 14.06
N PHE A 199 -6.97 -11.04 13.41
CA PHE A 199 -6.78 -12.06 12.38
C PHE A 199 -5.84 -13.13 12.89
N ASP A 200 -6.24 -14.39 12.76
CA ASP A 200 -5.47 -15.53 13.22
C ASP A 200 -5.25 -16.50 12.07
N VAL A 201 -4.02 -16.96 11.90
CA VAL A 201 -3.65 -17.91 10.85
C VAL A 201 -3.16 -19.18 11.53
N GLY A 202 -3.96 -20.24 11.46
CA GLY A 202 -3.59 -21.50 12.07
C GLY A 202 -3.89 -22.71 11.19
N ALA A 203 -4.36 -22.46 9.98
CA ALA A 203 -4.71 -23.53 9.03
C ALA A 203 -3.79 -23.51 7.81
N GLN A 204 -2.50 -23.25 8.02
CA GLN A 204 -1.52 -23.20 6.94
C GLN A 204 -0.31 -24.02 7.34
N ARG A 205 0.64 -24.14 6.39
CA ARG A 205 1.86 -24.90 6.61
C ARG A 205 2.64 -24.35 7.80
N ASP A 206 3.58 -25.13 8.32
CA ASP A 206 4.34 -24.71 9.48
C ASP A 206 5.18 -23.46 9.19
N GLU A 207 5.77 -23.38 8.00
CA GLU A 207 6.60 -22.24 7.67
C GLU A 207 5.74 -20.99 7.52
N ARG A 208 6.22 -19.87 8.07
CA ARG A 208 5.48 -18.62 8.05
C ARG A 208 6.30 -17.39 7.66
N ARG A 209 7.56 -17.56 7.24
CA ARG A 209 8.38 -16.41 6.92
C ARG A 209 7.84 -15.61 5.75
N LYS A 210 6.89 -16.15 4.99
CA LYS A 210 6.33 -15.48 3.82
C LYS A 210 5.05 -14.72 4.14
N TRP A 211 4.00 -15.44 4.57
CA TRP A 211 2.72 -14.78 4.81
C TRP A 211 2.76 -13.87 6.04
N ILE A 212 3.80 -13.99 6.87
CA ILE A 212 3.95 -13.07 8.00
C ILE A 212 4.22 -11.66 7.50
N GLN A 213 4.83 -11.53 6.32
CA GLN A 213 5.15 -10.22 5.77
C GLN A 213 3.90 -9.41 5.44
N CYS A 214 2.78 -10.08 5.16
CA CYS A 214 1.56 -9.37 4.80
C CYS A 214 0.99 -8.57 5.97
N PHE A 215 1.34 -8.93 7.20
CA PHE A 215 0.79 -8.30 8.38
C PHE A 215 1.66 -7.18 8.91
N ASN A 216 2.38 -6.48 8.02
CA ASN A 216 3.13 -5.30 8.43
C ASN A 216 2.21 -4.09 8.49
N ASP A 217 2.69 -3.03 9.15
CA ASP A 217 1.91 -1.80 9.34
C ASP A 217 0.64 -2.07 10.13
N VAL A 218 0.61 -3.18 10.87
CA VAL A 218 -0.56 -3.51 11.69
C VAL A 218 -0.46 -2.81 13.04
N THR A 219 -1.58 -2.76 13.75
CA THR A 219 -1.62 -2.08 15.03
C THR A 219 -0.74 -2.80 16.05
N ALA A 220 -0.96 -4.10 16.25
CA ALA A 220 -0.21 -4.86 17.23
C ALA A 220 -0.34 -6.35 16.91
N ILE A 221 0.65 -7.12 17.38
CA ILE A 221 0.67 -8.57 17.23
C ILE A 221 0.44 -9.21 18.58
N ILE A 222 -0.50 -10.14 18.65
CA ILE A 222 -0.83 -10.84 19.88
C ILE A 222 -0.17 -12.21 19.84
N PHE A 223 0.79 -12.41 20.74
CA PHE A 223 1.52 -13.67 20.84
C PHE A 223 1.12 -14.38 22.13
N VAL A 224 0.60 -15.58 22.01
CA VAL A 224 0.17 -16.39 23.15
C VAL A 224 1.18 -17.52 23.34
N VAL A 225 1.63 -17.70 24.58
CA VAL A 225 2.62 -18.72 24.92
C VAL A 225 2.12 -19.49 26.13
N ASP A 226 2.37 -20.80 26.12
CA ASP A 226 1.99 -21.67 27.24
C ASP A 226 3.11 -21.63 28.28
N SER A 227 2.89 -20.88 29.36
CA SER A 227 3.91 -20.77 30.40
C SER A 227 3.96 -21.97 31.31
N SER A 228 2.95 -22.85 31.25
CA SER A 228 2.91 -24.04 32.10
C SER A 228 3.75 -25.18 31.54
N ASP A 229 3.64 -25.45 30.25
CA ASP A 229 4.38 -26.53 29.62
C ASP A 229 5.82 -26.09 29.43
N TYR A 230 6.71 -26.55 30.32
CA TYR A 230 8.12 -26.18 30.22
C TYR A 230 8.78 -26.77 28.99
N ASN A 231 8.29 -27.91 28.49
CA ASN A 231 8.89 -28.52 27.31
C ASN A 231 8.79 -27.59 26.10
N ARG A 232 7.56 -27.24 25.70
CA ARG A 232 7.36 -26.37 24.56
C ARG A 232 7.72 -24.91 24.86
N LEU A 233 8.07 -24.58 26.10
CA LEU A 233 8.43 -23.21 26.44
C LEU A 233 9.61 -22.73 25.61
N GLN A 234 10.62 -23.59 25.44
CA GLN A 234 11.79 -23.20 24.65
C GLN A 234 11.40 -22.90 23.22
N GLU A 235 10.53 -23.73 22.63
CA GLU A 235 10.10 -23.49 21.25
C GLU A 235 9.33 -22.19 21.15
N ALA A 236 8.50 -21.88 22.14
CA ALA A 236 7.76 -20.62 22.13
C ALA A 236 8.71 -19.43 22.23
N LEU A 237 9.72 -19.53 23.09
CA LEU A 237 10.71 -18.46 23.19
C LEU A 237 11.46 -18.27 21.88
N ASN A 238 11.83 -19.38 21.23
CA ASN A 238 12.52 -19.28 19.95
C ASN A 238 11.65 -18.64 18.90
N ASP A 239 10.36 -19.02 18.84
CA ASP A 239 9.46 -18.42 17.87
C ASP A 239 9.27 -16.93 18.14
N PHE A 240 9.14 -16.55 19.42
CA PHE A 240 9.00 -15.13 19.75
C PHE A 240 10.25 -14.35 19.35
N LYS A 241 11.43 -14.94 19.58
CA LYS A 241 12.66 -14.27 19.18
C LYS A 241 12.73 -14.11 17.67
N SER A 242 12.37 -15.16 16.93
CA SER A 242 12.37 -15.07 15.47
C SER A 242 11.42 -13.98 14.98
N ILE A 243 10.22 -13.93 15.56
CA ILE A 243 9.23 -12.94 15.15
C ILE A 243 9.71 -11.53 15.47
N TRP A 244 10.33 -11.37 16.64
CA TRP A 244 10.77 -10.04 17.07
C TRP A 244 11.86 -9.48 16.15
N ASN A 245 12.85 -10.31 15.81
CA ASN A 245 13.97 -9.86 15.00
C ASN A 245 13.66 -9.84 13.51
N ASN A 246 12.41 -10.07 13.11
CA ASN A 246 12.07 -10.05 11.70
C ASN A 246 12.30 -8.66 11.11
N ARG A 247 12.81 -8.63 9.88
CA ARG A 247 13.12 -7.35 9.24
C ARG A 247 11.86 -6.52 9.03
N TRP A 248 10.79 -7.15 8.54
CA TRP A 248 9.57 -6.42 8.21
C TRP A 248 8.75 -6.07 9.43
N LEU A 249 8.91 -6.79 10.54
CA LEU A 249 8.19 -6.52 11.78
C LEU A 249 9.04 -5.75 12.79
N ARG A 250 10.10 -5.08 12.35
CA ARG A 250 10.98 -4.34 13.26
C ARG A 250 10.32 -3.07 13.77
N THR A 251 9.09 -2.80 13.31
CA THR A 251 8.36 -1.62 13.74
C THR A 251 6.98 -1.93 14.30
N ILE A 252 6.64 -3.20 14.50
CA ILE A 252 5.34 -3.61 15.01
C ILE A 252 5.51 -4.11 16.43
N SER A 253 4.75 -3.53 17.36
CA SER A 253 4.79 -3.98 18.74
C SER A 253 4.12 -5.35 18.88
N VAL A 254 4.62 -6.14 19.81
CA VAL A 254 4.15 -7.50 20.04
C VAL A 254 3.51 -7.57 21.42
N ILE A 255 2.21 -7.82 21.46
CA ILE A 255 1.50 -8.02 22.73
C ILE A 255 1.67 -9.48 23.14
N LEU A 256 2.21 -9.70 24.33
CA LEU A 256 2.54 -11.04 24.82
C LEU A 256 1.61 -11.37 25.99
N PHE A 257 0.77 -12.38 25.81
CA PHE A 257 -0.12 -12.87 26.87
C PHE A 257 0.38 -14.26 27.29
N LEU A 258 0.86 -14.35 28.53
CA LEU A 258 1.31 -15.63 29.09
C LEU A 258 0.08 -16.36 29.62
N ASN A 259 -0.52 -17.16 28.74
CA ASN A 259 -1.76 -17.85 29.07
C ASN A 259 -1.49 -19.07 29.94
N LYS A 260 -2.55 -19.60 30.53
CA LYS A 260 -2.48 -20.80 31.36
C LYS A 260 -1.65 -20.55 32.62
N GLN A 261 -1.91 -19.42 33.29
CA GLN A 261 -1.20 -19.13 34.52
C GLN A 261 -1.63 -20.06 35.65
N ASP A 262 -2.90 -20.47 35.66
CA ASP A 262 -3.37 -21.38 36.69
C ASP A 262 -2.67 -22.72 36.61
N LEU A 263 -2.49 -23.24 35.39
CA LEU A 263 -1.81 -24.52 35.21
C LEU A 263 -0.36 -24.42 35.66
N LEU A 264 0.34 -23.34 35.28
CA LEU A 264 1.72 -23.15 35.72
C LEU A 264 1.80 -23.07 37.23
N ALA A 265 0.86 -22.34 37.85
CA ALA A 265 0.87 -22.22 39.31
C ALA A 265 0.68 -23.59 39.97
N GLU A 266 -0.31 -24.36 39.50
CA GLU A 266 -0.53 -25.69 40.06
C GLU A 266 0.69 -26.58 39.86
N LYS A 267 1.34 -26.49 38.70
CA LYS A 267 2.50 -27.32 38.44
C LYS A 267 3.66 -26.98 39.36
N VAL A 268 3.95 -25.69 39.51
CA VAL A 268 5.06 -25.28 40.36
C VAL A 268 4.74 -25.52 41.83
N LEU A 269 3.46 -25.52 42.20
CA LEU A 269 3.11 -25.84 43.58
C LEU A 269 3.25 -27.33 43.84
N ALA A 270 2.86 -28.16 42.89
CA ALA A 270 3.01 -29.62 43.06
C ALA A 270 4.47 -30.00 43.21
N GLY A 271 5.39 -29.21 42.64
CA GLY A 271 6.80 -29.51 42.75
C GLY A 271 7.27 -30.69 41.91
N LYS A 272 6.40 -31.26 41.08
CA LYS A 272 6.81 -32.40 40.27
C LYS A 272 7.74 -31.97 39.13
N SER A 273 7.45 -30.82 38.52
CA SER A 273 8.24 -30.30 37.40
C SER A 273 8.88 -29.00 37.83
N LYS A 274 10.21 -28.97 37.91
CA LYS A 274 10.96 -27.79 38.29
C LYS A 274 11.50 -27.10 37.05
N ILE A 275 11.43 -25.76 37.03
CA ILE A 275 11.93 -25.00 35.89
C ILE A 275 13.45 -25.16 35.75
N GLU A 276 14.14 -25.44 36.86
CA GLU A 276 15.59 -25.59 36.80
C GLU A 276 15.99 -26.74 35.87
N ASP A 277 15.14 -27.75 35.75
CA ASP A 277 15.46 -28.89 34.88
C ASP A 277 15.59 -28.46 33.43
N TYR A 278 14.94 -27.36 33.04
CA TYR A 278 14.97 -26.86 31.68
C TYR A 278 15.76 -25.57 31.53
N PHE A 279 15.76 -24.71 32.54
CA PHE A 279 16.48 -23.44 32.50
C PHE A 279 17.35 -23.34 33.75
N PRO A 280 18.67 -23.57 33.63
CA PRO A 280 19.51 -23.50 34.82
C PRO A 280 19.59 -22.12 35.44
N GLU A 281 19.44 -21.06 34.64
CA GLU A 281 19.48 -19.71 35.19
C GLU A 281 18.37 -19.45 36.20
N PHE A 282 17.26 -20.19 36.10
CA PHE A 282 16.16 -20.00 37.04
C PHE A 282 16.61 -20.22 38.48
N ALA A 283 17.55 -21.15 38.68
CA ALA A 283 18.01 -21.43 40.04
C ALA A 283 18.73 -20.23 40.64
N ARG A 284 19.45 -19.47 39.83
CA ARG A 284 20.21 -18.31 40.29
C ARG A 284 19.48 -17.00 40.04
N TYR A 285 18.17 -17.05 39.84
CA TYR A 285 17.35 -15.86 39.58
C TYR A 285 16.58 -15.51 40.85
N THR A 286 16.63 -14.23 41.21
CA THR A 286 15.92 -13.72 42.38
C THR A 286 14.72 -12.89 41.94
N THR A 287 13.67 -12.90 42.76
CA THR A 287 12.46 -12.15 42.44
C THR A 287 12.79 -10.67 42.33
N PRO A 288 12.28 -9.96 41.31
CA PRO A 288 12.56 -8.53 41.21
C PRO A 288 12.12 -7.79 42.47
N GLU A 289 12.97 -6.85 42.91
CA GLU A 289 12.65 -6.08 44.09
C GLU A 289 11.47 -5.14 43.85
N ASP A 290 11.40 -4.55 42.66
CA ASP A 290 10.31 -3.65 42.30
C ASP A 290 9.04 -4.39 41.89
N ALA A 291 9.00 -5.71 42.05
CA ALA A 291 7.82 -6.47 41.66
C ALA A 291 6.63 -6.08 42.54
N THR A 292 5.44 -6.44 42.07
CA THR A 292 4.18 -6.17 42.77
C THR A 292 3.34 -7.44 42.79
N PRO A 293 3.71 -8.41 43.64
CA PRO A 293 2.93 -9.65 43.71
C PRO A 293 1.47 -9.38 44.09
N GLU A 294 0.57 -10.01 43.35
CA GLU A 294 -0.85 -9.84 43.64
C GLU A 294 -1.19 -10.54 44.96
N PRO A 295 -2.27 -10.13 45.62
CA PRO A 295 -2.63 -10.76 46.90
C PRO A 295 -3.05 -12.21 46.71
N GLY A 296 -2.47 -13.09 47.52
CA GLY A 296 -2.79 -14.50 47.44
C GLY A 296 -1.95 -15.28 46.46
N GLU A 297 -0.84 -14.73 46.00
CA GLU A 297 0.05 -15.41 45.06
C GLU A 297 1.17 -16.09 45.82
N ASP A 298 1.34 -17.39 45.60
CA ASP A 298 2.40 -18.12 46.27
C ASP A 298 3.75 -17.57 45.82
N PRO A 299 4.75 -17.50 46.71
CA PRO A 299 6.06 -16.98 46.30
C PRO A 299 6.65 -17.67 45.08
N ARG A 300 6.55 -19.00 45.01
CA ARG A 300 7.12 -19.74 43.90
C ARG A 300 6.44 -19.36 42.58
N VAL A 301 5.11 -19.25 42.59
CA VAL A 301 4.38 -18.90 41.38
C VAL A 301 4.80 -17.51 40.89
N THR A 302 4.84 -16.54 41.82
CA THR A 302 5.23 -15.19 41.45
C THR A 302 6.65 -15.18 40.88
N ARG A 303 7.57 -15.88 41.55
CA ARG A 303 8.96 -15.90 41.10
C ARG A 303 9.06 -16.51 39.71
N ALA A 304 8.33 -17.60 39.46
CA ALA A 304 8.39 -18.26 38.16
C ALA A 304 7.84 -17.36 37.05
N LYS A 305 6.67 -16.74 37.31
CA LYS A 305 6.08 -15.89 36.29
C LYS A 305 6.96 -14.68 36.01
N TYR A 306 7.56 -14.10 37.05
CA TYR A 306 8.46 -12.97 36.84
C TYR A 306 9.74 -13.37 36.14
N PHE A 307 10.24 -14.59 36.39
CA PHE A 307 11.40 -15.07 35.65
C PHE A 307 11.08 -15.22 34.17
N ILE A 308 9.91 -15.79 33.86
CA ILE A 308 9.51 -15.92 32.46
C ILE A 308 9.34 -14.55 31.83
N ARG A 309 8.75 -13.61 32.56
CA ARG A 309 8.58 -12.25 32.06
C ARG A 309 9.93 -11.61 31.74
N LYS A 310 10.89 -11.75 32.66
CA LYS A 310 12.21 -11.17 32.44
C LYS A 310 12.91 -11.83 31.26
N GLU A 311 12.76 -13.15 31.11
CA GLU A 311 13.35 -13.84 29.98
C GLU A 311 12.78 -13.32 28.67
N PHE A 312 11.46 -13.17 28.60
CA PHE A 312 10.84 -12.65 27.38
C PHE A 312 11.28 -11.22 27.10
N VAL A 313 11.37 -10.38 28.14
CA VAL A 313 11.78 -9.00 27.94
C VAL A 313 13.23 -8.93 27.46
N ASP A 314 14.09 -9.81 27.97
CA ASP A 314 15.48 -9.82 27.53
C ASP A 314 15.59 -10.32 26.10
N ILE A 315 14.80 -11.33 25.74
CA ILE A 315 14.81 -11.82 24.36
C ILE A 315 14.32 -10.73 23.41
N SER A 316 13.35 -9.93 23.85
CA SER A 316 12.85 -8.86 23.00
C SER A 316 13.85 -7.71 22.89
N THR A 317 14.52 -7.37 24.00
CA THR A 317 15.48 -6.28 23.98
C THR A 317 16.69 -6.60 23.12
N ALA A 318 16.98 -7.89 22.93
CA ALA A 318 18.14 -8.29 22.13
C ALA A 318 18.05 -7.68 20.74
N SER A 319 19.03 -6.83 20.41
CA SER A 319 19.09 -6.14 19.12
C SER A 319 17.89 -5.24 18.89
N GLY A 320 17.18 -4.86 19.96
CA GLY A 320 16.03 -3.99 19.82
C GLY A 320 16.44 -2.54 19.68
N ASP A 321 16.01 -1.91 18.59
CA ASP A 321 16.33 -0.51 18.33
C ASP A 321 15.39 0.45 19.05
N GLY A 322 14.40 -0.05 19.79
CA GLY A 322 13.45 0.80 20.48
C GLY A 322 12.30 1.30 19.63
N ARG A 323 12.28 0.98 18.33
CA ARG A 323 11.18 1.43 17.48
C ARG A 323 9.87 0.79 17.89
N HIS A 324 9.92 -0.39 18.51
CA HIS A 324 8.72 -1.08 18.97
C HIS A 324 8.97 -1.60 20.37
N ILE A 325 7.88 -1.80 21.12
CA ILE A 325 7.94 -2.21 22.52
C ILE A 325 7.05 -3.42 22.72
N CYS A 326 7.46 -4.29 23.65
CA CYS A 326 6.67 -5.45 24.02
C CYS A 326 5.77 -5.12 25.20
N TYR A 327 4.61 -5.78 25.24
CA TYR A 327 3.61 -5.57 26.29
C TYR A 327 3.28 -6.92 26.91
N PRO A 328 4.12 -7.42 27.80
CA PRO A 328 3.83 -8.70 28.45
C PRO A 328 2.75 -8.56 29.51
N HIS A 329 1.83 -9.53 29.53
CA HIS A 329 0.74 -9.55 30.49
C HIS A 329 0.44 -10.99 30.87
N PHE A 330 -0.13 -11.16 32.06
CA PHE A 330 -0.49 -12.47 32.58
C PHE A 330 -1.99 -12.68 32.40
N THR A 331 -2.36 -13.73 31.67
CA THR A 331 -3.76 -14.03 31.37
C THR A 331 -4.11 -15.40 31.90
N CYS A 332 -5.40 -15.60 32.16
CA CYS A 332 -5.94 -16.86 32.67
C CYS A 332 -7.05 -17.34 31.76
N SER A 333 -7.72 -18.42 32.16
CA SER A 333 -8.80 -18.99 31.38
C SER A 333 -10.17 -18.46 31.77
N VAL A 334 -10.26 -17.69 32.85
CA VAL A 334 -11.55 -17.17 33.32
C VAL A 334 -11.50 -15.65 33.43
N ASP A 335 -10.31 -15.07 33.30
CA ASP A 335 -10.14 -13.64 33.41
C ASP A 335 -11.03 -12.92 32.39
N THR A 336 -11.93 -12.07 32.90
CA THR A 336 -12.84 -11.34 32.03
C THR A 336 -12.20 -10.04 31.54
N GLU A 337 -11.34 -9.42 32.35
CA GLU A 337 -10.70 -8.17 31.97
C GLU A 337 -9.50 -8.43 31.07
N ASN A 338 -9.73 -9.11 29.95
CA ASN A 338 -8.67 -9.42 28.99
C ASN A 338 -8.62 -8.46 27.81
N ALA A 339 -9.79 -8.07 27.29
CA ALA A 339 -9.81 -7.14 26.15
C ALA A 339 -9.30 -5.76 26.54
N ARG A 340 -9.43 -5.39 27.82
CA ARG A 340 -8.94 -4.09 28.26
C ARG A 340 -7.43 -3.99 28.06
N ARG A 341 -6.70 -5.08 28.29
CA ARG A 341 -5.26 -5.08 28.07
C ARG A 341 -4.93 -4.80 26.62
N ILE A 342 -5.60 -5.48 25.69
CA ILE A 342 -5.36 -5.26 24.28
C ILE A 342 -5.71 -3.82 23.90
N PHE A 343 -6.81 -3.31 24.46
CA PHE A 343 -7.21 -1.93 24.16
C PHE A 343 -6.14 -0.94 24.61
N ASN A 344 -5.64 -1.12 25.84
CA ASN A 344 -4.62 -0.21 26.36
C ASN A 344 -3.34 -0.30 25.55
N ASP A 345 -2.95 -1.53 25.18
CA ASP A 345 -1.74 -1.70 24.38
C ASP A 345 -1.88 -1.02 23.03
N CYS A 346 -3.03 -1.20 22.36
CA CYS A 346 -3.24 -0.57 21.06
C CYS A 346 -3.26 0.95 21.19
N LYS A 347 -3.88 1.47 22.25
CA LYS A 347 -3.91 2.91 22.45
C LYS A 347 -2.51 3.46 22.66
N ASP A 348 -1.70 2.78 23.46
CA ASP A 348 -0.33 3.23 23.69
C ASP A 348 0.48 3.18 22.40
N ILE A 349 0.30 2.11 21.60
CA ILE A 349 1.03 1.99 20.35
C ILE A 349 0.65 3.11 19.39
N ILE A 350 -0.64 3.43 19.31
CA ILE A 350 -1.09 4.49 18.42
C ILE A 350 -0.58 5.83 18.90
N LEU A 351 -0.56 6.05 20.22
CA LEU A 351 -0.03 7.30 20.75
C LEU A 351 1.45 7.44 20.42
N GLN A 352 2.22 6.36 20.57
CA GLN A 352 3.63 6.41 20.22
C GLN A 352 3.84 6.66 18.73
N MET A 353 3.03 6.03 17.89
CA MET A 353 3.14 6.27 16.45
C MET A 353 2.83 7.72 16.11
N ASN A 354 1.82 8.30 16.75
CA ASN A 354 1.51 9.71 16.53
C ASN A 354 2.67 10.60 16.98
N LEU A 355 3.20 10.34 18.17
CA LEU A 355 4.35 11.11 18.64
C LEU A 355 5.51 11.02 17.67
N ARG A 356 5.71 9.85 17.06
CA ARG A 356 6.78 9.72 16.08
C ARG A 356 6.47 10.52 14.82
N GLU A 357 5.24 10.44 14.32
CA GLU A 357 4.87 11.15 13.11
C GLU A 357 4.95 12.66 13.31
N TYR A 358 4.51 13.14 14.47
CA TYR A 358 4.56 14.56 14.79
C TYR A 358 5.95 15.04 15.19
N ASN A 359 6.97 14.19 15.08
CA ASN A 359 8.34 14.56 15.38
C ASN A 359 8.49 15.08 16.81
N LEU A 360 7.70 14.53 17.73
CA LEU A 360 7.80 14.91 19.14
C LEU A 360 8.76 14.02 19.92
N VAL A 361 9.04 12.81 19.44
CA VAL A 361 9.94 11.90 20.13
C VAL A 361 10.87 11.24 19.11
N GLU B 8 16.52 -51.53 1.37
CA GLU B 8 15.66 -50.94 0.30
C GLU B 8 15.84 -49.43 0.22
N LEU B 9 15.58 -48.74 1.34
CA LEU B 9 15.73 -47.29 1.36
C LEU B 9 17.15 -46.87 1.02
N ASP B 10 18.15 -47.65 1.44
CA ASP B 10 19.53 -47.31 1.11
C ASP B 10 19.75 -47.36 -0.40
N GLN B 11 19.20 -48.39 -1.06
CA GLN B 11 19.34 -48.47 -2.51
C GLN B 11 18.65 -47.31 -3.20
N LEU B 12 17.47 -46.90 -2.69
CA LEU B 12 16.77 -45.76 -3.27
C LEU B 12 17.58 -44.49 -3.12
N ARG B 13 18.18 -44.29 -1.94
CA ARG B 13 19.00 -43.10 -1.73
C ARG B 13 20.23 -43.11 -2.65
N GLN B 14 20.88 -44.26 -2.79
CA GLN B 14 22.02 -44.36 -3.68
C GLN B 14 21.63 -44.06 -5.12
N GLU B 15 20.48 -44.59 -5.56
CA GLU B 15 20.02 -44.34 -6.92
C GLU B 15 19.70 -42.86 -7.12
N ALA B 16 19.08 -42.23 -6.13
CA ALA B 16 18.78 -40.80 -6.24
C ALA B 16 20.07 -39.99 -6.33
N GLU B 17 21.06 -40.33 -5.50
CA GLU B 17 22.34 -39.62 -5.56
C GLU B 17 23.01 -39.81 -6.91
N GLN B 18 23.00 -41.03 -7.44
CA GLN B 18 23.61 -41.27 -8.75
C GLN B 18 22.88 -40.50 -9.84
N LEU B 19 21.55 -40.44 -9.77
CA LEU B 19 20.79 -39.68 -10.77
C LEU B 19 21.12 -38.20 -10.68
N LYS B 20 21.22 -37.66 -9.47
CA LYS B 20 21.56 -36.25 -9.31
C LYS B 20 22.95 -35.97 -9.85
N ASN B 21 23.92 -36.85 -9.56
CA ASN B 21 25.28 -36.65 -10.07
C ASN B 21 25.30 -36.72 -11.59
N GLN B 22 24.55 -37.65 -12.18
CA GLN B 22 24.51 -37.75 -13.63
C GLN B 22 23.88 -36.50 -14.25
N ILE B 23 22.80 -36.01 -13.66
CA ILE B 23 22.16 -34.79 -14.17
C ILE B 23 23.13 -33.62 -14.08
N ARG B 24 23.84 -33.50 -12.96
CA ARG B 24 24.79 -32.42 -12.80
C ARG B 24 25.91 -32.51 -13.83
N ASP B 25 26.42 -33.71 -14.07
CA ASP B 25 27.47 -33.88 -15.07
C ASP B 25 26.99 -33.52 -16.46
N ALA B 26 25.78 -33.98 -16.82
CA ALA B 26 25.24 -33.67 -18.13
C ALA B 26 25.02 -32.16 -18.28
N ARG B 27 24.57 -31.50 -17.22
CA ARG B 27 24.37 -30.06 -17.28
C ARG B 27 25.69 -29.31 -17.45
N LYS B 28 26.72 -29.72 -16.68
CA LYS B 28 28.02 -29.07 -16.78
C LYS B 28 28.63 -29.30 -18.15
N ALA B 29 28.41 -30.48 -18.74
CA ALA B 29 28.99 -30.77 -20.04
C ALA B 29 28.50 -29.80 -21.11
N CYS B 30 27.25 -29.35 -21.02
CA CYS B 30 26.69 -28.43 -22.00
C CYS B 30 27.14 -26.99 -21.79
N ALA B 31 27.91 -26.72 -20.73
CA ALA B 31 28.36 -25.36 -20.46
C ALA B 31 29.61 -25.03 -21.28
N ASP B 32 29.49 -25.09 -22.60
CA ASP B 32 30.62 -24.79 -23.46
C ASP B 32 31.07 -23.34 -23.30
N ALA B 33 30.12 -22.41 -23.24
CA ALA B 33 30.43 -20.99 -23.08
C ALA B 33 29.26 -20.30 -22.41
N THR B 34 29.58 -19.25 -21.67
CA THR B 34 28.56 -18.48 -20.96
C THR B 34 27.93 -17.45 -21.89
N LEU B 35 26.71 -17.04 -21.54
CA LEU B 35 26.01 -16.03 -22.34
C LEU B 35 26.78 -14.71 -22.35
N SER B 36 27.47 -14.40 -21.26
CA SER B 36 28.23 -13.15 -21.20
C SER B 36 29.25 -13.07 -22.33
N GLN B 37 30.08 -14.09 -22.47
CA GLN B 37 31.12 -14.08 -23.50
C GLN B 37 30.51 -13.85 -24.89
N ILE B 38 29.32 -14.40 -25.13
CA ILE B 38 28.68 -14.25 -26.43
C ILE B 38 27.99 -12.91 -26.58
N THR B 39 27.64 -12.25 -25.47
CA THR B 39 26.93 -10.97 -25.49
C THR B 39 27.86 -9.79 -25.26
N ASN B 40 29.16 -9.95 -25.48
CA ASN B 40 30.11 -8.86 -25.34
C ASN B 40 30.31 -8.07 -26.61
N ASN B 41 30.17 -8.71 -27.77
CA ASN B 41 30.35 -8.03 -29.04
C ASN B 41 29.18 -7.13 -29.41
N ILE B 42 28.00 -7.36 -28.82
CA ILE B 42 26.85 -6.53 -29.13
C ILE B 42 27.01 -5.16 -28.49
N ASP B 43 26.48 -4.14 -29.15
CA ASP B 43 26.58 -2.78 -28.63
C ASP B 43 25.84 -2.68 -27.30
N PRO B 44 26.21 -1.73 -26.45
CA PRO B 44 25.53 -1.58 -25.16
C PRO B 44 24.13 -1.00 -25.33
N VAL B 45 23.28 -1.28 -24.33
CA VAL B 45 21.91 -0.78 -24.37
C VAL B 45 21.86 0.71 -24.05
N GLY B 46 22.81 1.19 -23.26
CA GLY B 46 22.82 2.60 -22.88
C GLY B 46 21.93 2.91 -21.71
N ARG B 47 22.05 4.12 -21.16
CA ARG B 47 21.25 4.53 -20.02
C ARG B 47 19.79 4.65 -20.43
N ILE B 48 18.96 3.70 -20.02
CA ILE B 48 17.53 3.71 -20.36
C ILE B 48 16.84 4.48 -19.24
N GLN B 49 16.78 5.81 -19.41
CA GLN B 49 16.12 6.66 -18.44
C GLN B 49 14.61 6.63 -18.67
N MET B 50 13.86 6.55 -17.58
CA MET B 50 12.41 6.47 -17.63
C MET B 50 11.80 7.57 -16.78
N ARG B 51 10.61 8.03 -17.20
CA ARG B 51 9.89 9.09 -16.51
C ARG B 51 8.49 8.59 -16.14
N THR B 52 7.99 9.09 -15.01
CA THR B 52 6.65 8.71 -14.56
C THR B 52 5.61 9.46 -15.37
N ARG B 53 4.67 8.72 -15.96
CA ARG B 53 3.62 9.30 -16.79
C ARG B 53 2.28 9.42 -16.07
N ARG B 54 1.93 8.43 -15.25
CA ARG B 54 0.66 8.44 -14.55
C ARG B 54 0.87 8.03 -13.11
N THR B 55 0.06 8.59 -12.21
CA THR B 55 0.10 8.27 -10.79
C THR B 55 -1.30 7.89 -10.36
N LEU B 56 -1.45 6.66 -9.87
CA LEU B 56 -2.77 6.11 -9.51
C LEU B 56 -2.93 6.21 -7.99
N ARG B 57 -3.54 7.31 -7.57
CA ARG B 57 -3.76 7.62 -6.15
C ARG B 57 -5.03 6.98 -5.59
N GLY B 58 -5.61 5.96 -6.22
CA GLY B 58 -6.88 5.44 -5.76
C GLY B 58 -6.79 4.43 -4.64
N HIS B 59 -5.80 3.55 -4.69
CA HIS B 59 -5.71 2.49 -3.69
C HIS B 59 -5.50 3.07 -2.29
N LEU B 60 -6.09 2.41 -1.30
CA LEU B 60 -6.00 2.89 0.07
C LEU B 60 -4.80 2.30 0.79
N ALA B 61 -4.57 1.00 0.62
CA ALA B 61 -3.54 0.27 1.34
C ALA B 61 -2.49 -0.27 0.36
N LYS B 62 -1.58 -1.07 0.90
CA LYS B 62 -0.46 -1.61 0.12
C LYS B 62 -0.96 -2.32 -1.13
N ILE B 63 -0.43 -1.90 -2.28
CA ILE B 63 -0.71 -2.59 -3.53
C ILE B 63 0.26 -3.76 -3.65
N TYR B 64 -0.29 -4.97 -3.78
CA TYR B 64 0.51 -6.19 -3.73
C TYR B 64 0.69 -6.84 -5.10
N ALA B 65 -0.33 -6.81 -5.95
CA ALA B 65 -0.26 -7.48 -7.25
C ALA B 65 -1.06 -6.71 -8.29
N MET B 66 -0.60 -6.78 -9.54
CA MET B 66 -1.28 -6.16 -10.65
C MET B 66 -0.96 -6.95 -11.91
N HIS B 67 -1.81 -6.80 -12.92
CA HIS B 67 -1.64 -7.51 -14.18
C HIS B 67 -2.29 -6.71 -15.30
N TRP B 68 -1.71 -6.81 -16.49
CA TRP B 68 -2.27 -6.15 -17.66
C TRP B 68 -3.20 -7.08 -18.42
N GLY B 69 -4.32 -6.54 -18.89
CA GLY B 69 -5.23 -7.30 -19.71
C GLY B 69 -4.74 -7.39 -21.14
N THR B 70 -5.57 -8.03 -21.98
CA THR B 70 -5.24 -8.15 -23.40
C THR B 70 -5.03 -6.78 -24.02
N ASP B 71 -5.84 -5.79 -23.63
CA ASP B 71 -5.65 -4.43 -24.09
C ASP B 71 -4.75 -3.68 -23.12
N SER B 72 -3.74 -3.00 -23.65
CA SER B 72 -2.79 -2.27 -22.81
C SER B 72 -3.44 -1.10 -22.08
N ARG B 73 -4.67 -0.73 -22.44
CA ARG B 73 -5.34 0.39 -21.80
C ARG B 73 -6.01 0.00 -20.49
N LEU B 74 -6.26 -1.28 -20.27
CA LEU B 74 -6.89 -1.77 -19.05
C LEU B 74 -5.82 -2.25 -18.08
N LEU B 75 -6.05 -2.02 -16.79
CA LEU B 75 -5.09 -2.38 -15.75
C LEU B 75 -5.84 -2.75 -14.49
N VAL B 76 -5.66 -3.98 -14.02
CA VAL B 76 -6.23 -4.44 -12.77
C VAL B 76 -5.14 -4.47 -11.71
N SER B 77 -5.48 -4.06 -10.49
CA SER B 77 -4.53 -4.00 -9.39
C SER B 77 -5.24 -4.40 -8.10
N ALA B 78 -4.53 -5.13 -7.24
CA ALA B 78 -5.07 -5.61 -5.97
C ALA B 78 -4.28 -4.99 -4.83
N SER B 79 -4.98 -4.64 -3.75
CA SER B 79 -4.36 -4.09 -2.55
C SER B 79 -4.76 -4.94 -1.35
N GLN B 80 -4.05 -4.73 -0.23
CA GLN B 80 -4.27 -5.53 0.96
C GLN B 80 -5.47 -5.03 1.77
N ASP B 81 -6.32 -4.20 1.16
CA ASP B 81 -7.52 -3.71 1.80
C ASP B 81 -8.79 -4.37 1.27
N GLY B 82 -8.68 -5.23 0.25
CA GLY B 82 -9.85 -5.89 -0.29
C GLY B 82 -10.53 -5.17 -1.42
N LYS B 83 -9.77 -4.49 -2.29
CA LYS B 83 -10.33 -3.71 -3.37
C LYS B 83 -9.58 -4.00 -4.66
N LEU B 84 -10.32 -4.32 -5.72
CA LEU B 84 -9.77 -4.48 -7.06
C LEU B 84 -10.24 -3.33 -7.93
N ILE B 85 -9.32 -2.46 -8.30
CA ILE B 85 -9.62 -1.24 -9.05
C ILE B 85 -9.12 -1.44 -10.48
N ILE B 86 -10.04 -1.36 -11.44
CA ILE B 86 -9.71 -1.45 -12.86
C ILE B 86 -9.36 -0.05 -13.34
N TRP B 87 -8.09 0.16 -13.70
CA TRP B 87 -7.57 1.48 -14.04
C TRP B 87 -7.45 1.64 -15.54
N ASP B 88 -7.84 2.82 -16.03
CA ASP B 88 -7.66 3.18 -17.43
C ASP B 88 -6.32 3.91 -17.56
N SER B 89 -5.31 3.21 -18.09
CA SER B 89 -3.96 3.77 -18.13
C SER B 89 -3.87 5.06 -18.93
N TYR B 90 -4.83 5.31 -19.83
CA TYR B 90 -4.76 6.52 -20.66
C TYR B 90 -5.41 7.71 -19.95
N THR B 91 -6.69 7.58 -19.61
CA THR B 91 -7.42 8.68 -18.97
C THR B 91 -7.39 8.60 -17.46
N THR B 92 -6.82 7.55 -16.88
CA THR B 92 -6.71 7.36 -15.43
C THR B 92 -8.07 7.11 -14.77
N ASN B 93 -9.13 6.96 -15.56
CA ASN B 93 -10.46 6.77 -14.99
C ASN B 93 -10.61 5.36 -14.44
N LYS B 94 -11.25 5.26 -13.27
CA LYS B 94 -11.50 3.97 -12.64
C LYS B 94 -12.69 3.31 -13.32
N VAL B 95 -12.49 2.10 -13.84
CA VAL B 95 -13.54 1.43 -14.60
C VAL B 95 -14.46 0.65 -13.67
N HIS B 96 -13.90 -0.10 -12.72
CA HIS B 96 -14.70 -0.90 -11.80
C HIS B 96 -14.04 -0.93 -10.43
N ALA B 97 -14.85 -1.16 -9.41
CA ALA B 97 -14.40 -1.31 -8.04
C ALA B 97 -15.11 -2.50 -7.42
N ILE B 98 -14.35 -3.55 -7.12
CA ILE B 98 -14.89 -4.83 -6.66
C ILE B 98 -14.57 -4.96 -5.17
N PRO B 99 -15.55 -4.84 -4.27
CA PRO B 99 -15.27 -5.13 -2.86
C PRO B 99 -15.03 -6.61 -2.62
N LEU B 100 -13.81 -6.97 -2.23
CA LEU B 100 -13.45 -8.37 -2.04
C LEU B 100 -13.90 -8.86 -0.66
N ARG B 101 -14.15 -10.17 -0.58
CA ARG B 101 -14.49 -10.79 0.70
C ARG B 101 -13.24 -10.94 1.56
N SER B 102 -12.19 -11.54 1.00
CA SER B 102 -10.93 -11.67 1.72
C SER B 102 -10.10 -10.39 1.58
N SER B 103 -9.68 -9.84 2.71
CA SER B 103 -8.93 -8.59 2.69
C SER B 103 -7.46 -8.81 2.37
N TRP B 104 -6.94 -10.01 2.64
CA TRP B 104 -5.52 -10.31 2.44
C TRP B 104 -5.25 -10.89 1.05
N VAL B 105 -5.67 -10.20 0.00
CA VAL B 105 -5.42 -10.67 -1.37
C VAL B 105 -3.95 -10.43 -1.70
N MET B 106 -3.31 -11.43 -2.30
CA MET B 106 -1.90 -11.35 -2.65
C MET B 106 -1.64 -11.47 -4.15
N THR B 107 -2.62 -11.90 -4.94
CA THR B 107 -2.42 -12.07 -6.37
C THR B 107 -3.71 -11.74 -7.11
N CYS B 108 -3.56 -11.27 -8.34
CA CYS B 108 -4.69 -10.97 -9.20
C CYS B 108 -4.32 -11.31 -10.64
N ALA B 109 -5.34 -11.61 -11.44
CA ALA B 109 -5.13 -12.02 -12.82
C ALA B 109 -6.22 -11.41 -13.70
N TYR B 110 -5.85 -11.09 -14.93
CA TYR B 110 -6.76 -10.55 -15.92
C TYR B 110 -6.87 -11.55 -17.07
N ALA B 111 -8.07 -12.06 -17.30
CA ALA B 111 -8.27 -13.09 -18.29
C ALA B 111 -7.81 -12.60 -19.67
N PRO B 112 -7.37 -13.50 -20.55
CA PRO B 112 -6.95 -13.07 -21.90
C PRO B 112 -8.08 -12.47 -22.71
N SER B 113 -9.34 -12.78 -22.39
CA SER B 113 -10.46 -12.19 -23.09
C SER B 113 -10.94 -10.90 -22.44
N GLY B 114 -10.46 -10.58 -21.25
CA GLY B 114 -10.85 -9.37 -20.55
C GLY B 114 -12.20 -9.43 -19.87
N ASN B 115 -12.89 -10.58 -19.93
CA ASN B 115 -14.22 -10.68 -19.34
C ASN B 115 -14.18 -11.15 -17.89
N TYR B 116 -13.11 -11.82 -17.48
CA TYR B 116 -13.01 -12.39 -16.14
C TYR B 116 -11.71 -11.95 -15.49
N VAL B 117 -11.75 -11.81 -14.16
CA VAL B 117 -10.59 -11.49 -13.34
C VAL B 117 -10.65 -12.32 -12.07
N ALA B 118 -9.49 -12.86 -11.68
CA ALA B 118 -9.38 -13.74 -10.53
C ALA B 118 -8.41 -13.13 -9.51
N CYS B 119 -8.50 -13.62 -8.28
CA CYS B 119 -7.62 -13.16 -7.21
C CYS B 119 -7.54 -14.25 -6.14
N GLY B 120 -6.56 -14.10 -5.26
CA GLY B 120 -6.36 -15.06 -4.19
C GLY B 120 -5.52 -14.46 -3.08
N GLY B 121 -5.46 -15.19 -1.96
CA GLY B 121 -4.71 -14.74 -0.82
C GLY B 121 -4.66 -15.76 0.30
N LEU B 122 -4.69 -15.28 1.55
CA LEU B 122 -4.63 -16.17 2.70
C LEU B 122 -5.90 -16.98 2.91
N ASP B 123 -7.01 -16.58 2.27
CA ASP B 123 -8.27 -17.31 2.41
C ASP B 123 -8.26 -18.64 1.67
N ASN B 124 -7.31 -18.85 0.77
CA ASN B 124 -7.19 -20.10 0.02
C ASN B 124 -8.30 -20.24 -1.00
N ILE B 125 -9.18 -19.24 -1.10
CA ILE B 125 -10.27 -19.28 -2.07
C ILE B 125 -9.94 -18.39 -3.24
N CYS B 126 -10.38 -18.81 -4.43
CA CYS B 126 -10.19 -18.06 -5.67
C CYS B 126 -11.56 -17.73 -6.25
N SER B 127 -11.94 -16.46 -6.17
CA SER B 127 -13.23 -16.00 -6.65
C SER B 127 -13.03 -15.28 -7.98
N ILE B 128 -13.51 -15.88 -9.06
CA ILE B 128 -13.41 -15.28 -10.38
C ILE B 128 -14.55 -14.28 -10.55
N TYR B 129 -14.20 -13.04 -10.90
CA TYR B 129 -15.18 -11.96 -11.05
C TYR B 129 -15.39 -11.70 -12.55
N ASN B 130 -16.65 -11.80 -12.98
CA ASN B 130 -17.00 -11.55 -14.37
C ASN B 130 -17.28 -10.06 -14.56
N LEU B 131 -16.56 -9.44 -15.49
CA LEU B 131 -16.72 -8.01 -15.75
C LEU B 131 -17.80 -7.72 -16.78
N LYS B 132 -18.28 -8.74 -17.51
CA LYS B 132 -19.29 -8.57 -18.55
C LYS B 132 -20.64 -9.11 -18.13
N THR B 133 -20.93 -9.12 -16.83
CA THR B 133 -22.22 -9.62 -16.35
C THR B 133 -23.37 -8.86 -17.01
N ARG B 134 -24.41 -9.60 -17.39
CA ARG B 134 -25.56 -8.97 -18.02
C ARG B 134 -26.29 -8.03 -17.06
N GLU B 135 -26.14 -8.25 -15.76
CA GLU B 135 -26.78 -7.38 -14.77
C GLU B 135 -26.03 -6.07 -14.54
N GLY B 136 -24.85 -5.91 -15.13
CA GLY B 136 -24.10 -4.68 -15.00
C GLY B 136 -23.13 -4.69 -13.84
N ASN B 137 -23.58 -5.19 -12.69
CA ASN B 137 -22.74 -5.25 -11.50
C ASN B 137 -21.88 -6.51 -11.50
N VAL B 138 -20.67 -6.38 -10.99
CA VAL B 138 -19.73 -7.50 -10.94
C VAL B 138 -20.23 -8.51 -9.92
N ARG B 139 -20.23 -9.78 -10.31
CA ARG B 139 -20.71 -10.86 -9.45
C ARG B 139 -19.66 -11.97 -9.41
N VAL B 140 -19.61 -12.69 -8.29
CA VAL B 140 -18.69 -13.80 -8.12
C VAL B 140 -19.17 -14.95 -9.02
N SER B 141 -18.43 -15.21 -10.09
CA SER B 141 -18.82 -16.28 -11.02
C SER B 141 -18.64 -17.65 -10.36
N ARG B 142 -17.41 -17.97 -9.96
CA ARG B 142 -17.10 -19.26 -9.36
C ARG B 142 -16.10 -19.05 -8.23
N GLU B 143 -16.52 -19.34 -7.00
CA GLU B 143 -15.64 -19.23 -5.84
C GLU B 143 -15.08 -20.62 -5.50
N LEU B 144 -14.20 -21.08 -6.37
CA LEU B 144 -13.61 -22.40 -6.20
C LEU B 144 -12.65 -22.40 -5.02
N ALA B 145 -12.49 -23.57 -4.39
CA ALA B 145 -11.59 -23.72 -3.26
C ALA B 145 -11.11 -25.16 -3.20
N GLY B 146 -10.23 -25.44 -2.24
CA GLY B 146 -9.70 -26.78 -2.07
C GLY B 146 -8.24 -26.78 -1.65
N HIS B 147 -7.54 -25.66 -1.87
CA HIS B 147 -6.15 -25.58 -1.49
C HIS B 147 -6.00 -25.58 0.03
N THR B 148 -4.89 -26.17 0.50
CA THR B 148 -4.56 -26.20 1.91
C THR B 148 -3.55 -25.13 2.30
N GLY B 149 -3.49 -24.04 1.55
CA GLY B 149 -2.54 -22.98 1.84
C GLY B 149 -2.89 -21.73 1.08
N TYR B 150 -2.25 -20.63 1.47
CA TYR B 150 -2.50 -19.35 0.83
C TYR B 150 -2.18 -19.40 -0.65
N LEU B 151 -2.96 -18.69 -1.45
CA LEU B 151 -2.72 -18.60 -2.88
C LEU B 151 -1.65 -17.55 -3.16
N SER B 152 -0.65 -17.92 -3.96
CA SER B 152 0.47 -17.04 -4.24
C SER B 152 0.41 -16.37 -5.61
N CYS B 153 -0.14 -17.05 -6.62
CA CYS B 153 -0.20 -16.50 -7.97
C CYS B 153 -1.34 -17.14 -8.73
N CYS B 154 -1.94 -16.38 -9.64
CA CYS B 154 -3.04 -16.83 -10.47
C CYS B 154 -2.83 -16.35 -11.90
N ARG B 155 -3.09 -17.21 -12.86
CA ARG B 155 -2.95 -16.88 -14.28
C ARG B 155 -4.03 -17.61 -15.07
N PHE B 156 -4.55 -16.93 -16.08
CA PHE B 156 -5.61 -17.48 -16.92
C PHE B 156 -5.01 -18.10 -18.18
N LEU B 157 -5.33 -19.38 -18.42
CA LEU B 157 -5.00 -20.02 -19.68
C LEU B 157 -6.07 -19.80 -20.74
N ASP B 158 -7.33 -19.77 -20.32
CA ASP B 158 -8.44 -19.49 -21.22
C ASP B 158 -9.64 -19.08 -20.38
N ASP B 159 -10.72 -18.69 -21.05
CA ASP B 159 -11.92 -18.25 -20.36
C ASP B 159 -12.52 -19.34 -19.49
N ASN B 160 -12.16 -20.60 -19.72
CA ASN B 160 -12.73 -21.71 -18.98
C ASN B 160 -11.75 -22.37 -18.02
N GLN B 161 -10.45 -22.20 -18.22
CA GLN B 161 -9.42 -22.84 -17.40
C GLN B 161 -8.57 -21.75 -16.75
N ILE B 162 -8.23 -21.96 -15.49
CA ILE B 162 -7.38 -21.05 -14.73
C ILE B 162 -6.46 -21.87 -13.84
N VAL B 163 -5.19 -21.50 -13.82
CA VAL B 163 -4.19 -22.17 -12.98
C VAL B 163 -3.86 -21.24 -11.82
N THR B 164 -3.69 -21.82 -10.64
CA THR B 164 -3.40 -21.08 -9.42
C THR B 164 -2.37 -21.82 -8.59
N SER B 165 -1.46 -21.05 -7.98
CA SER B 165 -0.46 -21.60 -7.08
C SER B 165 -0.85 -21.34 -5.64
N SER B 166 -0.44 -22.24 -4.76
CA SER B 166 -0.81 -22.15 -3.35
C SER B 166 0.37 -22.58 -2.49
N GLY B 167 0.30 -22.18 -1.21
CA GLY B 167 1.34 -22.52 -0.26
C GLY B 167 1.43 -24.00 0.07
N ASP B 168 0.50 -24.82 -0.43
CA ASP B 168 0.49 -26.24 -0.16
C ASP B 168 1.62 -26.96 -0.89
N THR B 169 2.42 -26.20 -1.65
CA THR B 169 3.55 -26.74 -2.41
C THR B 169 3.11 -27.52 -3.63
N THR B 170 1.88 -27.31 -4.10
CA THR B 170 1.35 -28.01 -5.26
C THR B 170 0.47 -27.06 -6.05
N CYS B 171 0.74 -26.97 -7.36
CA CYS B 171 -0.08 -26.16 -8.25
C CYS B 171 -1.22 -27.01 -8.81
N ALA B 172 -2.31 -26.33 -9.18
CA ALA B 172 -3.50 -27.00 -9.66
C ALA B 172 -4.15 -26.19 -10.76
N LEU B 173 -4.60 -26.88 -11.80
CA LEU B 173 -5.35 -26.27 -12.90
C LEU B 173 -6.83 -26.57 -12.70
N TRP B 174 -7.65 -25.52 -12.68
CA TRP B 174 -9.06 -25.63 -12.36
C TRP B 174 -9.90 -25.35 -13.59
N ASP B 175 -11.06 -26.01 -13.65
CA ASP B 175 -12.05 -25.79 -14.70
C ASP B 175 -13.16 -24.90 -14.13
N ILE B 176 -13.27 -23.70 -14.67
CA ILE B 176 -14.24 -22.74 -14.15
C ILE B 176 -15.66 -23.28 -14.31
N GLU B 177 -15.96 -23.89 -15.46
CA GLU B 177 -17.29 -24.42 -15.69
C GLU B 177 -17.61 -25.55 -14.72
N THR B 178 -16.71 -26.53 -14.61
CA THR B 178 -16.95 -27.65 -13.70
C THR B 178 -16.78 -27.23 -12.25
N GLY B 179 -15.80 -26.36 -11.97
CA GLY B 179 -15.57 -25.93 -10.61
C GLY B 179 -14.83 -26.93 -9.75
N GLN B 180 -13.99 -27.77 -10.35
CA GLN B 180 -13.23 -28.77 -9.62
C GLN B 180 -11.82 -28.84 -10.19
N GLN B 181 -10.94 -29.48 -9.44
CA GLN B 181 -9.54 -29.63 -9.84
C GLN B 181 -9.43 -30.47 -11.10
N THR B 182 -9.00 -29.86 -12.21
CA THR B 182 -8.81 -30.62 -13.45
C THR B 182 -7.55 -31.48 -13.37
N THR B 183 -6.46 -30.92 -12.84
CA THR B 183 -5.22 -31.67 -12.68
C THR B 183 -4.37 -30.97 -11.63
N THR B 184 -3.50 -31.75 -10.99
CA THR B 184 -2.65 -31.25 -9.91
C THR B 184 -1.18 -31.40 -10.30
N PHE B 185 -0.35 -30.57 -9.68
CA PHE B 185 1.10 -30.58 -9.93
C PHE B 185 1.81 -30.61 -8.59
N THR B 186 2.46 -31.72 -8.27
CA THR B 186 3.13 -31.91 -7.00
C THR B 186 4.63 -32.15 -7.24
N GLY B 187 5.41 -31.90 -6.19
CA GLY B 187 6.84 -32.11 -6.27
C GLY B 187 7.64 -31.04 -5.55
N HIS B 188 7.06 -29.85 -5.40
CA HIS B 188 7.76 -28.76 -4.73
C HIS B 188 7.87 -29.05 -3.24
N THR B 189 9.04 -28.73 -2.67
CA THR B 189 9.24 -28.92 -1.24
C THR B 189 8.76 -27.72 -0.42
N GLY B 190 8.94 -26.51 -0.95
CA GLY B 190 8.52 -25.30 -0.28
C GLY B 190 7.26 -24.71 -0.89
N ASP B 191 6.71 -23.72 -0.18
CA ASP B 191 5.50 -23.06 -0.64
C ASP B 191 5.74 -22.39 -1.98
N VAL B 192 4.77 -22.52 -2.88
CA VAL B 192 4.88 -21.92 -4.20
C VAL B 192 4.70 -20.42 -4.08
N MET B 193 5.64 -19.65 -4.66
CA MET B 193 5.66 -18.20 -4.53
C MET B 193 5.14 -17.47 -5.76
N SER B 194 5.43 -17.98 -6.96
CA SER B 194 5.05 -17.29 -8.18
C SER B 194 4.83 -18.30 -9.29
N LEU B 195 4.07 -17.88 -10.30
CA LEU B 195 3.77 -18.70 -11.46
C LEU B 195 3.65 -17.81 -12.68
N SER B 196 4.07 -18.34 -13.84
CA SER B 196 4.02 -17.59 -15.09
C SER B 196 3.70 -18.55 -16.23
N LEU B 197 2.86 -18.09 -17.15
CA LEU B 197 2.46 -18.90 -18.31
C LEU B 197 3.34 -18.57 -19.50
N ALA B 198 3.65 -19.60 -20.29
CA ALA B 198 4.43 -19.41 -21.49
C ALA B 198 3.59 -18.70 -22.55
N PRO B 199 4.22 -18.02 -23.51
CA PRO B 199 3.45 -17.33 -24.55
C PRO B 199 2.61 -18.27 -25.40
N ASP B 200 2.98 -19.55 -25.49
CA ASP B 200 2.21 -20.53 -26.25
C ASP B 200 1.14 -21.22 -25.42
N THR B 201 1.10 -20.98 -24.12
CA THR B 201 0.10 -21.58 -23.22
C THR B 201 0.27 -23.09 -23.10
N ARG B 202 1.41 -23.62 -23.57
CA ARG B 202 1.64 -25.06 -23.48
C ARG B 202 2.28 -25.44 -22.15
N LEU B 203 3.31 -24.72 -21.74
CA LEU B 203 4.02 -24.99 -20.50
C LEU B 203 3.98 -23.76 -19.60
N PHE B 204 4.14 -23.99 -18.30
CA PHE B 204 4.21 -22.90 -17.33
C PHE B 204 5.25 -23.25 -16.27
N VAL B 205 5.90 -22.22 -15.76
CA VAL B 205 6.96 -22.36 -14.77
C VAL B 205 6.56 -21.63 -13.50
N SER B 206 6.89 -22.22 -12.35
CA SER B 206 6.56 -21.65 -11.06
C SER B 206 7.74 -21.82 -10.11
N GLY B 207 7.92 -20.86 -9.22
CA GLY B 207 8.95 -20.90 -8.21
C GLY B 207 8.34 -21.09 -6.82
N ALA B 208 9.11 -21.70 -5.93
CA ALA B 208 8.65 -22.01 -4.58
C ALA B 208 9.67 -21.48 -3.57
N CYS B 209 9.35 -21.67 -2.29
CA CYS B 209 10.23 -21.20 -1.23
C CYS B 209 11.61 -21.85 -1.31
N ASP B 210 11.69 -23.11 -1.74
CA ASP B 210 12.98 -23.75 -1.93
C ASP B 210 13.73 -23.05 -3.05
N ALA B 211 15.06 -23.20 -3.03
CA ALA B 211 15.91 -22.57 -4.04
C ALA B 211 15.91 -23.33 -5.36
N SER B 212 14.74 -23.53 -5.95
CA SER B 212 14.60 -24.29 -7.18
C SER B 212 13.36 -23.84 -7.93
N ALA B 213 13.33 -24.15 -9.23
CA ALA B 213 12.19 -23.86 -10.08
C ALA B 213 12.00 -25.02 -11.05
N LYS B 214 10.74 -25.30 -11.40
CA LYS B 214 10.40 -26.42 -12.26
C LYS B 214 9.46 -25.95 -13.35
N LEU B 215 9.52 -26.64 -14.49
CA LEU B 215 8.66 -26.37 -15.64
C LEU B 215 7.61 -27.46 -15.73
N TRP B 216 6.34 -27.07 -15.86
CA TRP B 216 5.23 -28.00 -15.89
C TRP B 216 4.47 -27.86 -17.20
N ASP B 217 3.84 -28.95 -17.62
CA ASP B 217 3.06 -28.98 -18.85
C ASP B 217 1.57 -28.92 -18.50
N VAL B 218 0.82 -28.17 -19.30
CA VAL B 218 -0.62 -28.04 -19.07
C VAL B 218 -1.32 -29.36 -19.38
N ARG B 219 -1.00 -29.97 -20.52
CA ARG B 219 -1.67 -31.20 -20.93
C ARG B 219 -1.24 -32.39 -20.07
N GLU B 220 0.06 -32.53 -19.84
CA GLU B 220 0.60 -33.62 -19.04
C GLU B 220 0.89 -33.12 -17.64
N GLY B 221 0.29 -33.76 -16.64
CA GLY B 221 0.49 -33.38 -15.26
C GLY B 221 1.82 -33.85 -14.71
N MET B 222 2.91 -33.32 -15.24
CA MET B 222 4.25 -33.71 -14.79
C MET B 222 5.24 -32.63 -15.22
N CYS B 223 6.33 -32.53 -14.45
CA CYS B 223 7.36 -31.53 -14.73
C CYS B 223 8.35 -32.08 -15.74
N ARG B 224 8.75 -31.24 -16.69
CA ARG B 224 9.70 -31.66 -17.71
C ARG B 224 11.13 -31.38 -17.31
N GLN B 225 11.37 -30.30 -16.58
CA GLN B 225 12.72 -29.93 -16.17
C GLN B 225 12.68 -29.33 -14.77
N THR B 226 13.84 -29.28 -14.14
CA THR B 226 13.98 -28.71 -12.80
C THR B 226 15.29 -27.95 -12.70
N PHE B 227 15.24 -26.77 -12.10
CA PHE B 227 16.41 -25.92 -11.93
C PHE B 227 16.67 -25.71 -10.45
N THR B 228 17.95 -25.72 -10.08
CA THR B 228 18.34 -25.57 -8.67
C THR B 228 19.53 -24.63 -8.52
N GLY B 229 19.64 -23.63 -9.40
CA GLY B 229 20.74 -22.69 -9.35
C GLY B 229 20.59 -21.57 -8.35
N HIS B 230 19.46 -21.49 -7.65
CA HIS B 230 19.24 -20.41 -6.71
C HIS B 230 19.98 -20.68 -5.39
N GLU B 231 20.33 -19.59 -4.71
CA GLU B 231 21.05 -19.71 -3.45
C GLU B 231 20.11 -19.64 -2.25
N SER B 232 18.97 -18.98 -2.41
CA SER B 232 18.04 -18.80 -1.30
C SER B 232 16.62 -18.81 -1.84
N ASP B 233 15.67 -18.37 -1.01
CA ASP B 233 14.26 -18.42 -1.38
C ASP B 233 14.00 -17.66 -2.66
N ILE B 234 13.30 -18.30 -3.60
CA ILE B 234 12.93 -17.68 -4.87
C ILE B 234 11.56 -17.04 -4.68
N ASN B 235 11.47 -15.73 -4.95
CA ASN B 235 10.21 -15.01 -4.76
C ASN B 235 9.42 -14.93 -6.06
N ALA B 236 9.99 -14.31 -7.09
CA ALA B 236 9.28 -14.01 -8.32
C ALA B 236 9.85 -14.83 -9.47
N ILE B 237 9.05 -14.98 -10.53
CA ILE B 237 9.42 -15.72 -11.72
C ILE B 237 8.65 -15.15 -12.90
N CYS B 238 9.27 -15.16 -14.09
CA CYS B 238 8.65 -14.60 -15.28
C CYS B 238 9.18 -15.32 -16.50
N PHE B 239 8.31 -15.55 -17.48
CA PHE B 239 8.69 -16.23 -18.71
C PHE B 239 9.31 -15.25 -19.69
N PHE B 240 10.35 -15.70 -20.39
CA PHE B 240 10.95 -14.88 -21.44
C PHE B 240 9.94 -14.71 -22.58
N PRO B 241 9.93 -13.54 -23.23
CA PRO B 241 8.91 -13.30 -24.27
C PRO B 241 8.82 -14.38 -25.34
N ASN B 242 9.86 -15.19 -25.54
CA ASN B 242 9.82 -16.25 -26.54
C ASN B 242 9.37 -17.58 -25.95
N GLY B 243 9.29 -17.71 -24.63
CA GLY B 243 8.87 -18.95 -24.00
C GLY B 243 9.94 -20.00 -23.87
N ASN B 244 11.18 -19.72 -24.30
CA ASN B 244 12.27 -20.68 -24.22
C ASN B 244 13.11 -20.52 -22.96
N ALA B 245 12.95 -19.43 -22.22
CA ALA B 245 13.72 -19.19 -21.02
C ALA B 245 12.86 -18.43 -20.02
N PHE B 246 13.36 -18.34 -18.78
CA PHE B 246 12.67 -17.62 -17.72
C PHE B 246 13.71 -17.12 -16.72
N ALA B 247 13.32 -16.07 -15.98
CA ALA B 247 14.14 -15.49 -14.94
C ALA B 247 13.43 -15.61 -13.60
N THR B 248 14.21 -15.73 -12.52
CA THR B 248 13.69 -15.90 -11.19
C THR B 248 14.29 -14.85 -10.26
N GLY B 249 13.47 -14.38 -9.31
CA GLY B 249 13.95 -13.47 -8.28
C GLY B 249 13.95 -14.17 -6.93
N SER B 250 15.01 -13.93 -6.17
CA SER B 250 15.22 -14.59 -4.89
C SER B 250 15.67 -13.59 -3.86
N ASP B 251 15.77 -14.05 -2.61
CA ASP B 251 16.17 -13.19 -1.50
C ASP B 251 17.69 -13.12 -1.39
N ASP B 252 18.36 -12.78 -2.49
CA ASP B 252 19.80 -12.66 -2.51
C ASP B 252 20.32 -11.53 -3.39
N ALA B 253 19.43 -10.73 -3.99
CA ALA B 253 19.80 -9.59 -4.82
C ALA B 253 20.49 -10.03 -6.11
N THR B 254 20.14 -11.18 -6.66
CA THR B 254 20.72 -11.67 -7.90
C THR B 254 19.63 -12.30 -8.75
N CYS B 255 19.50 -11.83 -10.00
CA CYS B 255 18.57 -12.41 -10.95
C CYS B 255 19.29 -13.49 -11.77
N ARG B 256 18.57 -14.57 -12.06
CA ARG B 256 19.14 -15.72 -12.76
C ARG B 256 18.24 -16.07 -13.93
N LEU B 257 18.83 -16.09 -15.12
CA LEU B 257 18.10 -16.42 -16.35
C LEU B 257 18.31 -17.90 -16.65
N PHE B 258 17.23 -18.67 -16.55
CA PHE B 258 17.27 -20.10 -16.82
C PHE B 258 16.66 -20.39 -18.18
N ASP B 259 17.29 -21.28 -18.94
CA ASP B 259 16.84 -21.66 -20.27
C ASP B 259 16.15 -23.01 -20.20
N LEU B 260 15.00 -23.13 -20.87
CA LEU B 260 14.22 -24.36 -20.88
C LEU B 260 14.69 -25.35 -21.93
N ARG B 261 15.79 -25.07 -22.62
CA ARG B 261 16.35 -25.97 -23.62
C ARG B 261 17.74 -26.47 -23.25
N ALA B 262 18.59 -25.60 -22.68
CA ALA B 262 19.89 -26.04 -22.20
C ALA B 262 19.81 -26.58 -20.77
N ASP B 263 18.76 -26.22 -20.04
CA ASP B 263 18.56 -26.71 -18.67
C ASP B 263 19.71 -26.26 -17.76
N GLN B 264 19.96 -24.95 -17.75
CA GLN B 264 20.99 -24.39 -16.88
C GLN B 264 20.86 -22.87 -16.91
N GLU B 265 21.52 -22.23 -15.95
CA GLU B 265 21.52 -20.78 -15.87
C GLU B 265 22.42 -20.18 -16.94
N LEU B 266 21.93 -19.14 -17.61
CA LEU B 266 22.69 -18.47 -18.65
C LEU B 266 23.48 -17.28 -18.10
N MET B 267 22.82 -16.41 -17.36
CA MET B 267 23.45 -15.20 -16.82
C MET B 267 22.90 -14.94 -15.43
N THR B 268 23.79 -14.48 -14.54
CA THR B 268 23.45 -14.15 -13.16
C THR B 268 23.66 -12.66 -12.97
N TYR B 269 22.56 -11.90 -12.99
CA TYR B 269 22.62 -10.45 -12.83
C TYR B 269 22.72 -10.14 -11.34
N SER B 270 23.90 -9.73 -10.88
CA SER B 270 24.14 -9.48 -9.48
C SER B 270 25.04 -8.26 -9.32
N HIS B 271 24.92 -7.60 -8.18
CA HIS B 271 25.74 -6.43 -7.86
C HIS B 271 26.01 -6.40 -6.37
N ASP B 272 27.14 -5.80 -6.00
CA ASP B 272 27.53 -5.76 -4.59
C ASP B 272 26.64 -4.81 -3.80
N ASN B 273 26.46 -3.58 -4.27
CA ASN B 273 25.68 -2.60 -3.54
C ASN B 273 24.22 -3.01 -3.39
N ILE B 274 23.72 -3.90 -4.25
CA ILE B 274 22.34 -4.37 -4.18
C ILE B 274 22.31 -5.60 -3.27
N ILE B 275 21.67 -5.45 -2.11
CA ILE B 275 21.58 -6.54 -1.13
C ILE B 275 20.15 -6.91 -0.81
N CYS B 276 19.17 -6.09 -1.16
CA CYS B 276 17.78 -6.38 -0.84
C CYS B 276 17.24 -7.49 -1.75
N GLY B 277 16.22 -8.19 -1.26
CA GLY B 277 15.65 -9.28 -2.02
C GLY B 277 14.82 -8.79 -3.19
N ILE B 278 14.62 -9.69 -4.16
CA ILE B 278 13.84 -9.40 -5.36
C ILE B 278 12.40 -9.77 -5.09
N THR B 279 11.49 -8.82 -5.34
CA THR B 279 10.06 -9.04 -5.10
C THR B 279 9.27 -9.31 -6.38
N SER B 280 9.68 -8.75 -7.50
CA SER B 280 8.97 -8.94 -8.76
C SER B 280 9.96 -8.83 -9.91
N VAL B 281 9.63 -9.50 -11.01
CA VAL B 281 10.46 -9.52 -12.21
C VAL B 281 9.55 -9.51 -13.44
N SER B 282 10.01 -8.88 -14.51
CA SER B 282 9.24 -8.82 -15.74
C SER B 282 10.20 -8.63 -16.91
N PHE B 283 9.70 -8.89 -18.11
CA PHE B 283 10.47 -8.76 -19.34
C PHE B 283 9.75 -7.85 -20.32
N SER B 284 10.54 -7.11 -21.09
CA SER B 284 9.99 -6.30 -22.18
C SER B 284 9.66 -7.18 -23.37
N LYS B 285 8.93 -6.60 -24.32
CA LYS B 285 8.52 -7.37 -25.50
C LYS B 285 9.74 -7.86 -26.28
N SER B 286 10.84 -7.12 -26.26
CA SER B 286 12.05 -7.52 -26.97
C SER B 286 12.96 -8.41 -26.12
N GLY B 287 12.72 -8.49 -24.82
CA GLY B 287 13.54 -9.30 -23.94
C GLY B 287 14.85 -8.68 -23.51
N ARG B 288 15.26 -7.56 -24.12
CA ARG B 288 16.51 -6.93 -23.73
C ARG B 288 16.42 -6.32 -22.33
N LEU B 289 15.40 -5.49 -22.10
CA LEU B 289 15.23 -4.81 -20.83
C LEU B 289 14.59 -5.76 -19.83
N LEU B 290 15.35 -6.17 -18.82
CA LEU B 290 14.86 -7.04 -17.76
C LEU B 290 14.65 -6.20 -16.51
N LEU B 291 13.40 -6.04 -16.11
CA LEU B 291 13.04 -5.24 -14.94
C LEU B 291 12.80 -6.15 -13.75
N ALA B 292 13.38 -5.79 -12.61
CA ALA B 292 13.27 -6.56 -11.37
C ALA B 292 13.04 -5.60 -10.22
N GLY B 293 12.01 -5.88 -9.42
CA GLY B 293 11.70 -5.05 -8.26
C GLY B 293 12.49 -5.50 -7.05
N TYR B 294 13.13 -4.55 -6.38
CA TYR B 294 13.94 -4.81 -5.21
C TYR B 294 13.31 -4.17 -3.99
N ASP B 295 13.67 -4.68 -2.81
CA ASP B 295 13.15 -4.15 -1.55
C ASP B 295 13.82 -2.86 -1.12
N ASP B 296 14.66 -2.26 -1.97
CA ASP B 296 15.35 -1.02 -1.63
C ASP B 296 14.50 0.19 -2.01
N PHE B 297 13.19 0.00 -2.12
CA PHE B 297 12.25 1.06 -2.46
C PHE B 297 12.47 1.59 -3.87
N ASN B 298 13.04 0.76 -4.75
CA ASN B 298 13.28 1.16 -6.13
C ASN B 298 13.40 -0.09 -7.00
N CYS B 299 13.26 0.11 -8.31
CA CYS B 299 13.38 -0.96 -9.28
C CYS B 299 14.54 -0.66 -10.23
N ASN B 300 15.21 -1.71 -10.67
CA ASN B 300 16.36 -1.59 -11.56
C ASN B 300 16.09 -2.35 -12.86
N VAL B 301 16.68 -1.84 -13.95
CA VAL B 301 16.55 -2.44 -15.27
C VAL B 301 17.87 -3.11 -15.61
N TRP B 302 17.81 -4.37 -16.02
CA TRP B 302 19.00 -5.16 -16.36
C TRP B 302 18.92 -5.60 -17.81
N ASP B 303 20.01 -5.40 -18.55
CA ASP B 303 20.10 -5.83 -19.94
C ASP B 303 20.33 -7.34 -19.98
N ALA B 304 19.40 -8.07 -20.60
CA ALA B 304 19.50 -9.52 -20.64
C ALA B 304 20.79 -9.99 -21.31
N LEU B 305 21.30 -9.24 -22.28
CA LEU B 305 22.51 -9.65 -23.00
C LEU B 305 23.76 -9.09 -22.32
N LYS B 306 23.84 -7.76 -22.17
CA LYS B 306 25.00 -7.15 -21.56
C LYS B 306 25.12 -7.45 -20.07
N ALA B 307 24.01 -7.75 -19.41
CA ALA B 307 23.93 -8.07 -17.99
C ALA B 307 24.20 -6.85 -17.11
N ASP B 308 24.46 -5.67 -17.68
CA ASP B 308 24.71 -4.48 -16.91
C ASP B 308 23.40 -3.76 -16.58
N ARG B 309 23.46 -2.88 -15.59
CA ARG B 309 22.29 -2.12 -15.16
C ARG B 309 21.94 -1.07 -16.22
N ALA B 310 20.74 -1.18 -16.79
CA ALA B 310 20.31 -0.24 -17.80
C ALA B 310 19.67 1.02 -17.21
N GLY B 311 19.16 0.95 -15.99
CA GLY B 311 18.54 2.10 -15.37
C GLY B 311 17.96 1.74 -14.03
N VAL B 312 17.40 2.76 -13.37
CA VAL B 312 16.79 2.61 -12.06
C VAL B 312 15.51 3.43 -12.01
N LEU B 313 14.47 2.85 -11.41
CA LEU B 313 13.20 3.52 -11.18
C LEU B 313 13.03 3.74 -9.69
N ALA B 314 13.31 4.96 -9.23
CA ALA B 314 13.25 5.28 -7.81
C ALA B 314 12.12 6.26 -7.49
N GLY B 315 11.00 6.17 -8.22
CA GLY B 315 9.89 7.06 -7.95
C GLY B 315 9.09 6.70 -6.72
N HIS B 316 9.18 5.46 -6.27
CA HIS B 316 8.44 5.01 -5.09
C HIS B 316 9.25 5.27 -3.82
N ASP B 317 8.55 5.25 -2.68
CA ASP B 317 9.18 5.44 -1.38
C ASP B 317 8.93 4.23 -0.47
N ASN B 318 8.57 3.09 -1.04
CA ASN B 318 8.33 1.88 -0.26
C ASN B 318 8.63 0.68 -1.15
N ARG B 319 8.56 -0.51 -0.56
CA ARG B 319 8.89 -1.74 -1.27
C ARG B 319 8.02 -1.88 -2.52
N VAL B 320 8.67 -1.97 -3.68
CA VAL B 320 7.97 -2.23 -4.93
C VAL B 320 7.50 -3.69 -4.92
N SER B 321 6.20 -3.90 -4.75
CA SER B 321 5.67 -5.24 -4.58
C SER B 321 5.36 -5.92 -5.91
N CYS B 322 5.07 -5.15 -6.95
CA CYS B 322 4.64 -5.72 -8.21
C CYS B 322 4.97 -4.77 -9.36
N LEU B 323 5.16 -5.35 -10.54
CA LEU B 323 5.42 -4.57 -11.75
C LEU B 323 5.02 -5.40 -12.96
N GLY B 324 4.82 -4.72 -14.07
CA GLY B 324 4.40 -5.40 -15.30
C GLY B 324 4.50 -4.53 -16.54
N VAL B 325 4.79 -5.16 -17.67
CA VAL B 325 4.90 -4.47 -18.96
C VAL B 325 3.67 -4.78 -19.79
N THR B 326 3.16 -3.78 -20.49
CA THR B 326 1.97 -3.98 -21.32
C THR B 326 2.27 -4.97 -22.44
N ASP B 327 1.21 -5.65 -22.90
CA ASP B 327 1.37 -6.67 -23.94
C ASP B 327 1.78 -6.06 -25.27
N ASP B 328 1.34 -4.83 -25.56
CA ASP B 328 1.66 -4.18 -26.81
C ASP B 328 3.01 -3.47 -26.79
N GLY B 329 3.66 -3.40 -25.64
CA GLY B 329 4.95 -2.72 -25.54
C GLY B 329 4.84 -1.21 -25.68
N MET B 330 4.09 -0.58 -24.77
CA MET B 330 3.97 0.88 -24.75
C MET B 330 4.23 1.52 -23.39
N ALA B 331 4.05 0.80 -22.28
CA ALA B 331 4.25 1.38 -20.96
C ALA B 331 4.62 0.28 -19.99
N VAL B 332 5.03 0.70 -18.79
CA VAL B 332 5.37 -0.22 -17.70
C VAL B 332 4.71 0.29 -16.43
N ALA B 333 4.09 -0.61 -15.68
CA ALA B 333 3.45 -0.29 -14.42
C ALA B 333 4.27 -0.83 -13.26
N THR B 334 4.17 -0.16 -12.11
CA THR B 334 4.87 -0.57 -10.90
C THR B 334 3.98 -0.31 -9.70
N GLY B 335 3.95 -1.27 -8.79
CA GLY B 335 3.18 -1.15 -7.57
C GLY B 335 4.06 -1.28 -6.35
N SER B 336 3.69 -0.55 -5.30
CA SER B 336 4.47 -0.52 -4.07
C SER B 336 3.53 -0.49 -2.87
N TRP B 337 4.09 -0.78 -1.70
CA TRP B 337 3.31 -0.77 -0.47
C TRP B 337 2.86 0.63 -0.06
N ASP B 338 3.35 1.67 -0.73
CA ASP B 338 2.95 3.05 -0.43
C ASP B 338 1.58 3.40 -1.00
N SER B 339 0.83 2.43 -1.51
CA SER B 339 -0.53 2.60 -2.01
C SER B 339 -0.59 3.39 -3.31
N PHE B 340 0.56 3.67 -3.94
CA PHE B 340 0.60 4.41 -5.19
C PHE B 340 1.14 3.52 -6.31
N LEU B 341 0.46 3.52 -7.43
CA LEU B 341 0.86 2.76 -8.61
C LEU B 341 1.26 3.74 -9.71
N LYS B 342 2.51 3.65 -10.16
CA LYS B 342 3.06 4.56 -11.14
C LYS B 342 3.29 3.83 -12.46
N ILE B 343 2.95 4.51 -13.57
CA ILE B 343 3.17 3.99 -14.91
C ILE B 343 4.35 4.71 -15.51
N TRP B 344 5.27 3.95 -16.11
CA TRP B 344 6.50 4.50 -16.69
C TRP B 344 6.50 4.27 -18.19
N ASN B 345 7.15 5.18 -18.91
CA ASN B 345 7.25 5.08 -20.36
C ASN B 345 8.51 5.78 -20.85
N VAL C 1 -32.74 -8.11 -16.83
CA VAL C 1 -32.99 -6.69 -17.19
C VAL C 1 -34.42 -6.52 -17.69
N GLN C 2 -35.09 -5.47 -17.22
CA GLN C 2 -36.46 -5.20 -17.62
C GLN C 2 -36.79 -3.75 -17.31
N LEU C 3 -37.54 -3.12 -18.22
CA LEU C 3 -37.98 -1.75 -18.06
C LEU C 3 -39.44 -1.65 -18.48
N VAL C 4 -40.28 -1.17 -17.56
CA VAL C 4 -41.73 -1.07 -17.78
C VAL C 4 -42.12 0.38 -17.53
N GLU C 5 -42.61 1.05 -18.57
CA GLU C 5 -43.04 2.43 -18.48
C GLU C 5 -44.55 2.48 -18.25
N SER C 6 -44.99 3.52 -17.56
CA SER C 6 -46.42 3.70 -17.26
C SER C 6 -46.71 5.19 -17.26
N GLY C 7 -47.92 5.55 -16.85
CA GLY C 7 -48.35 6.94 -16.78
C GLY C 7 -48.97 7.47 -18.05
N GLY C 8 -49.18 6.63 -19.06
CA GLY C 8 -49.78 7.09 -20.29
C GLY C 8 -51.27 7.31 -20.16
N GLY C 9 -51.85 7.84 -21.23
CA GLY C 9 -53.26 8.12 -21.30
C GLY C 9 -53.52 9.37 -22.11
N LEU C 10 -54.78 9.80 -22.12
CA LEU C 10 -55.19 10.98 -22.86
C LEU C 10 -55.12 12.21 -21.95
N VAL C 11 -54.51 13.28 -22.45
CA VAL C 11 -54.36 14.52 -21.71
C VAL C 11 -54.66 15.68 -22.65
N GLN C 12 -55.37 16.69 -22.14
CA GLN C 12 -55.72 17.84 -22.94
C GLN C 12 -54.52 18.80 -23.03
N PRO C 13 -54.52 19.69 -24.03
CA PRO C 13 -53.41 20.65 -24.15
C PRO C 13 -53.24 21.46 -22.88
N GLY C 14 -51.99 21.78 -22.56
CA GLY C 14 -51.67 22.55 -21.38
C GLY C 14 -51.73 21.79 -20.08
N GLY C 15 -52.09 20.51 -20.10
CA GLY C 15 -52.15 19.72 -18.89
C GLY C 15 -50.78 19.26 -18.44
N SER C 16 -50.79 18.44 -17.38
CA SER C 16 -49.57 17.90 -16.80
C SER C 16 -49.75 16.41 -16.56
N ARG C 17 -48.67 15.65 -16.75
CA ARG C 17 -48.69 14.21 -16.55
C ARG C 17 -47.29 13.75 -16.16
N LYS C 18 -47.20 12.93 -15.12
CA LYS C 18 -45.92 12.44 -14.61
C LYS C 18 -45.73 11.00 -15.07
N LEU C 19 -44.78 10.79 -15.99
CA LEU C 19 -44.44 9.45 -16.42
C LEU C 19 -43.46 8.81 -15.43
N SER C 20 -43.51 7.48 -15.36
CA SER C 20 -42.66 6.73 -14.46
C SER C 20 -42.24 5.42 -15.12
N CYS C 21 -41.12 4.88 -14.66
CA CYS C 21 -40.59 3.62 -15.17
C CYS C 21 -39.84 2.90 -14.06
N SER C 22 -40.11 1.61 -13.91
CA SER C 22 -39.48 0.79 -12.89
C SER C 22 -38.37 -0.06 -13.51
N ALA C 23 -37.20 -0.06 -12.86
CA ALA C 23 -36.04 -0.80 -13.32
C ALA C 23 -35.83 -2.03 -12.44
N SER C 24 -35.49 -3.15 -13.07
CA SER C 24 -35.23 -4.39 -12.36
C SER C 24 -34.29 -5.26 -13.18
N GLY C 25 -33.62 -6.18 -12.50
CA GLY C 25 -32.73 -7.09 -13.18
C GLY C 25 -31.36 -6.54 -13.46
N PHE C 26 -31.00 -5.40 -12.86
CA PHE C 26 -29.68 -4.81 -13.06
C PHE C 26 -29.49 -3.68 -12.06
N ALA C 27 -28.24 -3.21 -11.98
CA ALA C 27 -27.87 -2.13 -11.05
C ALA C 27 -28.33 -0.80 -11.65
N PHE C 28 -29.57 -0.42 -11.31
CA PHE C 28 -30.13 0.83 -11.81
C PHE C 28 -29.24 2.01 -11.46
N SER C 29 -28.68 2.01 -10.24
CA SER C 29 -27.83 3.13 -9.81
C SER C 29 -26.62 3.32 -10.72
N SER C 30 -26.13 2.26 -11.36
CA SER C 30 -24.93 2.35 -12.17
C SER C 30 -25.22 2.71 -13.62
N PHE C 31 -26.48 2.62 -14.05
CA PHE C 31 -26.87 2.89 -15.43
C PHE C 31 -27.60 4.21 -15.52
N GLY C 32 -27.16 5.07 -16.46
CA GLY C 32 -27.90 6.28 -16.75
C GLY C 32 -29.10 6.00 -17.63
N MET C 33 -30.15 6.81 -17.45
CA MET C 33 -31.42 6.61 -18.12
C MET C 33 -31.61 7.67 -19.21
N HIS C 34 -32.24 7.26 -20.30
CA HIS C 34 -32.56 8.14 -21.41
C HIS C 34 -34.04 8.00 -21.77
N TRP C 35 -34.61 9.08 -22.29
CA TRP C 35 -35.98 9.08 -22.79
C TRP C 35 -35.97 9.46 -24.27
N VAL C 36 -36.57 8.61 -25.10
CA VAL C 36 -36.63 8.80 -26.53
C VAL C 36 -38.08 8.68 -26.97
N ARG C 37 -38.60 9.72 -27.62
CA ARG C 37 -39.97 9.72 -28.12
C ARG C 37 -40.00 9.23 -29.56
N GLN C 38 -41.16 8.69 -29.95
CA GLN C 38 -41.39 8.20 -31.30
C GLN C 38 -42.78 8.63 -31.74
N ALA C 39 -42.84 9.68 -32.55
CA ALA C 39 -44.13 10.15 -33.03
C ALA C 39 -44.76 9.11 -33.95
N PRO C 40 -46.08 9.07 -34.05
CA PRO C 40 -46.72 8.04 -34.88
C PRO C 40 -46.29 8.15 -36.34
N GLU C 41 -45.80 7.03 -36.88
CA GLU C 41 -45.37 6.96 -38.28
C GLU C 41 -44.20 7.91 -38.55
N LYS C 42 -43.28 7.99 -37.59
CA LYS C 42 -42.10 8.83 -37.74
C LYS C 42 -40.95 8.20 -36.98
N GLY C 43 -39.76 8.80 -37.15
CA GLY C 43 -38.57 8.30 -36.51
C GLY C 43 -38.49 8.66 -35.05
N LEU C 44 -37.37 8.29 -34.43
CA LEU C 44 -37.14 8.55 -33.03
C LEU C 44 -36.60 9.96 -32.83
N GLU C 45 -36.59 10.40 -31.56
CA GLU C 45 -36.09 11.70 -31.19
C GLU C 45 -35.75 11.69 -29.70
N TRP C 46 -34.56 12.19 -29.37
CA TRP C 46 -34.13 12.24 -27.97
C TRP C 46 -34.91 13.29 -27.21
N VAL C 47 -35.25 12.98 -25.96
CA VAL C 47 -36.04 13.86 -25.10
C VAL C 47 -35.19 14.46 -23.98
N ALA C 48 -34.63 13.62 -23.12
CA ALA C 48 -33.86 14.11 -21.99
C ALA C 48 -32.87 13.02 -21.56
N TYR C 49 -31.95 13.41 -20.69
CA TYR C 49 -30.92 12.51 -20.19
C TYR C 49 -30.63 12.81 -18.72
N ILE C 50 -30.41 11.76 -17.94
CA ILE C 50 -30.08 11.88 -16.53
C ILE C 50 -28.91 10.94 -16.25
N SER C 51 -27.84 11.48 -15.67
CA SER C 51 -26.66 10.69 -15.38
C SER C 51 -26.84 9.98 -14.02
N SER C 52 -25.81 9.25 -13.63
CA SER C 52 -25.85 8.54 -12.36
C SER C 52 -25.75 9.53 -11.19
N GLY C 53 -26.56 9.29 -10.17
CA GLY C 53 -26.58 10.17 -9.01
C GLY C 53 -27.18 11.53 -9.25
N SER C 54 -27.88 11.73 -10.37
CA SER C 54 -28.52 13.01 -10.69
C SER C 54 -27.49 14.14 -10.78
N GLY C 55 -26.25 13.81 -11.17
CA GLY C 55 -25.22 14.83 -11.26
C GLY C 55 -25.37 15.68 -12.50
N THR C 56 -25.55 15.04 -13.66
CA THR C 56 -25.66 15.73 -14.95
C THR C 56 -27.04 15.42 -15.53
N ILE C 57 -27.80 16.46 -15.83
CA ILE C 57 -29.14 16.33 -16.40
C ILE C 57 -29.24 17.29 -17.57
N TYR C 58 -29.64 16.76 -18.73
CA TYR C 58 -29.80 17.55 -19.95
C TYR C 58 -31.14 17.25 -20.58
N TYR C 59 -31.71 18.27 -21.22
CA TYR C 59 -33.00 18.16 -21.90
C TYR C 59 -32.87 18.67 -23.32
N ALA C 60 -33.73 18.14 -24.20
CA ALA C 60 -33.73 18.57 -25.58
C ALA C 60 -34.30 19.98 -25.71
N ASP C 61 -33.75 20.74 -26.66
CA ASP C 61 -34.18 22.12 -26.85
C ASP C 61 -35.68 22.21 -27.12
N THR C 62 -36.23 21.21 -27.82
CA THR C 62 -37.65 21.22 -28.13
C THR C 62 -38.52 20.99 -26.91
N VAL C 63 -37.95 20.45 -25.83
CA VAL C 63 -38.72 20.14 -24.62
C VAL C 63 -38.07 20.78 -23.41
N LYS C 64 -36.92 21.41 -23.59
CA LYS C 64 -36.20 22.04 -22.48
C LYS C 64 -37.11 23.02 -21.76
N GLY C 65 -37.15 22.90 -20.43
CA GLY C 65 -37.96 23.76 -19.59
C GLY C 65 -39.28 23.18 -19.18
N ARG C 66 -39.94 22.46 -20.10
CA ARG C 66 -41.25 21.89 -19.79
C ARG C 66 -41.13 20.55 -19.08
N PHE C 67 -40.15 19.73 -19.48
CA PHE C 67 -39.95 18.40 -18.93
C PHE C 67 -38.88 18.43 -17.85
N THR C 68 -39.08 17.63 -16.80
CA THR C 68 -38.12 17.51 -15.71
C THR C 68 -37.98 16.04 -15.35
N ILE C 69 -36.76 15.52 -15.46
CA ILE C 69 -36.47 14.10 -15.23
C ILE C 69 -35.83 13.95 -13.86
N SER C 70 -36.20 12.88 -13.16
CA SER C 70 -35.64 12.60 -11.84
C SER C 70 -35.64 11.10 -11.62
N ARG C 71 -34.73 10.63 -10.77
CA ARG C 71 -34.58 9.22 -10.47
C ARG C 71 -34.46 9.03 -8.96
N ASP C 72 -34.69 7.80 -8.52
CA ASP C 72 -34.62 7.44 -7.12
C ASP C 72 -33.88 6.12 -6.99
N ASP C 73 -32.66 6.17 -6.44
CA ASP C 73 -31.87 4.95 -6.31
C ASP C 73 -32.45 4.00 -5.27
N PRO C 74 -32.86 4.48 -4.08
CA PRO C 74 -33.40 3.54 -3.08
C PRO C 74 -34.51 2.64 -3.61
N LYS C 75 -35.41 3.18 -4.44
CA LYS C 75 -36.51 2.41 -5.00
C LYS C 75 -36.20 1.89 -6.40
N ASN C 76 -35.11 2.32 -7.01
CA ASN C 76 -34.73 1.89 -8.36
C ASN C 76 -35.85 2.19 -9.35
N THR C 77 -36.23 3.47 -9.43
CA THR C 77 -37.29 3.90 -10.31
C THR C 77 -36.88 5.19 -11.00
N LEU C 78 -37.58 5.52 -12.08
CA LEU C 78 -37.33 6.73 -12.85
C LEU C 78 -38.63 7.49 -13.04
N PHE C 79 -38.54 8.82 -13.05
CA PHE C 79 -39.71 9.67 -13.20
C PHE C 79 -39.43 10.75 -14.24
N LEU C 80 -40.49 11.19 -14.90
CA LEU C 80 -40.40 12.25 -15.91
C LEU C 80 -41.69 13.07 -15.83
N GLN C 81 -41.60 14.27 -15.26
CA GLN C 81 -42.75 15.15 -15.08
C GLN C 81 -42.83 16.10 -16.26
N MET C 82 -43.99 16.13 -16.92
CA MET C 82 -44.23 16.99 -18.06
C MET C 82 -45.31 18.00 -17.73
N THR C 83 -45.05 19.27 -18.03
CA THR C 83 -45.98 20.35 -17.78
C THR C 83 -46.21 21.14 -19.07
N SER C 84 -47.43 21.65 -19.23
CA SER C 84 -47.81 22.42 -20.40
C SER C 84 -47.59 21.61 -21.68
N LEU C 85 -48.14 20.41 -21.70
CA LEU C 85 -48.00 19.53 -22.86
C LEU C 85 -48.58 20.19 -24.11
N ARG C 86 -47.79 20.21 -25.17
CA ARG C 86 -48.21 20.75 -26.45
C ARG C 86 -48.81 19.65 -27.31
N SER C 87 -49.64 20.08 -28.28
CA SER C 87 -50.28 19.12 -29.17
C SER C 87 -49.24 18.27 -29.90
N GLU C 88 -48.11 18.85 -30.24
CA GLU C 88 -47.05 18.12 -30.93
C GLU C 88 -46.37 17.09 -30.04
N ASP C 89 -46.49 17.22 -28.71
CA ASP C 89 -45.84 16.30 -27.79
C ASP C 89 -46.48 14.91 -27.80
N THR C 90 -47.58 14.71 -28.52
CA THR C 90 -48.23 13.41 -28.59
C THR C 90 -47.32 12.40 -29.29
N ALA C 91 -46.81 11.42 -28.55
CA ALA C 91 -45.92 10.41 -29.10
C ALA C 91 -45.68 9.35 -28.04
N MET C 92 -45.04 8.27 -28.46
CA MET C 92 -44.70 7.16 -27.58
C MET C 92 -43.26 7.35 -27.07
N TYR C 93 -43.08 7.27 -25.76
CA TYR C 93 -41.81 7.53 -25.11
C TYR C 93 -41.21 6.20 -24.65
N TYR C 94 -39.95 5.96 -25.01
CA TYR C 94 -39.22 4.77 -24.62
C TYR C 94 -38.12 5.15 -23.63
N CYS C 95 -37.99 4.37 -22.56
CA CYS C 95 -36.91 4.56 -21.60
C CYS C 95 -35.76 3.62 -21.94
N VAL C 96 -34.54 4.14 -21.84
CA VAL C 96 -33.34 3.40 -22.22
C VAL C 96 -32.28 3.59 -21.15
N ARG C 97 -31.57 2.50 -20.83
CA ARG C 97 -30.47 2.55 -19.87
C ARG C 97 -29.16 2.75 -20.60
N SER C 98 -28.17 3.28 -19.88
CA SER C 98 -26.85 3.52 -20.44
C SER C 98 -25.81 3.50 -19.32
N ILE C 99 -24.65 2.93 -19.64
CA ILE C 99 -23.50 2.94 -18.74
C ILE C 99 -22.26 3.24 -19.58
N TYR C 100 -21.43 4.16 -19.09
CA TYR C 100 -20.31 4.69 -19.86
C TYR C 100 -19.00 4.28 -19.22
N TYR C 101 -18.20 3.49 -19.95
CA TYR C 101 -16.86 3.13 -19.54
C TYR C 101 -16.19 2.45 -20.74
N TYR C 102 -14.87 2.31 -20.66
CA TYR C 102 -14.11 1.72 -21.76
C TYR C 102 -14.63 0.32 -22.05
N GLY C 103 -15.08 0.11 -23.29
CA GLY C 103 -15.62 -1.16 -23.70
C GLY C 103 -17.10 -1.34 -23.45
N SER C 104 -17.79 -0.31 -22.96
CA SER C 104 -19.21 -0.41 -22.68
C SER C 104 -20.03 -0.34 -23.97
N SER C 105 -21.33 -0.60 -23.84
CA SER C 105 -22.26 -0.54 -24.96
C SER C 105 -23.51 0.22 -24.50
N PRO C 106 -23.47 1.55 -24.49
CA PRO C 106 -24.66 2.31 -24.06
C PRO C 106 -25.86 2.01 -24.95
N PHE C 107 -27.05 2.25 -24.39
CA PHE C 107 -28.31 2.02 -25.08
C PHE C 107 -28.48 0.55 -25.47
N ASP C 108 -28.03 -0.36 -24.60
CA ASP C 108 -28.07 -1.78 -24.91
C ASP C 108 -29.44 -2.40 -24.64
N PHE C 109 -30.32 -1.73 -23.92
CA PHE C 109 -31.63 -2.28 -23.58
C PHE C 109 -32.68 -1.18 -23.66
N TRP C 110 -33.75 -1.45 -24.39
CA TRP C 110 -34.86 -0.52 -24.56
C TRP C 110 -36.11 -1.10 -23.91
N GLY C 111 -36.82 -0.27 -23.16
CA GLY C 111 -38.03 -0.70 -22.48
C GLY C 111 -39.19 -0.88 -23.44
N GLN C 112 -40.34 -1.22 -22.86
CA GLN C 112 -41.55 -1.42 -23.66
C GLN C 112 -42.15 -0.12 -24.14
N GLY C 113 -41.84 1.01 -23.51
CA GLY C 113 -42.35 2.30 -23.95
C GLY C 113 -43.78 2.56 -23.51
N THR C 114 -44.11 3.84 -23.33
CA THR C 114 -45.45 4.25 -22.95
C THR C 114 -45.98 5.26 -23.96
N THR C 115 -47.29 5.23 -24.18
CA THR C 115 -47.95 6.10 -25.15
C THR C 115 -48.64 7.24 -24.43
N LEU C 116 -48.42 8.46 -24.92
CA LEU C 116 -49.04 9.66 -24.37
C LEU C 116 -49.79 10.37 -25.48
N THR C 117 -51.11 10.46 -25.35
CA THR C 117 -51.97 11.07 -26.34
C THR C 117 -52.37 12.47 -25.87
N VAL C 118 -52.00 13.49 -26.64
CA VAL C 118 -52.32 14.88 -26.34
C VAL C 118 -53.43 15.31 -27.29
N SER C 119 -54.51 15.85 -26.73
CA SER C 119 -55.64 16.32 -27.53
C SER C 119 -56.19 15.19 -28.39
N ALA C 136 -25.22 24.49 -33.25
CA ALA C 136 -26.38 23.79 -33.78
C ALA C 136 -26.23 22.29 -33.59
N ASP C 137 -27.36 21.58 -33.54
CA ASP C 137 -27.34 20.14 -33.35
C ASP C 137 -27.01 19.44 -34.67
N ILE C 138 -26.27 18.32 -34.57
CA ILE C 138 -25.90 17.56 -35.75
C ILE C 138 -27.14 16.91 -36.34
N VAL C 139 -27.21 16.88 -37.67
CA VAL C 139 -28.33 16.31 -38.39
C VAL C 139 -27.86 15.04 -39.09
N MET C 140 -28.71 14.00 -39.05
CA MET C 140 -28.42 12.72 -39.65
C MET C 140 -29.35 12.48 -40.83
N THR C 141 -28.79 11.97 -41.93
CA THR C 141 -29.56 11.69 -43.14
C THR C 141 -29.18 10.30 -43.65
N GLN C 142 -30.19 9.50 -43.97
CA GLN C 142 -30.00 8.15 -44.48
C GLN C 142 -30.25 8.13 -45.98
N ALA C 143 -29.79 7.04 -46.61
CA ALA C 143 -29.94 6.92 -48.06
C ALA C 143 -31.41 6.96 -48.47
N THR C 144 -32.19 5.99 -48.01
CA THR C 144 -33.60 5.90 -48.36
C THR C 144 -34.39 5.42 -47.15
N SER C 145 -35.69 5.73 -47.15
CA SER C 145 -36.56 5.36 -46.05
C SER C 145 -37.07 3.93 -46.16
N SER C 146 -37.06 3.35 -47.36
CA SER C 146 -37.54 1.99 -47.57
C SER C 146 -36.64 1.29 -48.59
N VAL C 147 -36.30 0.05 -48.32
CA VAL C 147 -35.45 -0.74 -49.21
C VAL C 147 -35.99 -2.17 -49.28
N PRO C 148 -36.92 -2.46 -50.19
CA PRO C 148 -37.44 -3.84 -50.29
C PRO C 148 -36.39 -4.78 -50.83
N VAL C 149 -36.24 -5.93 -50.17
CA VAL C 149 -35.24 -6.92 -50.54
C VAL C 149 -35.77 -8.31 -50.20
N THR C 150 -35.38 -9.29 -51.00
CA THR C 150 -35.80 -10.66 -50.78
C THR C 150 -34.94 -11.31 -49.69
N PRO C 151 -35.46 -12.35 -49.03
CA PRO C 151 -34.67 -13.00 -47.98
C PRO C 151 -33.44 -13.68 -48.56
N GLY C 152 -32.40 -13.80 -47.71
CA GLY C 152 -31.15 -14.40 -48.11
C GLY C 152 -30.21 -13.49 -48.86
N GLU C 153 -30.68 -12.33 -49.34
CA GLU C 153 -29.83 -11.42 -50.07
C GLU C 153 -29.11 -10.47 -49.12
N SER C 154 -27.91 -10.04 -49.52
CA SER C 154 -27.13 -9.12 -48.72
C SER C 154 -27.75 -7.73 -48.77
N VAL C 155 -27.88 -7.10 -47.60
CA VAL C 155 -28.49 -5.78 -47.48
C VAL C 155 -27.43 -4.82 -46.96
N SER C 156 -27.40 -3.62 -47.55
CA SER C 156 -26.46 -2.58 -47.16
C SER C 156 -27.20 -1.26 -47.04
N ILE C 157 -27.17 -0.66 -45.85
CA ILE C 157 -27.80 0.61 -45.57
C ILE C 157 -26.71 1.66 -45.36
N SER C 158 -26.86 2.82 -45.99
CA SER C 158 -25.88 3.89 -45.94
C SER C 158 -26.43 5.05 -45.12
N CYS C 159 -25.52 5.84 -44.56
CA CYS C 159 -25.89 6.99 -43.75
C CYS C 159 -24.81 8.07 -43.89
N ARG C 160 -25.20 9.30 -43.56
CA ARG C 160 -24.29 10.43 -43.63
C ARG C 160 -24.65 11.42 -42.53
N SER C 161 -23.62 12.09 -42.01
CA SER C 161 -23.78 13.07 -40.95
C SER C 161 -23.21 14.42 -41.38
N SER C 162 -23.77 15.49 -40.83
CA SER C 162 -23.31 16.83 -41.16
C SER C 162 -21.99 17.19 -40.50
N LYS C 163 -21.58 16.44 -39.47
CA LYS C 163 -20.32 16.69 -38.77
C LYS C 163 -19.61 15.38 -38.53
N SER C 164 -18.29 15.42 -38.61
CA SER C 164 -17.48 14.22 -38.43
C SER C 164 -17.59 13.74 -36.99
N LEU C 165 -18.15 12.55 -36.80
CA LEU C 165 -18.29 11.97 -35.47
C LEU C 165 -16.99 11.35 -34.97
N LEU C 166 -15.94 11.30 -35.79
CA LEU C 166 -14.66 10.73 -35.37
C LEU C 166 -13.95 11.72 -34.46
N HIS C 167 -14.02 11.47 -33.16
CA HIS C 167 -13.39 12.36 -32.18
C HIS C 167 -11.87 12.15 -32.20
N SER C 168 -11.16 13.11 -31.60
CA SER C 168 -9.70 13.04 -31.57
C SER C 168 -9.20 11.73 -30.99
N ASN C 169 -9.98 11.10 -30.11
CA ASN C 169 -9.59 9.84 -29.49
C ASN C 169 -9.77 8.65 -30.42
N GLY C 170 -10.13 8.86 -31.69
CA GLY C 170 -10.30 7.79 -32.63
C GLY C 170 -11.59 7.02 -32.52
N ASN C 171 -12.46 7.37 -31.57
CA ASN C 171 -13.72 6.65 -31.40
C ASN C 171 -14.79 7.25 -32.31
N THR C 172 -15.56 6.37 -32.96
CA THR C 172 -16.66 6.77 -33.82
C THR C 172 -17.96 6.58 -33.05
N TYR C 173 -18.53 7.69 -32.59
CA TYR C 173 -19.73 7.63 -31.75
C TYR C 173 -20.98 7.47 -32.60
N LEU C 174 -21.07 6.36 -33.33
CA LEU C 174 -22.23 6.05 -34.16
C LEU C 174 -22.99 4.88 -33.54
N TYR C 175 -24.32 4.98 -33.51
CA TYR C 175 -25.18 3.95 -32.98
C TYR C 175 -26.23 3.55 -34.01
N TRP C 176 -26.60 2.27 -33.99
CA TRP C 176 -27.61 1.72 -34.87
C TRP C 176 -28.64 0.98 -34.03
N PHE C 177 -29.91 1.10 -34.39
CA PHE C 177 -31.00 0.45 -33.68
C PHE C 177 -31.98 -0.13 -34.68
N LEU C 178 -32.52 -1.30 -34.33
CA LEU C 178 -33.50 -2.00 -35.15
C LEU C 178 -34.80 -2.16 -34.37
N GLN C 179 -35.88 -1.60 -34.91
CA GLN C 179 -37.20 -1.66 -34.28
C GLN C 179 -38.11 -2.52 -35.14
N ARG C 180 -38.30 -3.77 -34.72
CA ARG C 180 -39.18 -4.66 -35.44
C ARG C 180 -40.64 -4.25 -35.23
N PRO C 181 -41.53 -4.60 -36.15
CA PRO C 181 -42.94 -4.22 -36.00
C PRO C 181 -43.53 -4.86 -34.74
N GLY C 182 -43.93 -4.00 -33.80
CA GLY C 182 -44.49 -4.48 -32.54
C GLY C 182 -43.45 -4.74 -31.46
N GLN C 183 -42.22 -4.28 -31.64
CA GLN C 183 -41.17 -4.46 -30.66
C GLN C 183 -40.36 -3.17 -30.53
N SER C 184 -39.70 -3.03 -29.39
CA SER C 184 -38.90 -1.86 -29.13
C SER C 184 -37.56 -1.94 -29.89
N PRO C 185 -36.88 -0.81 -30.05
CA PRO C 185 -35.60 -0.84 -30.77
C PRO C 185 -34.60 -1.77 -30.09
N GLN C 186 -33.70 -2.32 -30.89
CA GLN C 186 -32.65 -3.22 -30.42
C GLN C 186 -31.30 -2.70 -30.91
N LEU C 187 -30.34 -2.61 -29.99
CA LEU C 187 -29.02 -2.10 -30.31
C LEU C 187 -28.26 -3.11 -31.15
N LEU C 188 -27.81 -2.70 -32.35
CA LEU C 188 -27.02 -3.55 -33.22
C LEU C 188 -25.55 -3.20 -33.11
N ILE C 189 -25.21 -1.93 -33.33
CA ILE C 189 -23.83 -1.45 -33.28
C ILE C 189 -23.81 -0.19 -32.45
N TYR C 190 -22.76 -0.05 -31.61
CA TYR C 190 -22.58 1.15 -30.80
C TYR C 190 -21.35 1.96 -31.16
N ARG C 191 -20.35 1.34 -31.77
CA ARG C 191 -19.16 2.06 -32.23
C ARG C 191 -18.52 1.34 -33.41
N SER C 193 -18.72 -0.68 -35.86
CA SER C 193 -17.85 -1.84 -36.07
C SER C 193 -18.07 -2.87 -34.97
N ASN C 194 -17.95 -2.43 -33.72
CA ASN C 194 -18.12 -3.32 -32.58
C ASN C 194 -19.55 -3.88 -32.55
N LEU C 195 -19.67 -5.19 -32.37
CA LEU C 195 -20.95 -5.86 -32.36
C LEU C 195 -21.49 -5.94 -30.93
N ALA C 196 -22.76 -5.59 -30.76
CA ALA C 196 -23.38 -5.63 -29.45
C ALA C 196 -23.61 -7.08 -29.02
N SER C 197 -23.72 -7.28 -27.70
CA SER C 197 -23.94 -8.61 -27.16
C SER C 197 -25.29 -9.16 -27.60
N GLY C 198 -25.32 -10.45 -27.91
CA GLY C 198 -26.53 -11.12 -28.32
C GLY C 198 -26.93 -10.90 -29.77
N VAL C 199 -26.31 -9.97 -30.47
CA VAL C 199 -26.65 -9.70 -31.86
C VAL C 199 -25.88 -10.67 -32.75
N PRO C 200 -26.52 -11.28 -33.76
CA PRO C 200 -25.77 -12.19 -34.63
C PRO C 200 -24.62 -11.48 -35.33
N ASP C 201 -23.60 -12.26 -35.69
CA ASP C 201 -22.44 -11.71 -36.38
C ASP C 201 -22.78 -11.23 -37.78
N ARG C 202 -23.96 -11.59 -38.30
CA ARG C 202 -24.34 -11.18 -39.65
C ARG C 202 -24.34 -9.67 -39.80
N PHE C 203 -24.57 -8.93 -38.71
CA PHE C 203 -24.56 -7.48 -38.76
C PHE C 203 -23.14 -6.94 -38.67
N SER C 204 -22.83 -5.94 -39.48
CA SER C 204 -21.51 -5.32 -39.50
C SER C 204 -21.66 -3.87 -39.91
N GLY C 205 -20.74 -3.04 -39.42
CA GLY C 205 -20.76 -1.62 -39.71
C GLY C 205 -19.37 -1.04 -39.97
N SER C 206 -19.27 -0.17 -40.96
CA SER C 206 -18.00 0.46 -41.30
C SER C 206 -18.27 1.71 -42.11
N GLY C 207 -17.37 2.69 -41.97
CA GLY C 207 -17.52 3.94 -42.69
C GLY C 207 -16.58 4.99 -42.13
N SER C 208 -16.57 6.14 -42.80
CA SER C 208 -15.72 7.24 -42.41
C SER C 208 -16.38 8.05 -41.30
N GLY C 209 -15.75 9.16 -40.93
CA GLY C 209 -16.30 10.01 -39.88
C GLY C 209 -17.58 10.71 -40.29
N THR C 210 -17.73 11.00 -41.59
CA THR C 210 -18.92 11.67 -42.10
C THR C 210 -19.85 10.74 -42.87
N ALA C 211 -19.39 9.56 -43.26
CA ALA C 211 -20.20 8.59 -43.98
C ALA C 211 -20.17 7.27 -43.24
N PHE C 212 -21.33 6.61 -43.16
CA PHE C 212 -21.46 5.36 -42.42
C PHE C 212 -22.30 4.40 -43.24
N THR C 213 -22.06 3.10 -43.04
CA THR C 213 -22.76 2.05 -43.77
C THR C 213 -23.00 0.86 -42.84
N LEU C 214 -24.24 0.36 -42.87
CA LEU C 214 -24.63 -0.83 -42.13
C LEU C 214 -24.91 -1.96 -43.12
N THR C 215 -24.24 -3.09 -42.92
CA THR C 215 -24.32 -4.22 -43.85
C THR C 215 -24.79 -5.46 -43.11
N ILE C 216 -25.66 -6.22 -43.78
CA ILE C 216 -26.16 -7.49 -43.27
C ILE C 216 -25.69 -8.57 -44.24
N SER C 217 -24.86 -9.49 -43.76
CA SER C 217 -24.30 -10.51 -44.63
C SER C 217 -25.38 -11.39 -45.23
N ARG C 218 -26.40 -11.75 -44.44
CA ARG C 218 -27.48 -12.59 -44.93
C ARG C 218 -28.73 -12.25 -44.13
N LEU C 219 -29.74 -11.71 -44.81
CA LEU C 219 -30.94 -11.25 -44.13
C LEU C 219 -31.79 -12.43 -43.68
N GLU C 220 -32.32 -12.34 -42.46
CA GLU C 220 -33.20 -13.35 -41.90
C GLU C 220 -34.65 -12.88 -41.97
N ALA C 221 -35.56 -13.83 -41.78
CA ALA C 221 -36.98 -13.49 -41.79
C ALA C 221 -37.33 -12.50 -40.69
N GLU C 222 -36.68 -12.61 -39.53
CA GLU C 222 -36.96 -11.76 -38.39
C GLU C 222 -36.18 -10.44 -38.42
N ASP C 223 -35.42 -10.19 -39.49
CA ASP C 223 -34.66 -8.94 -39.59
C ASP C 223 -35.51 -7.78 -40.10
N VAL C 224 -36.74 -8.03 -40.55
CA VAL C 224 -37.59 -6.96 -41.04
C VAL C 224 -37.84 -5.96 -39.91
N GLY C 225 -37.88 -4.69 -40.26
CA GLY C 225 -38.08 -3.63 -39.28
C GLY C 225 -37.50 -2.33 -39.81
N VAL C 226 -37.37 -1.37 -38.89
CA VAL C 226 -36.85 -0.04 -39.20
C VAL C 226 -35.49 0.11 -38.55
N TYR C 227 -34.51 0.56 -39.32
CA TYR C 227 -33.15 0.77 -38.83
C TYR C 227 -32.93 2.26 -38.60
N TYR C 228 -32.63 2.62 -37.35
CA TYR C 228 -32.42 4.01 -36.96
C TYR C 228 -30.96 4.23 -36.59
N CYS C 229 -30.41 5.35 -37.06
CA CYS C 229 -29.06 5.75 -36.71
C CYS C 229 -29.09 6.86 -35.67
N MET C 230 -27.97 7.03 -34.97
CA MET C 230 -27.87 8.04 -33.94
C MET C 230 -26.41 8.42 -33.74
N GLN C 231 -26.17 9.70 -33.53
CA GLN C 231 -24.85 10.21 -33.19
C GLN C 231 -24.79 10.49 -31.69
N HIS C 232 -23.59 10.32 -31.13
CA HIS C 232 -23.39 10.53 -29.70
C HIS C 232 -22.14 11.36 -29.42
N LEU C 233 -21.69 12.13 -30.41
CA LEU C 233 -20.58 13.05 -30.19
C LEU C 233 -21.00 14.24 -29.34
N GLU C 234 -22.27 14.61 -29.39
CA GLU C 234 -22.82 15.68 -28.57
C GLU C 234 -24.12 15.21 -27.94
N TYR C 235 -24.39 15.70 -26.74
CA TYR C 235 -25.57 15.29 -25.98
C TYR C 235 -26.87 15.48 -26.76
N PRO C 236 -27.02 16.53 -27.57
CA PRO C 236 -28.24 16.62 -28.40
C PRO C 236 -28.28 15.51 -29.45
N LEU C 237 -28.64 14.30 -29.02
CA LEU C 237 -28.67 13.13 -29.89
C LEU C 237 -29.72 13.32 -30.97
N THR C 238 -29.30 13.26 -32.23
CA THR C 238 -30.21 13.37 -33.37
C THR C 238 -30.36 12.00 -34.03
N PHE C 239 -31.61 11.57 -34.20
CA PHE C 239 -31.90 10.29 -34.82
C PHE C 239 -32.17 10.48 -36.31
N GLY C 240 -31.99 9.40 -37.07
CA GLY C 240 -32.23 9.42 -38.49
C GLY C 240 -33.70 9.22 -38.85
N ALA C 241 -33.98 9.32 -40.15
CA ALA C 241 -35.34 9.16 -40.63
C ALA C 241 -35.82 7.72 -40.55
N GLY C 242 -34.91 6.74 -40.56
CA GLY C 242 -35.28 5.35 -40.48
C GLY C 242 -35.41 4.69 -41.83
N THR C 243 -34.85 3.48 -41.97
CA THR C 243 -34.86 2.73 -43.22
C THR C 243 -35.64 1.44 -43.00
N LYS C 244 -36.74 1.28 -43.74
CA LYS C 244 -37.57 0.09 -43.61
C LYS C 244 -37.13 -0.98 -44.61
N LEU C 245 -37.21 -2.23 -44.19
CA LEU C 245 -36.91 -3.37 -45.04
C LEU C 245 -38.15 -4.26 -45.15
N GLU C 246 -38.56 -4.55 -46.37
CA GLU C 246 -39.71 -5.41 -46.64
C GLU C 246 -39.23 -6.76 -47.15
N LEU C 247 -39.82 -7.82 -46.62
CA LEU C 247 -39.44 -9.19 -47.01
C LEU C 247 -39.68 -9.40 -48.49
N THR D 6 5.96 -46.81 5.30
CA THR D 6 4.72 -46.52 4.55
C THR D 6 4.85 -45.21 3.77
N ALA D 7 4.72 -44.08 4.49
CA ALA D 7 4.83 -42.79 3.83
C ALA D 7 6.28 -42.45 3.49
N SER D 8 7.22 -42.86 4.35
CA SER D 8 8.62 -42.58 4.09
C SER D 8 9.07 -43.20 2.77
N ILE D 9 8.95 -44.52 2.65
CA ILE D 9 9.31 -45.18 1.40
C ILE D 9 8.47 -44.69 0.24
N ALA D 10 7.22 -44.30 0.50
CA ALA D 10 6.37 -43.77 -0.56
C ALA D 10 6.97 -42.52 -1.17
N GLN D 11 7.23 -41.50 -0.34
CA GLN D 11 7.82 -40.27 -0.86
C GLN D 11 9.21 -40.53 -1.41
N ALA D 12 9.93 -41.51 -0.86
CA ALA D 12 11.26 -41.83 -1.37
C ALA D 12 11.17 -42.33 -2.81
N ARG D 13 10.31 -43.32 -3.07
CA ARG D 13 10.17 -43.83 -4.43
C ARG D 13 9.57 -42.79 -5.35
N LYS D 14 8.70 -41.92 -4.83
CA LYS D 14 8.16 -40.84 -5.64
C LYS D 14 9.28 -39.91 -6.12
N LEU D 15 10.15 -39.48 -5.20
CA LEU D 15 11.26 -38.62 -5.57
C LEU D 15 12.22 -39.35 -6.51
N VAL D 16 12.42 -40.66 -6.31
CA VAL D 16 13.28 -41.43 -7.20
C VAL D 16 12.71 -41.42 -8.62
N GLU D 17 11.41 -41.67 -8.76
CA GLU D 17 10.79 -41.66 -10.08
C GLU D 17 10.84 -40.26 -10.69
N GLN D 18 10.66 -39.23 -9.87
CA GLN D 18 10.75 -37.87 -10.38
C GLN D 18 12.14 -37.58 -10.94
N LEU D 19 13.19 -37.92 -10.19
CA LEU D 19 14.55 -37.73 -10.69
C LEU D 19 14.80 -38.55 -11.93
N LYS D 20 14.26 -39.77 -11.99
CA LYS D 20 14.47 -40.61 -13.17
C LYS D 20 13.84 -39.99 -14.41
N MET D 21 12.59 -39.52 -14.29
CA MET D 21 11.91 -38.92 -15.43
C MET D 21 12.49 -37.56 -15.78
N GLU D 22 13.13 -36.88 -14.83
CA GLU D 22 13.77 -35.60 -15.14
C GLU D 22 15.12 -35.82 -15.82
N ALA D 23 15.78 -36.95 -15.52
CA ALA D 23 17.07 -37.24 -16.14
C ALA D 23 16.92 -37.56 -17.62
N ASN D 24 15.85 -38.27 -17.98
CA ASN D 24 15.63 -38.67 -19.36
C ASN D 24 14.99 -37.54 -20.16
N ILE D 25 15.68 -36.41 -20.26
CA ILE D 25 15.19 -35.24 -20.99
C ILE D 25 16.25 -34.82 -21.99
N ASP D 26 15.81 -34.42 -23.18
CA ASP D 26 16.72 -33.99 -24.22
C ASP D 26 17.39 -32.67 -23.83
N ARG D 27 18.60 -32.47 -24.32
CA ARG D 27 19.39 -31.29 -24.03
C ARG D 27 20.11 -30.82 -25.28
N ILE D 28 20.48 -29.54 -25.29
CA ILE D 28 21.22 -28.94 -26.39
C ILE D 28 22.29 -28.03 -25.81
N LYS D 29 23.24 -27.66 -26.67
CA LYS D 29 24.33 -26.79 -26.24
C LYS D 29 23.83 -25.38 -25.99
N VAL D 30 24.47 -24.69 -25.04
CA VAL D 30 24.02 -23.35 -24.65
C VAL D 30 24.22 -22.38 -25.80
N SER D 31 25.17 -22.66 -26.69
CA SER D 31 25.45 -21.74 -27.79
C SER D 31 24.23 -21.54 -28.69
N LYS D 32 23.55 -22.63 -29.05
CA LYS D 32 22.39 -22.51 -29.93
C LYS D 32 21.25 -21.75 -29.26
N ALA D 33 21.02 -22.03 -27.97
CA ALA D 33 19.96 -21.32 -27.25
C ALA D 33 20.28 -19.82 -27.16
N ALA D 34 21.54 -19.49 -26.88
CA ALA D 34 21.93 -18.09 -26.80
C ALA D 34 21.77 -17.40 -28.15
N ALA D 35 22.16 -18.09 -29.23
CA ALA D 35 22.00 -17.52 -30.56
C ALA D 35 20.53 -17.29 -30.89
N ASP D 36 19.67 -18.26 -30.56
CA ASP D 36 18.24 -18.08 -30.81
C ASP D 36 17.68 -16.91 -30.00
N LEU D 37 18.10 -16.78 -28.74
CA LEU D 37 17.62 -15.66 -27.93
C LEU D 37 18.07 -14.33 -28.49
N MET D 38 19.34 -14.24 -28.92
CA MET D 38 19.84 -13.00 -29.50
C MET D 38 19.11 -12.67 -30.80
N ALA D 39 18.83 -13.69 -31.61
CA ALA D 39 18.08 -13.46 -32.84
C ALA D 39 16.68 -12.97 -32.54
N TYR D 40 16.01 -13.57 -31.56
CA TYR D 40 14.68 -13.10 -31.16
C TYR D 40 14.73 -11.65 -30.71
N CYS D 41 15.73 -11.31 -29.89
CA CYS D 41 15.86 -9.93 -29.41
C CYS D 41 16.06 -8.97 -30.57
N GLU D 42 16.96 -9.31 -31.49
CA GLU D 42 17.22 -8.44 -32.64
C GLU D 42 15.98 -8.28 -33.49
N ALA D 43 15.20 -9.35 -33.67
CA ALA D 43 14.01 -9.27 -34.50
C ALA D 43 12.91 -8.45 -33.84
N HIS D 44 12.73 -8.59 -32.53
CA HIS D 44 11.69 -7.87 -31.80
C HIS D 44 12.18 -6.56 -31.21
N ALA D 45 13.44 -6.18 -31.44
CA ALA D 45 13.94 -4.90 -30.93
C ALA D 45 13.20 -3.73 -31.53
N LYS D 46 12.69 -3.88 -32.75
CA LYS D 46 11.99 -2.78 -33.42
C LYS D 46 10.66 -2.44 -32.75
N GLU D 47 10.19 -3.27 -31.82
CA GLU D 47 8.93 -3.02 -31.13
C GLU D 47 9.10 -3.00 -29.61
N ASP D 48 10.32 -2.78 -29.12
CA ASP D 48 10.55 -2.73 -27.68
C ASP D 48 9.83 -1.52 -27.08
N PRO D 49 9.25 -1.64 -25.89
CA PRO D 49 8.54 -0.48 -25.32
C PRO D 49 9.43 0.73 -25.08
N LEU D 50 10.66 0.54 -24.61
CA LEU D 50 11.51 1.65 -24.21
C LEU D 50 12.91 1.64 -24.80
N LEU D 51 13.21 0.73 -25.74
CA LEU D 51 14.54 0.72 -26.33
C LEU D 51 14.77 1.97 -27.19
N THR D 52 13.74 2.43 -27.89
CA THR D 52 13.82 3.60 -28.76
C THR D 52 12.81 4.65 -28.33
N PRO D 53 13.14 5.93 -28.45
CA PRO D 53 12.18 6.98 -28.05
C PRO D 53 11.03 7.09 -29.04
N VAL D 54 9.92 7.64 -28.55
CA VAL D 54 8.73 7.85 -29.37
C VAL D 54 8.07 9.15 -28.99
N PRO D 55 7.39 9.79 -29.94
CA PRO D 55 6.73 11.07 -29.64
C PRO D 55 5.58 10.91 -28.67
N ALA D 56 5.22 12.01 -28.01
CA ALA D 56 4.13 12.00 -27.07
C ALA D 56 2.77 11.87 -27.73
N SER D 57 2.69 12.12 -29.04
CA SER D 57 1.42 12.03 -29.74
C SER D 57 0.84 10.61 -29.66
N GLU D 58 1.70 9.60 -29.76
CA GLU D 58 1.27 8.21 -29.71
C GLU D 58 1.17 7.67 -28.29
N ASN D 59 1.76 8.34 -27.32
CA ASN D 59 1.71 7.89 -25.93
C ASN D 59 0.34 8.19 -25.32
N GLN E 23 24.43 -25.95 -7.49
CA GLN E 23 23.28 -26.52 -6.72
C GLN E 23 23.59 -26.51 -5.22
N VAL E 24 22.69 -25.93 -4.43
CA VAL E 24 22.88 -25.88 -2.99
C VAL E 24 22.81 -27.29 -2.43
N GLN E 25 23.80 -27.66 -1.62
CA GLN E 25 23.84 -28.98 -1.00
C GLN E 25 24.69 -28.90 0.26
N LEU E 26 24.23 -29.56 1.31
CA LEU E 26 24.90 -29.57 2.60
C LEU E 26 25.47 -30.97 2.87
N GLN E 27 26.62 -31.01 3.55
CA GLN E 27 27.29 -32.25 3.89
C GLN E 27 27.58 -32.28 5.39
N GLU E 28 27.43 -33.45 5.98
CA GLU E 28 27.61 -33.63 7.42
C GLU E 28 28.55 -34.80 7.67
N SER E 29 29.31 -34.69 8.76
CA SER E 29 30.25 -35.73 9.16
C SER E 29 30.34 -35.78 10.68
N GLY E 30 30.78 -36.93 11.19
CA GLY E 30 30.91 -37.12 12.61
C GLY E 30 29.66 -37.67 13.26
N GLY E 31 29.82 -38.50 14.29
CA GLY E 31 28.69 -39.08 14.98
C GLY E 31 28.95 -40.51 15.43
N GLY E 32 27.91 -41.32 15.44
CA GLY E 32 28.03 -42.71 15.85
C GLY E 32 27.70 -42.93 17.31
N LEU E 33 28.31 -43.94 17.92
CA LEU E 33 28.07 -44.28 19.31
C LEU E 33 29.13 -43.62 20.18
N VAL E 34 28.70 -43.13 21.35
CA VAL E 34 29.58 -42.46 22.30
C VAL E 34 29.20 -42.89 23.71
N GLN E 35 30.18 -42.82 24.61
CA GLN E 35 29.94 -43.17 26.01
C GLN E 35 29.37 -41.98 26.76
N PRO E 36 28.65 -42.22 27.86
CA PRO E 36 28.09 -41.09 28.62
C PRO E 36 29.19 -40.20 29.19
N GLY E 37 29.00 -38.89 29.05
CA GLY E 37 29.97 -37.94 29.51
C GLY E 37 31.16 -37.74 28.59
N GLY E 38 31.23 -38.48 27.48
CA GLY E 38 32.33 -38.33 26.55
C GLY E 38 32.27 -37.03 25.78
N SER E 39 33.18 -36.90 24.83
CA SER E 39 33.30 -35.72 23.99
C SER E 39 33.25 -36.12 22.53
N LEU E 40 32.57 -35.31 21.72
CA LEU E 40 32.49 -35.55 20.28
C LEU E 40 32.20 -34.23 19.59
N ARG E 41 32.73 -34.08 18.38
CA ARG E 41 32.58 -32.88 17.58
C ARG E 41 31.81 -33.22 16.30
N LEU E 42 30.81 -32.40 15.98
CA LEU E 42 30.06 -32.52 14.74
C LEU E 42 30.62 -31.56 13.71
N SER E 43 30.94 -32.07 12.52
CA SER E 43 31.55 -31.28 11.46
C SER E 43 30.63 -31.35 10.24
N CYS E 44 30.23 -30.20 9.73
CA CYS E 44 29.37 -30.11 8.56
C CYS E 44 29.95 -29.10 7.58
N ALA E 45 29.53 -29.21 6.32
CA ALA E 45 29.99 -28.33 5.26
C ALA E 45 28.84 -28.09 4.30
N ALA E 46 28.99 -27.05 3.47
CA ALA E 46 27.98 -26.69 2.50
C ALA E 46 28.65 -26.07 1.28
N SER E 47 27.94 -26.10 0.16
CA SER E 47 28.45 -25.54 -1.09
C SER E 47 27.28 -24.99 -1.90
N GLY E 48 27.62 -24.11 -2.85
CA GLY E 48 26.62 -23.51 -3.72
C GLY E 48 26.13 -22.15 -3.30
N PHE E 49 26.71 -21.56 -2.26
CA PHE E 49 26.28 -20.25 -1.78
C PHE E 49 27.38 -19.64 -0.92
N THR E 50 27.20 -18.35 -0.61
CA THR E 50 28.15 -17.61 0.23
C THR E 50 27.87 -17.96 1.69
N PHE E 51 28.51 -19.04 2.15
CA PHE E 51 28.34 -19.48 3.52
C PHE E 51 28.63 -18.36 4.52
N SER E 52 29.62 -17.52 4.20
CA SER E 52 30.01 -16.47 5.13
C SER E 52 28.87 -15.50 5.40
N ASN E 53 27.93 -15.36 4.45
CA ASN E 53 26.85 -14.39 4.60
C ASN E 53 25.63 -14.94 5.33
N TYR E 54 25.46 -16.26 5.35
CA TYR E 54 24.28 -16.88 5.94
C TYR E 54 24.58 -17.29 7.38
N LYS E 55 23.64 -16.99 8.28
CA LYS E 55 23.74 -17.43 9.66
C LYS E 55 23.45 -18.92 9.75
N MET E 56 24.11 -19.59 10.70
CA MET E 56 24.00 -21.03 10.87
C MET E 56 23.40 -21.34 12.24
N ASN E 57 22.52 -22.36 12.26
CA ASN E 57 21.89 -22.81 13.49
C ASN E 57 22.00 -24.33 13.58
N TRP E 58 21.71 -24.86 14.76
CA TRP E 58 21.71 -26.29 15.02
C TRP E 58 20.40 -26.71 15.66
N VAL E 59 19.89 -27.87 15.22
CA VAL E 59 18.66 -28.43 15.77
C VAL E 59 18.84 -29.92 15.92
N ARG E 60 18.17 -30.50 16.93
CA ARG E 60 18.24 -31.92 17.20
C ARG E 60 16.83 -32.51 17.19
N GLN E 61 16.75 -33.80 16.87
CA GLN E 61 15.49 -34.52 16.81
C GLN E 61 15.68 -35.89 17.42
N ALA E 62 15.03 -36.13 18.57
CA ALA E 62 15.13 -37.42 19.24
C ALA E 62 13.95 -38.30 18.85
N PRO E 63 14.09 -39.63 18.96
CA PRO E 63 12.98 -40.52 18.59
C PRO E 63 11.69 -40.18 19.31
N GLY E 64 10.67 -39.76 18.56
CA GLY E 64 9.40 -39.39 19.12
C GLY E 64 9.24 -37.90 19.40
N LYS E 65 10.33 -37.17 19.53
CA LYS E 65 10.30 -35.74 19.81
C LYS E 65 10.56 -34.95 18.54
N GLY E 66 10.05 -33.72 18.51
CA GLY E 66 10.24 -32.85 17.37
C GLY E 66 11.60 -32.18 17.37
N LEU E 67 11.77 -31.27 16.42
CA LEU E 67 13.03 -30.55 16.29
C LEU E 67 13.21 -29.58 17.46
N GLU E 68 14.42 -29.54 18.01
CA GLU E 68 14.75 -28.68 19.13
C GLU E 68 16.03 -27.90 18.82
N TRP E 69 15.94 -26.58 18.85
CA TRP E 69 17.11 -25.74 18.62
C TRP E 69 18.04 -25.79 19.82
N VAL E 70 19.35 -25.82 19.54
CA VAL E 70 20.34 -26.00 20.60
C VAL E 70 21.30 -24.82 20.65
N SER E 71 21.53 -24.17 19.51
CA SER E 71 22.48 -23.07 19.45
C SER E 71 22.49 -22.49 18.05
N ASP E 72 23.13 -21.33 17.92
CA ASP E 72 23.31 -20.68 16.62
C ASP E 72 24.58 -19.85 16.67
N ILE E 73 25.00 -19.38 15.50
CA ILE E 73 26.21 -18.57 15.38
C ILE E 73 26.05 -17.60 14.22
N SER E 74 26.32 -16.32 14.47
CA SER E 74 26.13 -15.29 13.46
C SER E 74 27.17 -15.44 12.34
N GLN E 75 27.10 -14.53 11.37
CA GLN E 75 28.03 -14.58 10.24
C GLN E 75 29.47 -14.50 10.72
N SER E 76 29.84 -13.39 11.36
CA SER E 76 31.20 -13.20 11.85
C SER E 76 31.46 -13.91 13.17
N GLY E 77 30.47 -14.62 13.71
CA GLY E 77 30.65 -15.32 14.97
C GLY E 77 30.68 -14.44 16.20
N ALA E 78 30.45 -13.14 16.05
CA ALA E 78 30.48 -12.24 17.20
C ALA E 78 29.31 -12.47 18.14
N SER E 79 28.22 -13.06 17.66
CA SER E 79 27.04 -13.34 18.48
C SER E 79 26.80 -14.84 18.51
N ILE E 80 26.78 -15.40 19.71
CA ILE E 80 26.56 -16.84 19.90
C ILE E 80 25.60 -17.02 21.06
N SER E 81 24.78 -18.07 20.97
CA SER E 81 23.81 -18.38 22.02
C SER E 81 23.64 -19.88 22.10
N TYR E 82 23.15 -20.34 23.27
CA TYR E 82 22.93 -21.76 23.52
C TYR E 82 21.63 -21.92 24.28
N THR E 83 21.00 -23.08 24.09
CA THR E 83 19.76 -23.38 24.80
C THR E 83 20.07 -23.74 26.25
N GLY E 84 19.11 -23.47 27.14
CA GLY E 84 19.31 -23.74 28.55
C GLY E 84 19.65 -25.19 28.84
N SER E 85 19.08 -26.12 28.08
CA SER E 85 19.33 -27.54 28.29
C SER E 85 20.73 -27.97 27.86
N VAL E 86 21.44 -27.15 27.07
CA VAL E 86 22.78 -27.48 26.61
C VAL E 86 23.78 -26.37 26.87
N LYS E 87 23.39 -25.32 27.60
CA LYS E 87 24.30 -24.21 27.88
C LYS E 87 25.55 -24.71 28.60
N GLY E 88 26.71 -24.30 28.11
CA GLY E 88 27.97 -24.62 28.75
C GLY E 88 28.58 -25.92 28.27
N ARG E 89 27.75 -26.95 28.05
CA ARG E 89 28.28 -28.26 27.66
C ARG E 89 28.73 -28.26 26.21
N PHE E 90 28.06 -27.51 25.34
CA PHE E 90 28.39 -27.47 23.92
C PHE E 90 29.02 -26.13 23.56
N THR E 91 29.80 -26.15 22.48
CA THR E 91 30.46 -24.96 21.97
C THR E 91 30.36 -24.97 20.45
N ILE E 92 29.81 -23.89 19.89
CA ILE E 92 29.60 -23.76 18.45
C ILE E 92 30.66 -22.83 17.89
N SER E 93 31.13 -23.15 16.68
CA SER E 93 32.13 -22.34 16.01
C SER E 93 32.03 -22.56 14.51
N ARG E 94 32.50 -21.58 13.74
CA ARG E 94 32.48 -21.63 12.29
C ARG E 94 33.78 -21.06 11.75
N ASP E 95 34.17 -21.53 10.56
CA ASP E 95 35.39 -21.09 9.88
C ASP E 95 35.03 -20.82 8.42
N ASN E 96 34.80 -19.53 8.11
CA ASN E 96 34.46 -19.15 6.74
C ASN E 96 35.61 -19.41 5.77
N ALA E 97 36.82 -19.64 6.27
CA ALA E 97 37.96 -19.87 5.39
C ALA E 97 37.80 -21.13 4.55
N LYS E 98 37.02 -22.11 5.03
CA LYS E 98 36.79 -23.34 4.28
C LYS E 98 35.31 -23.73 4.24
N ASN E 99 34.41 -22.84 4.68
CA ASN E 99 32.97 -23.09 4.61
C ASN E 99 32.57 -24.31 5.45
N THR E 100 33.00 -24.31 6.71
CA THR E 100 32.73 -25.41 7.62
C THR E 100 32.07 -24.90 8.89
N LEU E 101 31.22 -25.74 9.47
CA LEU E 101 30.56 -25.46 10.74
C LEU E 101 30.88 -26.57 11.73
N TYR E 102 31.10 -26.17 12.98
CA TYR E 102 31.50 -27.11 14.03
C TYR E 102 30.69 -26.85 15.29
N LEU E 103 30.32 -27.94 15.97
CA LEU E 103 29.62 -27.89 17.25
C LEU E 103 30.33 -28.82 18.22
N GLN E 104 31.24 -28.27 19.02
CA GLN E 104 32.00 -29.08 19.96
C GLN E 104 31.16 -29.42 21.18
N MET E 105 31.11 -30.70 21.52
CA MET E 105 30.39 -31.19 22.68
C MET E 105 31.40 -31.75 23.68
N ASN E 106 31.56 -31.06 24.81
CA ASN E 106 32.51 -31.48 25.83
C ASN E 106 31.96 -32.58 26.73
N SER E 107 30.65 -32.64 26.94
CA SER E 107 30.05 -33.66 27.78
C SER E 107 28.72 -34.08 27.17
N LEU E 108 28.34 -35.33 27.41
CA LEU E 108 27.13 -35.89 26.84
C LEU E 108 26.36 -36.65 27.91
N LYS E 109 25.03 -36.61 27.81
CA LYS E 109 24.14 -37.32 28.70
C LYS E 109 23.19 -38.18 27.88
N PRO E 110 22.57 -39.19 28.50
CA PRO E 110 21.64 -40.06 27.75
C PRO E 110 20.47 -39.29 27.15
N GLU E 111 20.18 -38.11 27.70
CA GLU E 111 19.02 -37.36 27.23
C GLU E 111 19.26 -36.71 25.88
N ASP E 112 20.49 -36.31 25.59
CA ASP E 112 20.80 -35.59 24.35
C ASP E 112 20.97 -36.52 23.16
N THR E 113 20.64 -37.81 23.31
CA THR E 113 20.73 -38.74 22.18
C THR E 113 19.71 -38.34 21.11
N ALA E 114 20.19 -37.85 19.98
CA ALA E 114 19.31 -37.36 18.94
C ALA E 114 20.11 -37.09 17.67
N VAL E 115 19.40 -36.98 16.56
CA VAL E 115 20.03 -36.66 15.28
C VAL E 115 20.18 -35.14 15.20
N TYR E 116 21.42 -34.69 15.01
CA TYR E 116 21.72 -33.27 14.94
C TYR E 116 21.68 -32.81 13.48
N TYR E 117 20.80 -31.86 13.18
CA TYR E 117 20.63 -31.32 11.85
C TYR E 117 21.14 -29.89 11.79
N CYS E 118 21.99 -29.61 10.80
CA CYS E 118 22.44 -28.24 10.57
C CYS E 118 21.41 -27.48 9.76
N ALA E 119 21.39 -26.16 9.95
CA ALA E 119 20.39 -25.32 9.30
C ALA E 119 21.03 -24.01 8.87
N ARG E 120 20.47 -23.42 7.82
CA ARG E 120 20.95 -22.16 7.28
C ARG E 120 19.86 -21.10 7.37
N CYS E 121 20.28 -19.84 7.47
CA CYS E 121 19.33 -18.74 7.53
C CYS E 121 18.61 -18.61 6.19
N PRO E 122 17.32 -18.27 6.20
CA PRO E 122 16.60 -18.11 4.91
C PRO E 122 17.13 -17.00 4.03
N ALA E 123 17.89 -16.05 4.58
CA ALA E 123 18.41 -14.93 3.81
C ALA E 123 19.83 -14.63 4.28
N PRO E 124 20.67 -14.05 3.41
CA PRO E 124 22.05 -13.77 3.80
C PRO E 124 22.25 -12.44 4.53
N PHE E 125 21.21 -11.61 4.66
CA PHE E 125 21.36 -10.33 5.33
C PHE E 125 20.23 -10.07 6.33
N THR E 126 19.82 -11.09 7.07
CA THR E 126 18.75 -10.94 8.06
C THR E 126 19.17 -11.62 9.35
N ARG E 127 18.54 -11.20 10.44
CA ARG E 127 18.80 -11.77 11.76
C ARG E 127 17.77 -12.81 12.18
N ASP E 128 16.54 -12.71 11.68
CA ASP E 128 15.50 -13.66 12.05
C ASP E 128 15.72 -14.99 11.35
N CYS E 129 15.34 -16.07 12.03
CA CYS E 129 15.45 -17.42 11.49
C CYS E 129 14.14 -18.17 11.71
N PHE E 130 13.80 -19.02 10.73
CA PHE E 130 12.60 -19.84 10.81
C PHE E 130 12.88 -21.29 10.41
N ASP E 131 14.12 -21.75 10.60
CA ASP E 131 14.50 -23.11 10.26
C ASP E 131 13.99 -24.13 11.28
N VAL E 132 13.25 -23.70 12.31
CA VAL E 132 12.74 -24.62 13.32
C VAL E 132 11.51 -25.39 12.85
N THR E 133 11.05 -25.15 11.63
CA THR E 133 9.89 -25.86 11.11
C THR E 133 10.09 -27.36 11.23
N SER E 134 9.18 -28.03 11.94
CA SER E 134 9.29 -29.47 12.14
C SER E 134 8.80 -30.26 10.93
N THR E 135 7.97 -29.67 10.08
CA THR E 135 7.43 -30.38 8.92
C THR E 135 8.51 -30.60 7.87
N THR E 136 9.07 -29.51 7.35
CA THR E 136 10.09 -29.61 6.31
C THR E 136 10.82 -28.28 6.19
N TYR E 137 12.09 -28.34 5.80
CA TYR E 137 12.88 -27.16 5.56
C TYR E 137 13.84 -27.44 4.42
N ALA E 138 14.01 -26.46 3.53
CA ALA E 138 14.76 -26.68 2.30
C ALA E 138 16.26 -26.51 2.51
N TYR E 139 16.67 -25.84 3.58
CA TYR E 139 18.07 -25.51 3.82
C TYR E 139 18.59 -26.12 5.12
N ARG E 140 18.28 -27.39 5.35
CA ARG E 140 18.82 -28.14 6.48
C ARG E 140 19.49 -29.41 5.98
N GLY E 141 20.48 -29.87 6.74
CA GLY E 141 21.24 -31.04 6.37
C GLY E 141 20.44 -32.32 6.56
N GLN E 142 21.10 -33.43 6.24
CA GLN E 142 20.47 -34.75 6.38
C GLN E 142 20.48 -35.26 7.81
N GLY E 143 21.39 -34.75 8.65
CA GLY E 143 21.44 -35.15 10.04
C GLY E 143 22.30 -36.38 10.29
N THR E 144 22.95 -36.43 11.44
CA THR E 144 23.79 -37.55 11.83
C THR E 144 23.38 -38.00 13.23
N GLN E 145 23.21 -39.30 13.39
CA GLN E 145 22.78 -39.86 14.67
C GLN E 145 23.93 -39.84 15.67
N VAL E 146 23.60 -39.58 16.94
CA VAL E 146 24.56 -39.58 18.02
C VAL E 146 23.94 -40.38 19.16
N THR E 147 24.30 -41.66 19.26
CA THR E 147 23.76 -42.56 20.27
C THR E 147 24.69 -42.56 21.47
N VAL E 148 24.25 -41.96 22.57
CA VAL E 148 25.02 -41.88 23.79
C VAL E 148 24.33 -42.75 24.84
N SER E 149 25.04 -43.76 25.33
CA SER E 149 24.50 -44.68 26.32
C SER E 149 25.64 -45.54 26.84
N SER E 150 25.39 -46.19 27.97
CA SER E 150 26.37 -47.07 28.59
C SER E 150 26.67 -48.27 27.69
N LEU F 47 29.66 48.43 18.65
CA LEU F 47 29.69 49.64 19.51
C LEU F 47 29.27 49.30 20.94
N CYS F 48 28.01 48.88 21.10
CA CYS F 48 27.45 48.52 22.40
C CYS F 48 27.28 47.00 22.47
N ALA F 49 27.62 46.42 23.62
CA ALA F 49 27.47 44.98 23.79
C ALA F 49 26.03 44.54 23.57
N ILE F 50 25.07 45.41 23.88
CA ILE F 50 23.67 45.07 23.67
C ILE F 50 23.41 44.81 22.19
N TYR F 51 23.96 45.65 21.32
CA TYR F 51 23.78 45.45 19.88
C TYR F 51 24.44 44.15 19.42
N ILE F 52 25.59 43.81 19.98
CA ILE F 52 26.26 42.57 19.62
C ILE F 52 25.41 41.36 20.03
N THR F 53 24.85 41.41 21.24
CA THR F 53 23.96 40.33 21.67
C THR F 53 22.72 40.24 20.81
N TYR F 54 22.16 41.39 20.42
CA TYR F 54 21.01 41.39 19.52
C TYR F 54 21.36 40.74 18.19
N ALA F 55 22.51 41.10 17.63
CA ALA F 55 22.93 40.51 16.36
C ALA F 55 23.14 39.02 16.49
N VAL F 56 23.73 38.57 17.60
CA VAL F 56 23.95 37.15 17.81
C VAL F 56 22.63 36.40 17.91
N ILE F 57 21.66 36.97 18.64
CA ILE F 57 20.35 36.33 18.76
C ILE F 57 19.69 36.24 17.39
N ILE F 58 19.69 37.33 16.63
CA ILE F 58 19.09 37.31 15.30
C ILE F 58 19.77 36.25 14.43
N SER F 59 21.10 36.18 14.50
CA SER F 59 21.83 35.24 13.67
C SER F 59 21.47 33.79 14.02
N VAL F 60 21.49 33.46 15.32
CA VAL F 60 21.18 32.09 15.71
C VAL F 60 19.74 31.73 15.35
N GLY F 61 18.81 32.66 15.54
CA GLY F 61 17.42 32.36 15.21
C GLY F 61 17.21 32.15 13.73
N ILE F 62 17.75 33.05 12.91
CA ILE F 62 17.59 32.93 11.46
C ILE F 62 18.29 31.67 10.96
N LEU F 63 19.44 31.33 11.55
CA LEU F 63 20.12 30.09 11.16
C LEU F 63 19.26 28.88 11.48
N GLY F 64 18.73 28.83 12.71
CA GLY F 64 17.87 27.71 13.07
C GLY F 64 16.69 27.56 12.13
N ASN F 65 15.96 28.66 11.89
CA ASN F 65 14.78 28.58 11.02
C ASN F 65 15.16 28.24 9.58
N ALA F 66 16.27 28.78 9.08
CA ALA F 66 16.70 28.50 7.72
C ALA F 66 17.05 27.02 7.56
N ILE F 67 17.80 26.47 8.52
CA ILE F 67 18.14 25.05 8.45
C ILE F 67 16.89 24.20 8.58
N LEU F 68 15.93 24.64 9.40
CA LEU F 68 14.68 23.90 9.52
C LEU F 68 13.95 23.82 8.19
N ILE F 69 13.78 24.96 7.52
CA ILE F 69 13.07 24.96 6.24
C ILE F 69 13.88 24.20 5.20
N LYS F 70 15.20 24.26 5.27
CA LYS F 70 16.03 23.54 4.32
C LYS F 70 15.86 22.04 4.47
N VAL F 71 15.83 21.54 5.71
CA VAL F 71 15.65 20.11 5.91
C VAL F 71 14.22 19.72 5.57
N PHE F 72 13.26 20.62 5.75
CA PHE F 72 11.89 20.32 5.33
C PHE F 72 11.83 20.18 3.81
N PHE F 73 12.56 21.01 3.08
CA PHE F 73 12.55 20.94 1.62
C PHE F 73 13.29 19.69 1.13
N LYS F 74 14.51 19.49 1.60
CA LYS F 74 15.39 18.45 1.06
C LYS F 74 15.01 17.06 1.53
N THR F 75 14.80 16.87 2.83
CA THR F 75 14.46 15.55 3.38
C THR F 75 13.02 15.24 3.00
N LYS F 76 12.84 14.40 1.98
CA LYS F 76 11.50 14.06 1.52
C LYS F 76 10.67 13.46 2.65
N SER F 77 11.28 12.57 3.43
CA SER F 77 10.55 11.93 4.52
C SER F 77 10.04 12.94 5.54
N MET F 78 10.68 14.11 5.65
CA MET F 78 10.24 15.11 6.61
C MET F 78 8.95 15.79 6.18
N GLN F 79 8.62 15.78 4.89
CA GLN F 79 7.42 16.43 4.38
C GLN F 79 6.21 15.57 4.73
N THR F 80 5.54 15.93 5.82
CA THR F 80 4.34 15.23 6.25
C THR F 80 3.36 16.25 6.82
N VAL F 81 2.10 15.84 6.91
CA VAL F 81 1.00 16.71 7.34
C VAL F 81 1.39 17.52 8.56
N PRO F 82 1.74 16.89 9.69
CA PRO F 82 2.01 17.68 10.91
C PRO F 82 3.15 18.67 10.76
N ASN F 83 4.01 18.51 9.78
CA ASN F 83 5.16 19.40 9.62
C ASN F 83 4.86 20.62 8.76
N ILE F 84 3.69 20.68 8.11
CA ILE F 84 3.36 21.86 7.31
C ILE F 84 3.26 23.09 8.21
N PHE F 85 2.56 22.96 9.34
CA PHE F 85 2.49 24.07 10.27
C PHE F 85 3.85 24.43 10.84
N ILE F 86 4.75 23.45 10.96
CA ILE F 86 6.08 23.72 11.48
C ILE F 86 6.85 24.60 10.50
N THR F 87 6.83 24.25 9.21
CA THR F 87 7.52 25.07 8.23
C THR F 87 6.84 26.43 8.06
N SER F 88 5.52 26.48 8.27
CA SER F 88 4.84 27.77 8.23
C SER F 88 5.32 28.67 9.37
N LEU F 89 5.43 28.11 10.58
CA LEU F 89 5.98 28.87 11.69
C LEU F 89 7.42 29.29 11.41
N ALA F 90 8.18 28.42 10.75
CA ALA F 90 9.55 28.78 10.39
C ALA F 90 9.58 29.97 9.45
N PHE F 91 8.73 29.95 8.41
CA PHE F 91 8.64 31.09 7.50
C PHE F 91 8.24 32.35 8.25
N GLY F 92 7.25 32.24 9.14
CA GLY F 92 6.84 33.41 9.90
C GLY F 92 7.96 33.98 10.74
N ASP F 93 8.70 33.11 11.43
CA ASP F 93 9.82 33.56 12.26
C ASP F 93 10.90 34.19 11.40
N LEU F 94 11.19 33.61 10.24
CA LEU F 94 12.19 34.18 9.35
C LEU F 94 11.78 35.59 8.91
N LEU F 95 10.54 35.75 8.47
CA LEU F 95 10.08 37.07 8.03
C LEU F 95 10.11 38.06 9.18
N LEU F 96 9.71 37.62 10.38
CA LEU F 96 9.73 38.52 11.53
C LEU F 96 11.14 38.97 11.86
N LEU F 97 12.08 38.03 11.93
CA LEU F 97 13.46 38.39 12.24
C LEU F 97 14.07 39.27 11.16
N LEU F 98 13.65 39.11 9.93
CA LEU F 98 14.10 39.98 8.89
C LEU F 98 13.75 41.36 9.23
N THR F 99 12.48 41.61 9.27
CA THR F 99 12.01 42.94 9.52
C THR F 99 12.08 43.53 10.93
N CYS F 100 12.60 42.82 11.91
CA CYS F 100 12.76 43.44 13.22
C CYS F 100 14.20 43.75 13.25
N VAL F 101 14.94 43.24 12.30
CA VAL F 101 16.33 43.62 12.21
C VAL F 101 16.54 45.12 12.13
N PRO F 102 15.75 45.80 11.30
CA PRO F 102 16.05 47.20 11.24
C PRO F 102 14.93 48.06 11.72
N VAL F 103 13.86 47.52 12.25
CA VAL F 103 12.84 48.37 12.80
C VAL F 103 13.58 48.65 14.04
N ASP F 104 14.62 47.88 14.25
CA ASP F 104 15.50 48.15 15.39
C ASP F 104 16.60 49.12 15.01
N ALA F 105 17.20 48.94 13.83
CA ALA F 105 18.27 49.82 13.39
C ALA F 105 17.79 51.28 13.31
N THR F 106 16.51 51.49 13.02
CA THR F 106 15.98 52.84 12.94
C THR F 106 16.04 53.54 14.29
N HIS F 107 15.78 52.80 15.37
CA HIS F 107 15.75 53.39 16.70
C HIS F 107 17.10 53.35 17.40
N TYR F 108 17.94 52.38 17.09
CA TYR F 108 19.24 52.20 17.72
C TYR F 108 20.34 52.53 16.72
N LEU F 109 21.24 53.45 17.10
CA LEU F 109 22.35 53.85 16.25
C LEU F 109 21.85 54.44 14.94
N ALA F 110 20.84 55.29 15.03
CA ALA F 110 20.27 55.94 13.86
C ALA F 110 19.50 57.18 14.29
N GLU F 111 19.24 58.06 13.32
CA GLU F 111 18.54 59.31 13.57
C GLU F 111 17.08 59.27 13.15
N GLY F 112 16.67 58.29 12.35
CA GLY F 112 15.30 58.21 11.91
C GLY F 112 15.16 57.19 10.80
N TRP F 113 13.92 57.08 10.31
CA TRP F 113 13.64 56.13 9.24
C TRP F 113 14.49 56.45 8.01
N LEU F 114 14.72 55.44 7.18
CA LEU F 114 15.74 55.56 6.13
C LEU F 114 15.38 56.65 5.13
N PHE F 115 14.35 56.42 4.29
CA PHE F 115 14.09 57.35 3.20
C PHE F 115 12.63 57.77 3.05
N GLY F 116 11.69 56.85 3.24
CA GLY F 116 10.33 57.03 2.79
C GLY F 116 9.26 56.74 3.82
N ARG F 117 8.13 57.43 3.67
CA ARG F 117 7.01 57.20 4.59
C ARG F 117 6.34 55.86 4.33
N ILE F 118 6.24 55.46 3.07
CA ILE F 118 5.64 54.17 2.73
C ILE F 118 6.32 53.05 3.50
N GLY F 119 7.61 53.21 3.80
CA GLY F 119 8.30 52.22 4.60
C GLY F 119 7.62 51.95 5.93
N CYS F 120 7.06 53.00 6.54
CA CYS F 120 6.33 52.82 7.80
C CYS F 120 5.19 51.82 7.63
N LYS F 121 4.31 52.08 6.65
CA LYS F 121 3.21 51.16 6.38
C LYS F 121 3.73 49.75 6.11
N VAL F 122 4.71 49.63 5.22
CA VAL F 122 5.19 48.31 4.83
C VAL F 122 5.70 47.55 6.04
N LEU F 123 6.60 48.17 6.81
CA LEU F 123 7.22 47.48 7.94
C LEU F 123 6.18 47.15 9.01
N SER F 124 5.29 48.09 9.20
CA SER F 124 4.20 47.90 10.12
C SER F 124 3.25 46.81 9.77
N PHE F 125 2.45 46.91 8.73
CA PHE F 125 1.59 45.80 8.32
C PHE F 125 2.39 44.52 8.20
N ILE F 126 3.43 44.47 7.36
CA ILE F 126 4.30 43.30 7.31
C ILE F 126 4.50 42.65 8.65
N ARG F 127 4.98 43.40 9.65
CA ARG F 127 5.31 42.79 10.94
C ARG F 127 4.25 42.63 11.95
N LEU F 128 3.12 43.30 11.85
CA LEU F 128 2.05 42.97 12.74
C LEU F 128 1.42 41.73 12.13
N THR F 129 1.79 41.40 10.90
CA THR F 129 1.31 40.11 10.35
C THR F 129 2.19 38.92 10.73
N SER F 130 3.51 38.96 10.51
CA SER F 130 4.39 37.89 10.97
C SER F 130 4.10 37.50 12.40
N VAL F 131 3.83 38.47 13.28
CA VAL F 131 3.50 38.14 14.66
C VAL F 131 2.22 37.32 14.72
N GLY F 132 1.19 37.75 13.97
CA GLY F 132 -0.06 37.00 13.94
C GLY F 132 0.13 35.61 13.41
N VAL F 133 0.90 35.46 12.33
CA VAL F 133 1.17 34.15 11.76
C VAL F 133 1.85 33.27 12.79
N SER F 134 2.85 33.81 13.48
CA SER F 134 3.57 33.03 14.48
C SER F 134 2.64 32.55 15.58
N VAL F 135 1.83 33.47 16.14
CA VAL F 135 0.95 33.12 17.24
C VAL F 135 -0.08 32.08 16.80
N PHE F 136 -0.69 32.30 15.63
CA PHE F 136 -1.71 31.39 15.14
C PHE F 136 -1.14 30.02 14.80
N THR F 137 0.06 29.97 14.21
CA THR F 137 0.67 28.68 13.92
C THR F 137 1.05 27.95 15.21
N LEU F 138 1.49 28.70 16.22
CA LEU F 138 1.79 28.08 17.51
C LEU F 138 0.54 27.45 18.12
N THR F 139 -0.57 28.19 18.15
CA THR F 139 -1.78 27.63 18.74
C THR F 139 -2.35 26.49 17.89
N ILE F 140 -2.18 26.56 16.57
CA ILE F 140 -2.63 25.46 15.73
C ILE F 140 -1.78 24.20 15.98
N LEU F 141 -0.47 24.38 16.13
CA LEU F 141 0.38 23.25 16.48
C LEU F 141 0.00 22.67 17.83
N SER F 142 -0.32 23.53 18.79
CA SER F 142 -0.78 23.06 20.10
C SER F 142 -2.07 22.24 19.96
N ALA F 143 -3.03 22.74 19.18
CA ALA F 143 -4.28 22.01 19.00
C ALA F 143 -4.04 20.67 18.31
N ASP F 144 -3.14 20.64 17.32
CA ASP F 144 -2.86 19.40 16.62
C ASP F 144 -2.20 18.39 17.56
N ARG F 145 -1.22 18.84 18.35
CA ARG F 145 -0.58 17.96 19.32
C ARG F 145 -1.58 17.47 20.36
N TYR F 146 -2.53 18.30 20.75
CA TYR F 146 -3.58 17.86 21.67
C TYR F 146 -4.43 16.77 21.03
N LYS F 147 -4.90 17.00 19.81
CA LYS F 147 -5.69 15.99 19.12
C LYS F 147 -4.91 14.69 18.97
N ALA F 148 -3.58 14.79 18.82
CA ALA F 148 -2.78 13.59 18.59
C ALA F 148 -2.52 12.82 19.87
N VAL F 149 -2.23 13.52 20.96
CA VAL F 149 -1.84 12.89 22.21
C VAL F 149 -3.06 12.50 23.06
N VAL F 150 -3.99 13.43 23.27
CA VAL F 150 -5.14 13.14 24.10
C VAL F 150 -6.19 12.31 23.36
N LYS F 151 -6.26 12.44 22.04
CA LYS F 151 -7.22 11.68 21.23
C LYS F 151 -6.46 10.87 20.18
N PRO F 152 -5.65 9.90 20.59
CA PRO F 152 -4.88 9.13 19.59
C PRO F 152 -5.75 8.25 18.72
N LEU F 153 -6.92 7.82 19.19
CA LEU F 153 -7.78 6.96 18.41
C LEU F 153 -8.48 7.69 17.28
N GLU F 154 -8.68 9.01 17.41
CA GLU F 154 -9.33 9.80 16.38
C GLU F 154 -8.23 10.44 15.52
N ARG F 155 -7.86 9.76 14.45
CA ARG F 155 -6.81 10.21 13.54
C ARG F 155 -7.41 10.56 12.19
N GLN F 156 -6.82 11.56 11.52
CA GLN F 156 -7.27 11.98 10.20
C GLN F 156 -6.43 11.32 9.11
N PRO F 157 -6.94 11.25 7.89
CA PRO F 157 -6.15 10.65 6.80
C PRO F 157 -4.80 11.35 6.63
N SER F 158 -3.75 10.55 6.58
CA SER F 158 -2.41 11.10 6.40
C SER F 158 -2.22 11.58 4.97
N ASN F 159 -1.15 12.34 4.76
CA ASN F 159 -0.78 12.90 3.47
C ASN F 159 -1.80 13.91 2.95
N ALA F 160 -2.67 14.42 3.82
CA ALA F 160 -3.65 15.42 3.42
C ALA F 160 -3.02 16.80 3.42
N ILE F 161 -2.07 17.03 2.51
CA ILE F 161 -1.35 18.30 2.48
C ILE F 161 -2.28 19.45 2.15
N LEU F 162 -3.40 19.17 1.49
CA LEU F 162 -4.32 20.23 1.08
C LEU F 162 -4.91 20.94 2.29
N LYS F 163 -5.52 20.18 3.20
CA LYS F 163 -6.21 20.80 4.32
C LYS F 163 -5.26 21.62 5.20
N THR F 164 -4.10 21.05 5.52
CA THR F 164 -3.13 21.79 6.34
C THR F 164 -2.66 23.06 5.63
N CYS F 165 -2.38 22.98 4.32
CA CYS F 165 -1.97 24.16 3.60
C CYS F 165 -3.11 25.17 3.48
N VAL F 166 -4.35 24.70 3.32
CA VAL F 166 -5.49 25.60 3.27
C VAL F 166 -5.62 26.36 4.58
N LYS F 167 -5.47 25.65 5.71
CA LYS F 167 -5.59 26.32 7.01
C LYS F 167 -4.42 27.26 7.26
N ALA F 168 -3.22 26.90 6.79
CA ALA F 168 -2.09 27.82 6.92
C ALA F 168 -2.34 29.10 6.11
N GLY F 169 -2.85 28.94 4.88
CA GLY F 169 -3.19 30.11 4.09
C GLY F 169 -4.26 30.96 4.74
N CYS F 170 -5.25 30.32 5.35
CA CYS F 170 -6.28 31.06 6.07
C CYS F 170 -5.67 31.83 7.25
N VAL F 171 -4.73 31.21 7.95
CA VAL F 171 -4.05 31.89 9.06
C VAL F 171 -3.31 33.12 8.54
N TRP F 172 -2.57 32.96 7.45
CA TRP F 172 -1.84 34.09 6.87
C TRP F 172 -2.81 35.20 6.45
N ILE F 173 -3.94 34.82 5.85
CA ILE F 173 -4.91 35.81 5.39
C ILE F 173 -5.50 36.56 6.59
N VAL F 174 -5.78 35.84 7.67
CA VAL F 174 -6.32 36.49 8.86
C VAL F 174 -5.28 37.44 9.46
N SER F 175 -4.01 37.03 9.49
CA SER F 175 -2.97 37.91 10.01
C SER F 175 -2.82 39.16 9.16
N MET F 176 -2.98 39.03 7.84
CA MET F 176 -2.88 40.21 6.98
C MET F 176 -4.10 41.11 7.13
N ILE F 177 -5.28 40.51 7.31
CA ILE F 177 -6.51 41.29 7.46
C ILE F 177 -6.46 42.09 8.76
N PHE F 178 -6.02 41.45 9.85
CA PHE F 178 -5.95 42.15 11.13
C PHE F 178 -4.91 43.26 11.11
N ALA F 179 -3.95 43.21 10.18
CA ALA F 179 -2.93 44.24 10.08
C ALA F 179 -3.29 45.34 9.09
N LEU F 180 -4.17 45.07 8.13
CA LEU F 180 -4.60 46.11 7.21
C LEU F 180 -5.02 47.39 7.93
N PRO F 181 -5.76 47.34 9.04
CA PRO F 181 -6.03 48.58 9.78
C PRO F 181 -4.77 49.31 10.24
N GLU F 182 -3.81 48.57 10.80
CA GLU F 182 -2.56 49.18 11.24
C GLU F 182 -1.84 49.85 10.08
N ALA F 183 -2.04 49.37 8.85
CA ALA F 183 -1.36 49.94 7.70
C ALA F 183 -2.08 51.17 7.17
N ILE F 184 -3.40 51.07 6.98
CA ILE F 184 -4.14 52.18 6.37
C ILE F 184 -4.08 53.43 7.24
N PHE F 185 -3.98 53.28 8.56
CA PHE F 185 -3.99 54.41 9.48
C PHE F 185 -2.58 54.88 9.84
N SER F 186 -1.59 54.61 9.00
CA SER F 186 -0.23 55.05 9.30
C SER F 186 -0.14 56.57 9.36
N ASN F 187 -0.42 57.23 8.23
CA ASN F 187 -0.39 58.69 8.13
C ASN F 187 0.78 59.27 8.92
N VAL F 188 2.00 58.89 8.52
CA VAL F 188 3.22 59.30 9.19
C VAL F 188 3.22 60.82 9.40
N TYR F 189 3.52 61.25 10.62
CA TYR F 189 3.57 62.66 10.97
C TYR F 189 5.02 63.09 11.22
N THR F 190 5.22 64.40 11.27
CA THR F 190 6.52 64.99 11.56
C THR F 190 6.51 65.56 12.98
N PHE F 191 7.64 65.43 13.67
CA PHE F 191 7.76 65.90 15.04
C PHE F 191 9.06 66.68 15.22
N ARG F 192 8.99 67.69 16.07
CA ARG F 192 10.13 68.54 16.39
C ARG F 192 10.57 68.27 17.82
N ASP F 193 11.76 67.71 17.99
CA ASP F 193 12.22 67.34 19.32
C ASP F 193 12.44 68.59 20.15
N PRO F 194 11.92 68.66 21.38
CA PRO F 194 12.14 69.86 22.20
C PRO F 194 13.61 70.13 22.49
N ASN F 195 14.43 69.09 22.63
CA ASN F 195 15.85 69.26 22.96
C ASN F 195 16.68 69.51 21.71
N LYS F 196 16.63 68.59 20.74
CA LYS F 196 17.41 68.77 19.52
C LYS F 196 16.88 69.90 18.67
N ASN F 197 15.58 70.17 18.73
CA ASN F 197 14.95 71.25 17.98
C ASN F 197 15.22 71.09 16.48
N MET F 198 14.78 69.95 15.95
CA MET F 198 14.95 69.64 14.54
C MET F 198 13.77 68.79 14.08
N THR F 199 13.02 69.28 13.10
CA THR F 199 11.88 68.55 12.58
C THR F 199 12.35 67.27 11.89
N PHE F 200 11.76 66.14 12.27
CA PHE F 200 12.10 64.85 11.68
C PHE F 200 10.86 63.97 11.66
N GLU F 201 10.72 63.19 10.60
CA GLU F 201 9.59 62.28 10.47
C GLU F 201 9.79 61.06 11.38
N SER F 202 8.72 60.66 12.06
CA SER F 202 8.77 59.51 12.97
C SER F 202 7.57 58.62 12.68
N CYS F 203 7.78 57.31 12.80
CA CYS F 203 6.72 56.35 12.54
C CYS F 203 5.67 56.39 13.63
N THR F 204 4.41 56.31 13.24
CA THR F 204 3.29 56.33 14.17
C THR F 204 2.20 55.40 13.66
N SER F 205 1.60 54.64 14.58
CA SER F 205 0.58 53.68 14.18
C SER F 205 -0.74 54.35 13.85
N TYR F 206 -1.05 55.46 14.51
CA TYR F 206 -2.31 56.16 14.35
C TYR F 206 -2.09 57.65 14.52
N PRO F 207 -3.00 58.49 14.04
CA PRO F 207 -2.80 59.94 14.15
C PRO F 207 -2.74 60.40 15.59
N VAL F 208 -2.03 61.51 15.80
CA VAL F 208 -1.86 62.03 17.16
C VAL F 208 -3.19 62.44 17.76
N SER F 209 -4.09 62.97 16.94
CA SER F 209 -5.36 63.49 17.45
C SER F 209 -6.22 62.36 18.00
N LYS F 210 -6.28 61.23 17.30
CA LYS F 210 -7.14 60.11 17.70
C LYS F 210 -6.42 59.20 18.69
N LYS F 211 -6.27 59.72 19.91
CA LYS F 211 -5.64 58.94 20.98
C LYS F 211 -6.48 57.71 21.31
N LEU F 212 -7.79 57.90 21.47
CA LEU F 212 -8.66 56.77 21.81
C LEU F 212 -8.61 55.68 20.75
N LEU F 213 -8.46 56.06 19.48
CA LEU F 213 -8.38 55.06 18.43
C LEU F 213 -7.14 54.19 18.60
N GLN F 214 -5.98 54.81 18.83
CA GLN F 214 -4.77 54.02 19.05
C GLN F 214 -4.87 53.18 20.31
N GLU F 215 -5.51 53.72 21.36
CA GLU F 215 -5.69 52.95 22.59
C GLU F 215 -6.52 51.70 22.33
N ILE F 216 -7.64 51.86 21.62
CA ILE F 216 -8.49 50.72 21.32
C ILE F 216 -7.76 49.72 20.44
N HIS F 217 -7.00 50.21 19.46
CA HIS F 217 -6.23 49.32 18.60
C HIS F 217 -5.24 48.49 19.40
N SER F 218 -4.49 49.14 20.29
CA SER F 218 -3.50 48.42 21.09
C SER F 218 -4.19 47.43 22.03
N LEU F 219 -5.31 47.82 22.64
CA LEU F 219 -6.02 46.92 23.53
C LEU F 219 -6.51 45.69 22.79
N LEU F 220 -7.10 45.87 21.61
CA LEU F 220 -7.58 44.73 20.83
C LEU F 220 -6.43 43.84 20.39
N CYS F 221 -5.32 44.46 19.94
CA CYS F 221 -4.16 43.67 19.54
C CYS F 221 -3.67 42.80 20.70
N PHE F 222 -3.51 43.42 21.88
CA PHE F 222 -3.09 42.66 23.05
C PHE F 222 -4.06 41.53 23.36
N LEU F 223 -5.35 41.85 23.44
CA LEU F 223 -6.34 40.84 23.81
C LEU F 223 -6.39 39.69 22.81
N VAL F 224 -6.10 39.96 21.54
CA VAL F 224 -6.28 38.96 20.50
C VAL F 224 -5.01 38.15 20.29
N PHE F 225 -3.85 38.74 20.58
CA PHE F 225 -2.58 38.10 20.27
C PHE F 225 -1.82 37.61 21.49
N TYR F 226 -2.25 37.94 22.71
CA TYR F 226 -1.53 37.50 23.90
C TYR F 226 -2.44 36.78 24.89
N ILE F 227 -3.68 37.23 25.02
CA ILE F 227 -4.58 36.69 26.04
C ILE F 227 -5.17 35.36 25.58
N ILE F 228 -5.95 35.40 24.50
CA ILE F 228 -6.62 34.17 24.04
C ILE F 228 -5.62 33.15 23.51
N PRO F 229 -4.63 33.53 22.70
CA PRO F 229 -3.64 32.51 22.27
C PRO F 229 -2.90 31.89 23.44
N LEU F 230 -2.44 32.71 24.39
CA LEU F 230 -1.76 32.16 25.56
C LEU F 230 -2.67 31.22 26.32
N SER F 231 -3.93 31.60 26.54
CA SER F 231 -4.84 30.77 27.31
C SER F 231 -5.08 29.43 26.62
N ILE F 232 -5.38 29.46 25.32
CA ILE F 232 -5.69 28.22 24.61
C ILE F 232 -4.45 27.33 24.55
N ILE F 233 -3.28 27.91 24.25
CA ILE F 233 -2.06 27.12 24.21
C ILE F 233 -1.78 26.50 25.57
N SER F 234 -1.96 27.29 26.63
CA SER F 234 -1.66 26.79 27.98
C SER F 234 -2.58 25.63 28.34
N VAL F 235 -3.88 25.77 28.07
CA VAL F 235 -4.81 24.69 28.43
C VAL F 235 -4.53 23.44 27.60
N TYR F 236 -4.31 23.60 26.29
CA TYR F 236 -4.04 22.44 25.45
C TYR F 236 -2.76 21.74 25.91
N TYR F 237 -1.70 22.49 26.17
CA TYR F 237 -0.44 21.88 26.56
C TYR F 237 -0.51 21.29 27.96
N SER F 238 -1.30 21.87 28.85
CA SER F 238 -1.49 21.28 30.17
C SER F 238 -2.22 19.94 30.05
N LEU F 239 -3.25 19.87 29.21
CA LEU F 239 -3.93 18.60 28.99
C LEU F 239 -2.98 17.58 28.37
N ILE F 240 -2.14 18.01 27.43
CA ILE F 240 -1.18 17.10 26.81
C ILE F 240 -0.20 16.58 27.84
N ALA F 241 0.30 17.45 28.71
CA ALA F 241 1.23 17.04 29.74
C ALA F 241 0.58 16.07 30.71
N ARG F 242 -0.66 16.32 31.09
CA ARG F 242 -1.36 15.42 32.00
C ARG F 242 -1.54 14.04 31.36
N THR F 243 -1.94 14.01 30.08
CA THR F 243 -2.09 12.74 29.39
C THR F 243 -0.76 12.01 29.30
N LEU F 244 0.32 12.73 29.01
CA LEU F 244 1.63 12.10 28.94
C LEU F 244 2.07 11.54 30.29
N TYR F 245 1.77 12.26 31.38
CA TYR F 245 2.12 11.75 32.70
C TYR F 245 1.31 10.52 33.06
N LYS F 246 0.02 10.51 32.69
CA LYS F 246 -0.79 9.32 32.92
C LYS F 246 -0.30 8.15 32.07
N SER F 247 0.23 8.44 30.88
CA SER F 247 0.76 7.38 30.03
C SER F 247 1.94 6.67 30.69
N THR F 248 2.75 7.41 31.45
CA THR F 248 3.88 6.79 32.13
C THR F 248 3.44 5.72 33.12
N LEU F 249 2.25 5.87 33.73
CA LEU F 249 1.70 4.84 34.60
C LEU F 249 0.88 3.82 33.84
N ASN F 250 0.35 4.17 32.67
CA ASN F 250 -0.40 3.21 31.86
C ASN F 250 0.53 2.23 31.18
N ILE F 251 1.66 2.72 30.67
CA ILE F 251 2.62 1.84 29.99
C ILE F 251 3.28 0.92 31.02
N PRO F 252 3.59 -0.33 30.68
CA PRO F 252 4.28 -1.21 31.64
C PRO F 252 5.58 -0.60 32.16
N THR F 253 5.72 -0.53 33.48
CA THR F 253 6.90 0.08 34.08
C THR F 253 7.95 -0.96 34.44
N GLU F 254 7.53 -2.17 34.80
CA GLU F 254 8.47 -3.19 35.24
C GLU F 254 9.33 -3.73 34.10
N GLU F 255 8.99 -3.42 32.85
CA GLU F 255 9.76 -3.90 31.72
C GLU F 255 11.20 -3.40 31.82
N GLN F 256 12.16 -4.33 31.78
CA GLN F 256 13.56 -4.00 32.06
C GLN F 256 14.16 -3.11 30.98
N SER F 257 14.41 -1.85 31.32
CA SER F 257 15.16 -0.92 30.47
C SER F 257 14.62 -0.89 29.04
N HIS F 258 13.34 -1.16 28.86
CA HIS F 258 12.73 -1.12 27.54
C HIS F 258 11.63 -0.07 27.49
N ALA F 259 10.70 -0.13 28.45
CA ALA F 259 9.61 0.84 28.49
C ALA F 259 9.96 2.07 29.32
N ARG F 260 10.85 1.93 30.31
CA ARG F 260 11.21 3.08 31.14
C ARG F 260 11.84 4.19 30.31
N LYS F 261 12.55 3.84 29.24
CA LYS F 261 13.13 4.86 28.37
C LYS F 261 12.04 5.70 27.72
N GLN F 262 10.95 5.07 27.28
CA GLN F 262 9.83 5.83 26.72
C GLN F 262 9.16 6.67 27.79
N ILE F 263 9.08 6.18 29.03
CA ILE F 263 8.54 6.98 30.13
C ILE F 263 9.37 8.24 30.31
N GLU F 264 10.70 8.08 30.34
CA GLU F 264 11.58 9.23 30.51
C GLU F 264 11.43 10.20 29.35
N SER F 265 11.32 9.68 28.12
CA SER F 265 11.16 10.55 26.96
C SER F 265 9.84 11.32 27.02
N ARG F 266 8.76 10.66 27.45
CA ARG F 266 7.48 11.34 27.55
C ARG F 266 7.50 12.41 28.63
N LYS F 267 8.10 12.12 29.78
CA LYS F 267 8.24 13.14 30.81
C LYS F 267 9.09 14.31 30.30
N ARG F 268 10.14 14.01 29.54
CA ARG F 268 11.02 15.06 29.02
C ARG F 268 10.26 15.96 28.05
N ILE F 269 9.49 15.37 27.14
CA ILE F 269 8.75 16.19 26.19
C ILE F 269 7.66 16.98 26.88
N ALA F 270 7.05 16.42 27.93
CA ALA F 270 6.07 17.19 28.70
C ALA F 270 6.72 18.40 29.37
N ARG F 271 7.89 18.18 29.98
CA ARG F 271 8.61 19.29 30.61
C ARG F 271 9.01 20.32 29.55
N THR F 272 9.40 19.86 28.37
CA THR F 272 9.76 20.79 27.30
C THR F 272 8.56 21.61 26.85
N VAL F 273 7.39 20.98 26.79
CA VAL F 273 6.17 21.71 26.43
C VAL F 273 5.83 22.76 27.48
N LEU F 274 5.98 22.41 28.75
CA LEU F 274 5.75 23.39 29.81
C LEU F 274 6.75 24.54 29.72
N VAL F 275 8.02 24.22 29.41
CA VAL F 275 9.03 25.25 29.28
C VAL F 275 8.71 26.16 28.09
N LEU F 276 8.16 25.58 27.02
CA LEU F 276 7.74 26.39 25.88
C LEU F 276 6.57 27.30 26.24
N VAL F 277 5.61 26.81 27.03
CA VAL F 277 4.54 27.66 27.51
C VAL F 277 5.11 28.84 28.31
N ALA F 278 6.07 28.55 29.19
CA ALA F 278 6.66 29.60 30.01
C ALA F 278 7.43 30.61 29.16
N LEU F 279 8.19 30.12 28.17
CA LEU F 279 8.98 30.98 27.30
C LEU F 279 8.12 31.79 26.34
N PHE F 280 6.85 31.44 26.17
CA PHE F 280 5.92 32.28 25.44
C PHE F 280 5.29 33.32 26.36
N ALA F 281 4.79 32.87 27.52
CA ALA F 281 4.16 33.79 28.47
C ALA F 281 5.12 34.90 28.88
N LEU F 282 6.32 34.53 29.32
CA LEU F 282 7.26 35.55 29.82
C LEU F 282 7.82 36.40 28.69
N CYS F 283 7.94 35.85 27.48
CA CYS F 283 8.55 36.60 26.39
C CYS F 283 7.59 37.63 25.81
N TRP F 284 6.34 37.24 25.54
CA TRP F 284 5.41 38.16 24.93
C TRP F 284 4.74 39.09 25.93
N LEU F 285 5.08 38.98 27.22
CA LEU F 285 4.50 39.87 28.22
C LEU F 285 5.13 41.26 28.22
N PRO F 286 6.45 41.40 28.35
CA PRO F 286 7.02 42.75 28.48
C PRO F 286 6.84 43.61 27.25
N ASN F 287 6.89 43.15 26.01
CA ASN F 287 6.67 44.09 24.90
C ASN F 287 5.25 44.46 24.77
N HIS F 288 4.33 43.55 25.05
CA HIS F 288 2.96 44.03 25.04
C HIS F 288 2.71 45.05 26.15
N LEU F 289 3.33 44.85 27.32
CA LEU F 289 3.20 45.83 28.38
C LEU F 289 3.77 47.18 27.95
N LEU F 290 4.94 47.18 27.32
CA LEU F 290 5.52 48.43 26.82
C LEU F 290 4.62 49.07 25.78
N TYR F 291 4.03 48.39 24.84
CA TYR F 291 3.15 49.07 23.91
C TYR F 291 1.94 49.56 24.56
N LEU F 292 1.36 48.77 25.44
CA LEU F 292 0.18 49.32 26.10
C LEU F 292 0.52 50.61 26.86
N TYR F 293 1.66 50.63 27.53
CA TYR F 293 2.07 51.84 28.26
C TYR F 293 2.24 53.01 27.29
N HIS F 294 2.95 52.78 26.18
CA HIS F 294 3.15 53.85 25.21
C HIS F 294 1.83 54.31 24.61
N SER F 295 0.92 53.37 24.33
CA SER F 295 -0.36 53.73 23.73
C SER F 295 -1.20 54.56 24.70
N PHE F 296 -1.30 54.12 25.95
CA PHE F 296 -2.14 54.82 26.92
C PHE F 296 -1.53 56.15 27.35
N THR F 297 -0.20 56.26 27.36
CA THR F 297 0.43 57.53 27.73
C THR F 297 0.22 58.59 26.66
N SER F 298 0.27 58.21 25.38
CA SER F 298 0.00 59.12 24.27
C SER F 298 0.90 60.35 24.34
N GLN F 299 2.13 60.16 24.80
CA GLN F 299 3.10 61.25 24.84
C GLN F 299 3.58 61.55 23.42
N THR F 300 3.23 62.72 22.91
CA THR F 300 3.58 63.12 21.56
C THR F 300 4.44 64.37 21.59
N TYR F 301 5.28 64.52 20.57
CA TYR F 301 6.21 65.64 20.44
C TYR F 301 7.26 65.64 21.55
N VAL F 302 7.32 64.58 22.35
CA VAL F 302 8.29 64.46 23.44
C VAL F 302 8.62 62.99 23.62
N ASP F 303 9.86 62.71 23.95
CA ASP F 303 10.34 61.36 24.18
C ASP F 303 11.06 61.27 25.52
N PRO F 304 10.81 60.23 26.30
CA PRO F 304 11.48 60.11 27.60
C PRO F 304 12.92 59.62 27.45
N SER F 305 13.71 59.91 28.48
CA SER F 305 15.11 59.49 28.50
C SER F 305 15.49 59.22 29.96
N ALA F 306 15.62 57.95 30.31
CA ALA F 306 15.92 57.55 31.68
C ALA F 306 16.35 56.08 31.65
N MET F 307 16.48 55.49 32.85
CA MET F 307 16.84 54.08 32.94
C MET F 307 15.87 53.20 32.18
N HIS F 308 14.65 53.67 31.90
CA HIS F 308 13.68 52.88 31.17
C HIS F 308 14.20 52.45 29.80
N PHE F 309 15.24 53.12 29.29
CA PHE F 309 15.79 52.75 27.99
C PHE F 309 16.17 51.27 27.94
N ILE F 310 16.65 50.73 29.06
CA ILE F 310 17.03 49.31 29.09
C ILE F 310 15.79 48.44 29.00
N PHE F 311 14.67 48.91 29.56
CA PHE F 311 13.45 48.11 29.59
C PHE F 311 12.93 47.84 28.18
N THR F 312 12.93 48.86 27.31
CA THR F 312 12.39 48.68 25.97
C THR F 312 13.27 47.72 25.16
N ILE F 313 14.58 47.84 25.28
CA ILE F 313 15.46 46.93 24.54
C ILE F 313 15.36 45.52 25.09
N PHE F 314 15.19 45.37 26.40
CA PHE F 314 15.00 44.04 26.97
C PHE F 314 13.70 43.41 26.48
N SER F 315 12.63 44.22 26.43
CA SER F 315 11.35 43.72 25.91
C SER F 315 11.48 43.32 24.44
N ARG F 316 12.21 44.12 23.65
CA ARG F 316 12.45 43.76 22.26
C ARG F 316 13.18 42.43 22.16
N VAL F 317 14.28 42.29 22.91
CA VAL F 317 15.06 41.05 22.87
C VAL F 317 14.16 39.86 23.21
N LEU F 318 13.36 39.99 24.27
CA LEU F 318 12.49 38.88 24.67
C LEU F 318 11.40 38.64 23.63
N ALA F 319 11.01 39.67 22.89
CA ALA F 319 9.91 39.53 21.94
C ALA F 319 10.23 38.51 20.86
N PHE F 320 11.24 38.78 20.04
CA PHE F 320 11.59 37.89 18.94
C PHE F 320 12.43 36.71 19.38
N SER F 321 12.84 36.63 20.65
CA SER F 321 13.55 35.45 21.13
C SER F 321 12.68 34.20 21.03
N ASN F 322 11.37 34.36 21.22
CA ASN F 322 10.47 33.21 21.10
C ASN F 322 10.54 32.62 19.69
N SER F 323 10.56 33.49 18.67
CA SER F 323 10.71 33.02 17.30
C SER F 323 12.01 32.24 17.11
N CYS F 324 13.02 32.52 17.94
CA CYS F 324 14.28 31.79 17.85
C CYS F 324 14.22 30.47 18.61
N VAL F 325 13.30 30.35 19.57
CA VAL F 325 13.21 29.14 20.38
C VAL F 325 12.57 28.01 19.59
N ASN F 326 11.48 28.30 18.89
CA ASN F 326 10.69 27.24 18.25
C ASN F 326 11.53 26.19 17.55
N PRO F 327 12.56 26.52 16.77
CA PRO F 327 13.34 25.45 16.12
C PRO F 327 14.12 24.59 17.12
N PHE F 328 14.85 25.22 18.04
CA PHE F 328 15.63 24.45 19.00
C PHE F 328 14.74 23.64 19.93
N ALA F 329 13.51 24.09 20.14
CA ALA F 329 12.57 23.30 20.94
C ALA F 329 12.32 21.95 20.30
N LEU F 330 11.91 21.94 19.02
CA LEU F 330 11.71 20.68 18.32
C LEU F 330 13.01 19.91 18.18
N TYR F 331 14.14 20.62 18.04
CA TYR F 331 15.43 19.95 18.05
C TYR F 331 15.63 19.15 19.34
N TRP F 332 15.30 19.75 20.48
CA TRP F 332 15.45 19.06 21.76
C TRP F 332 14.43 17.94 21.91
N LEU F 333 13.26 18.10 21.29
CA LEU F 333 12.19 17.11 21.47
C LEU F 333 12.56 15.78 20.83
N SER F 334 12.78 15.78 19.51
CA SER F 334 12.99 14.54 18.75
C SER F 334 14.47 14.34 18.47
N LYS F 335 14.90 13.08 18.47
CA LYS F 335 16.30 12.76 18.20
C LYS F 335 16.58 12.68 16.71
N SER F 336 15.72 11.99 15.95
CA SER F 336 15.91 11.95 14.49
C SER F 336 15.85 13.34 13.90
N PHE F 337 15.12 14.25 14.53
CA PHE F 337 15.13 15.64 14.10
C PHE F 337 16.53 16.23 14.22
N GLN F 338 17.17 16.03 15.36
CA GLN F 338 18.56 16.46 15.52
C GLN F 338 19.45 15.81 14.47
N LYS F 339 19.22 14.53 14.21
CA LYS F 339 20.02 13.82 13.21
C LYS F 339 19.95 14.52 11.87
N HIS F 340 18.75 14.69 11.32
CA HIS F 340 18.65 15.28 9.99
C HIS F 340 19.00 16.77 10.01
N PHE F 341 18.88 17.42 11.16
CA PHE F 341 19.27 18.82 11.26
C PHE F 341 20.78 18.98 11.14
N LYS F 342 21.53 18.19 11.89
CA LYS F 342 22.98 18.20 11.76
C LYS F 342 23.42 17.68 10.40
N ALA F 343 22.63 16.78 9.79
CA ALA F 343 22.97 16.28 8.47
C ALA F 343 22.83 17.37 7.41
N GLN F 344 21.75 18.14 7.46
CA GLN F 344 21.55 19.22 6.49
C GLN F 344 22.40 20.43 6.78
N LEU F 345 22.68 20.70 8.06
CA LEU F 345 23.51 21.84 8.42
C LEU F 345 24.97 21.56 8.07
C12 A1D54 G . 6.14 49.17 13.83
C18 A1D54 G . 5.08 44.45 20.06
C17 A1D54 G . 3.94 44.20 19.26
C19 A1D54 G . 6.33 44.04 19.64
C21 A1D54 G . 5.40 43.18 17.62
C24 A1D54 G . 8.61 43.98 17.74
C26 A1D54 G . 9.64 42.01 17.35
C28 A1D54 G . 1.73 43.46 20.33
O01 A1D54 G . 2.62 45.48 20.84
C02 A1D54 G . 2.52 44.66 19.72
C03 A1D54 G . 1.92 45.55 18.59
C04 A1D54 G . 2.85 46.76 18.14
N05 A1D54 G . 3.61 47.57 18.92
C06 A1D54 G . 4.20 48.54 18.21
C07 A1D54 G . 3.85 48.29 16.90
C08 A1D54 G . 4.37 49.10 15.68
C09 A1D54 G . 5.62 48.43 15.10
C10 A1D54 G . 5.66 46.89 14.92
C11 A1D54 G . 6.60 47.55 15.93
N16 A1D54 G . 3.02 47.24 16.88
C20 A1D54 G . 6.50 43.40 18.43
C22 A1D54 G . 4.13 43.56 18.03
N23 A1D54 G . 7.80 43.02 17.99
C25 A1D54 G . 9.75 43.42 17.35
N27 A1D54 G . 8.38 41.78 17.76
F13 A1D54 G . 7.38 48.75 13.44
F14 A1D54 G . 5.28 48.90 12.81
F15 A1D54 G . 6.19 50.52 14.02
F29 A1D54 G . 1.67 42.43 19.44
F30 A1D54 G . 0.52 43.91 20.79
F31 A1D54 G . 2.68 43.41 21.29
H181 A1D54 G . 5.03 44.94 21.02
H191 A1D54 G . 7.19 44.24 20.28
H211 A1D54 G . 5.53 42.67 16.67
H241 A1D54 G . 8.41 45.05 17.84
H261 A1D54 G . 10.39 41.27 17.09
H011 A1D54 G . 2.22 45.05 21.59
H032 A1D54 G . 1.66 44.95 17.71
H031 A1D54 G . 0.98 45.95 18.96
H061 A1D54 G . 4.90 49.30 18.56
H081 A1D54 G . 4.60 50.10 16.02
H082 A1D54 G . 3.59 49.14 14.92
H101 A1D54 G . 6.10 46.54 13.99
H102 A1D54 G . 4.89 46.26 15.36
H111 A1D54 G . 6.38 47.32 16.96
H112 A1D54 G . 7.65 47.56 15.62
H161 A1D54 G . 2.61 46.85 16.06
H221 A1D54 G . 3.30 43.34 17.36
H251 A1D54 G . 10.54 44.09 17.13
#